data_5UJA
#
_entry.id   5UJA
#
_cell.length_a   1
_cell.length_b   1
_cell.length_c   1
_cell.angle_alpha   90.00
_cell.angle_beta   90.00
_cell.angle_gamma   90.00
#
_symmetry.space_group_name_H-M   'P 1'
#
loop_
_entity.id
_entity.type
_entity.pdbx_description
1 polymer 'bovine multidrug resistance protein 1 (MRP1),Multidrug resistance-associated protein 1'
2 non-polymer '(5~{S},6~{R},7~{E},9~{E},11~{Z},14~{Z})-6-[(2~{R})-2-[[(4~{S})-4-azanyl-5-oxidanyl-5-oxidanylidene-pentanoyl]amino]-3-( 2-hydroxy-2-oxoethylamino)-3-oxidanylidene-propyl]sulfanyl-5-oxidanyl-icosa-7,9,11,14-tetraenoic acid'
#
_entity_poly.entity_id   1
_entity_poly.type   'polypeptide(L)'
_entity_poly.pdbx_seq_one_letter_code
;(UNK)(UNK)(UNK)(UNK)(UNK)(UNK)(UNK)(UNK)(UNK)(UNK)(UNK)(UNK)(UNK)(UNK)(UNK)(UNK)
(UNK)(UNK)(UNK)(UNK)(UNK)(UNK)(UNK)(UNK)(UNK)(UNK)(UNK)(UNK)(UNK)(UNK)(UNK)(UNK)
(UNK)(UNK)(UNK)(UNK)(UNK)(UNK)(UNK)(UNK)(UNK)(UNK)(UNK)(UNK)(UNK)(UNK)(UNK)(UNK)
(UNK)(UNK)(UNK)(UNK)(UNK)(UNK)(UNK)(UNK)(UNK)(UNK)(UNK)(UNK)(UNK)(UNK)(UNK)(UNK)
(UNK)(UNK)(UNK)(UNK)(UNK)(UNK)(UNK)(UNK)(UNK)(UNK)(UNK)(UNK)(UNK)(UNK)(UNK)(UNK)
(UNK)(UNK)(UNK)(UNK)(UNK)(UNK)(UNK)(UNK)(UNK)(UNK)(UNK)(UNK)(UNK)(UNK)(UNK)(UNK)
(UNK)(UNK)(UNK)(UNK)(UNK)(UNK)(UNK)(UNK)(UNK)(UNK)(UNK)(UNK)(UNK)(UNK)(UNK)(UNK)
(UNK)(UNK)(UNK)(UNK)(UNK)(UNK)(UNK)(UNK)(UNK)(UNK)(UNK)(UNK)(UNK)PNPCPESSASFLSRI
TFWWITGMMVQGYRQPLESTDLWSLNKEDTSEQVVPVLVKNWKKECAKSRKQPVKIVYSSKDPAKPKGSSKVDVNEEAEA
LIVKCPQKERDPSLFKVLYKTFGPYFLMSFLFKAVHDLMMFAGPEILKLLINFVNDKKAPEWQGYFYTALLFISACLQTL
VLHQYFHICFVSGMRIKTAVIGAVYRKALVITNAARKSSTVGEIVNLMSVDAQRFMDLATYINMIWSAPLQVILALYLLW
LNLGPSVLAGVAVMVLMVPLNAVMAMKTKTYQVAHMKSKDNRIKLMNEILNGIKVLKLYAWELAFKDKVLAIRQEELKVL
KKSAYLAAVGTFTWVCTPFLVALSTFAVYVTVDENNILDAQKAFVSLALFNILRFPLNILPMVISSIVQASVSLKRLRVF
LSHEDLDPDSIQRRPIKDAGATNSITVKNATFTWARNDPPTLHGITFSVPEGSLVAVVGQVGCGKSSLLSALLAEMDKVE
GHVTVKGSVAYVPQQAWIQNISLRENILFGRQLQERYYKAVVEACALLPDLEILPSGDRTEIGEKGVNLSGGQKQRVSLA
RAVYCDSDVYLLDDPLSAVDAHVGKHIFENVIGPKGLLKNKTRLLVTHAISYLPQMDVIIVMSGGKISEMGSYQELLARD
GAFAEFLRTYASAEQEQGQPEDGLAGVGGPGKEVKQMENGMLVTDTAGKQMQRQLSSSSSYSRDVSQHHTSTAELRKPGP
TEETWKLVEADKAQTGQVKLSVYWDYMKAIGLFISFLSIFLFLCNHVASLVSNYWLSLWTDDPIVNGTQEHTQVRLSVYG
ALGISQGITVFGYSMAVSIGGIFASRRLHLDLLHNVLRSPISFFERTPSGNLVNRFSKELDTVDSMIPQVIKMFMGSLFN
VIGACIIILLATPMAAVIIPPLGLIYFFVQRFYVASSRQLKRLESVSRSPVYSHFNETLLGVSVIRAFEEQERFIRQSDL
KVDENQKAYYPSIVANRWLAVRLECVGNCIVLFASLFAVISRHSLSAGLVGLSVSYSLQVTTYLNWLVRMSSEMETNIVA
VERLKEYSETEKEAPWQIQDMAPPKDWPQVGRVEFRDYGLRYREDLDLVLKHINVTIDGGEKVGIVGRTGAGKSSLTLGL
FRIKESAEGEIIIDDINIAKIGLHDLRFKITIIPQDPVLFSGSLRMNLDPFSQYSDEEVWTSLELAHLKGFVSALPDKLN
HECAEGGENLSVGQRQLVCLARALLRKTKILVLDEATAAVDLETDDLIQSTIRTQFDDCTVLTIAHRLNTIMDYTRVIVL
DKGEIQEWGSPSDLLQQRGLFYSMAKDSGLVSNSLEVLFQ
;
_entity_poly.pdbx_strand_id   A
#
loop_
_chem_comp.id
_chem_comp.type
_chem_comp.name
_chem_comp.formula
LTX non-polymer '(5~{S},6~{R},7~{E},9~{E},11~{Z},14~{Z})-6-[(2~{R})-2-[[(4~{S})-4-azanyl-5-oxidanyl-5-oxidanylidene-pentanoyl]amino]-3-( 2-hydroxy-2-oxoethylamino)-3-oxidanylidene-propyl]sulfanyl-5-oxidanyl-icosa-7,9,11,14-tetraenoic acid' 'C30 H47 N3 O9 S'
#
# COMPACT_ATOMS: atom_id res chain seq x y z
N UNK A 1 -9.79 -60.66 -24.57
CA UNK A 1 -9.64 -60.50 -26.05
C UNK A 1 -10.32 -59.23 -26.57
N UNK A 2 -11.62 -59.11 -26.31
CA UNK A 2 -12.41 -57.94 -26.69
C UNK A 2 -12.03 -56.66 -25.92
N UNK A 3 -11.50 -56.83 -24.71
CA UNK A 3 -11.00 -55.72 -23.90
C UNK A 3 -9.85 -54.96 -24.56
N UNK A 4 -9.01 -55.68 -25.31
CA UNK A 4 -7.91 -55.06 -26.08
C UNK A 4 -8.44 -54.19 -27.23
N UNK A 5 -9.41 -54.72 -27.97
CA UNK A 5 -10.08 -53.97 -29.04
C UNK A 5 -10.90 -52.78 -28.49
N UNK A 6 -11.57 -53.00 -27.36
CA UNK A 6 -12.29 -51.93 -26.65
C UNK A 6 -11.34 -50.84 -26.14
N UNK A 7 -10.19 -51.25 -25.60
CA UNK A 7 -9.13 -50.32 -25.19
C UNK A 7 -8.51 -49.58 -26.38
N UNK A 8 -8.36 -50.28 -27.51
CA UNK A 8 -7.89 -49.69 -28.75
C UNK A 8 -8.90 -48.67 -29.31
N UNK A 9 -10.19 -49.02 -29.24
CA UNK A 9 -11.27 -48.10 -29.61
C UNK A 9 -11.33 -46.88 -28.67
N UNK A 10 -11.17 -47.12 -27.37
CA UNK A 10 -11.12 -46.05 -26.37
C UNK A 10 -9.89 -45.15 -26.51
N UNK A 11 -8.76 -45.73 -26.89
CA UNK A 11 -7.53 -44.98 -27.16
C UNK A 11 -7.65 -44.18 -28.45
N UNK A 12 -8.10 -44.83 -29.51
CA UNK A 12 -8.42 -44.18 -30.79
C UNK A 12 -9.47 -43.07 -30.64
N UNK A 13 -10.39 -43.25 -29.69
CA UNK A 13 -11.35 -42.21 -29.30
C UNK A 13 -10.77 -41.34 -28.17
N UNK A 14 -9.71 -40.60 -28.50
CA UNK A 14 -9.16 -39.55 -27.62
C UNK A 14 -9.42 -38.18 -28.24
N UNK A 15 -10.61 -38.00 -28.81
CA UNK A 15 -11.02 -36.80 -29.54
C UNK A 15 -10.07 -36.40 -30.67
N UNK A 16 -9.49 -37.40 -31.36
CA UNK A 16 -8.47 -37.15 -32.39
C UNK A 16 -8.97 -36.21 -33.50
N UNK A 17 -10.02 -36.64 -34.20
CA UNK A 17 -10.67 -35.82 -35.22
C UNK A 17 -11.45 -34.65 -34.60
N UNK A 18 -12.05 -34.88 -33.43
CA UNK A 18 -12.90 -33.90 -32.76
C UNK A 18 -12.13 -32.68 -32.26
N UNK A 19 -11.00 -32.92 -31.60
CA UNK A 19 -10.13 -31.84 -31.11
C UNK A 19 -9.41 -31.14 -32.27
N UNK A 20 -8.90 -31.92 -33.22
CA UNK A 20 -8.23 -31.38 -34.43
C UNK A 20 -9.04 -30.30 -35.13
N UNK A 21 -10.36 -30.48 -35.17
CA UNK A 21 -11.29 -29.44 -35.65
C UNK A 21 -11.42 -28.29 -34.64
N UNK A 22 -11.60 -28.62 -33.36
CA UNK A 22 -11.86 -27.63 -32.30
C UNK A 22 -10.73 -26.63 -32.06
N UNK A 23 -9.50 -27.13 -32.02
CA UNK A 23 -8.31 -26.31 -31.74
C UNK A 23 -7.94 -25.33 -32.86
N UNK A 24 -8.34 -25.63 -34.09
CA UNK A 24 -8.03 -24.78 -35.25
C UNK A 24 -8.81 -23.47 -35.21
N UNK A 25 12.01 -28.77 -38.63
CA UNK A 25 12.68 -29.53 -39.69
C UNK A 25 13.00 -30.97 -39.25
N UNK A 26 13.93 -31.12 -38.30
CA UNK A 26 14.28 -32.45 -37.76
C UNK A 26 13.15 -33.03 -36.88
N UNK A 27 12.51 -32.16 -36.09
CA UNK A 27 11.32 -32.52 -35.31
C UNK A 27 10.09 -32.79 -36.18
N UNK A 28 9.92 -32.01 -37.24
CA UNK A 28 8.86 -32.24 -38.24
C UNK A 28 9.08 -33.54 -39.02
N UNK A 29 10.33 -33.78 -39.41
CA UNK A 29 10.75 -35.04 -40.04
C UNK A 29 10.63 -36.24 -39.08
N UNK A 30 10.91 -36.02 -37.80
CA UNK A 30 10.69 -37.04 -36.75
C UNK A 30 9.20 -37.39 -36.58
N UNK A 31 8.33 -36.39 -36.70
CA UNK A 31 6.87 -36.59 -36.69
C UNK A 31 6.37 -37.26 -37.98
N UNK A 32 6.91 -36.81 -39.12
CA UNK A 32 6.64 -37.44 -40.42
C UNK A 32 7.13 -38.90 -40.47
N UNK A 33 8.21 -39.20 -39.72
CA UNK A 33 8.71 -40.57 -39.57
C UNK A 33 7.74 -41.45 -38.76
N UNK A 34 7.20 -40.87 -37.69
CA UNK A 34 6.14 -41.52 -36.90
C UNK A 34 4.84 -41.71 -37.70
N UNK A 35 4.46 -40.70 -38.48
CA UNK A 35 3.30 -40.79 -39.39
C UNK A 35 3.53 -41.80 -40.53
N UNK A 36 4.78 -41.89 -41.02
CA UNK A 36 5.18 -42.91 -41.99
C UNK A 36 5.17 -44.32 -41.38
N UNK A 37 5.67 -44.44 -40.15
CA UNK A 37 5.61 -45.70 -39.38
C UNK A 37 4.18 -46.13 -39.04
N UNK A 38 3.30 -45.16 -38.77
CA UNK A 38 1.88 -45.42 -38.51
C UNK A 38 1.10 -45.79 -39.79
N UNK A 39 1.48 -45.17 -40.92
CA UNK A 39 0.97 -45.56 -42.24
C UNK A 39 1.47 -46.94 -42.64
N UNK A 40 2.73 -47.23 -42.33
CA UNK A 40 3.34 -48.56 -42.51
C UNK A 40 2.71 -49.65 -41.62
N UNK A 41 2.41 -49.30 -40.37
CA UNK A 41 1.70 -50.20 -39.44
C UNK A 41 0.26 -50.49 -39.87
N UNK A 42 -0.43 -49.46 -40.39
CA UNK A 42 -1.80 -49.61 -40.91
C UNK A 42 -1.85 -50.32 -42.27
N UNK A 43 -0.88 -50.04 -43.13
CA UNK A 43 -0.69 -50.78 -44.39
C UNK A 43 -0.26 -52.24 -44.13
N UNK A 44 0.52 -52.46 -43.08
CA UNK A 44 0.84 -53.83 -42.60
C UNK A 44 -0.40 -54.56 -42.05
N UNK A 45 -1.29 -53.82 -41.39
CA UNK A 45 -2.57 -54.37 -40.92
C UNK A 45 -3.55 -54.63 -42.05
N UNK A 46 -3.59 -53.74 -43.05
CA UNK A 46 -4.37 -53.94 -44.28
C UNK A 46 -3.81 -55.10 -45.14
N UNK A 47 -2.48 -55.22 -45.20
CA UNK A 47 -1.80 -56.36 -45.83
C UNK A 47 -2.03 -57.69 -45.07
N UNK A 48 -1.98 -57.62 -43.73
CA UNK A 48 -2.34 -58.76 -42.86
C UNK A 48 -3.79 -59.20 -43.08
N UNK A 49 -4.70 -58.21 -43.16
CA UNK A 49 -6.08 -58.41 -43.60
C UNK A 49 -6.13 -58.77 -45.09
N UNK A 50 -11.58 -59.59 -37.91
CA UNK A 50 -12.11 -59.30 -39.25
C UNK A 50 -12.82 -57.92 -39.29
N UNK A 51 -13.97 -57.81 -38.61
CA UNK A 51 -14.61 -56.50 -38.38
C UNK A 51 -13.82 -55.69 -37.35
N UNK A 52 -13.31 -56.38 -36.33
CA UNK A 52 -12.32 -55.83 -35.39
C UNK A 52 -11.01 -55.43 -36.10
N UNK A 53 -10.54 -56.27 -37.01
CA UNK A 53 -9.37 -55.98 -37.85
C UNK A 53 -9.58 -54.78 -38.80
N UNK A 54 -10.76 -54.71 -39.41
CA UNK A 54 -11.15 -53.59 -40.28
C UNK A 54 -11.39 -52.29 -39.48
N UNK A 55 -11.98 -52.42 -38.30
CA UNK A 55 -12.16 -51.28 -37.37
C UNK A 55 -10.84 -50.80 -36.76
N UNK A 56 -9.91 -51.72 -36.52
CA UNK A 56 -8.56 -51.39 -36.04
C UNK A 56 -7.75 -50.65 -37.10
N UNK A 57 -7.78 -51.17 -38.33
CA UNK A 57 -7.13 -50.53 -39.48
C UNK A 57 -7.72 -49.14 -39.81
N UNK A 58 -9.03 -48.99 -39.60
CA UNK A 58 -9.72 -47.70 -39.81
C UNK A 58 -9.34 -46.67 -38.73
N UNK A 59 -9.28 -47.11 -37.48
CA UNK A 59 -8.81 -46.30 -36.36
C UNK A 59 -7.34 -45.91 -36.53
N UNK A 60 -6.52 -46.90 -36.91
CA UNK A 60 -5.09 -46.71 -37.19
C UNK A 60 -4.85 -45.70 -38.33
N UNK A 61 -5.62 -45.83 -39.41
CA UNK A 61 -5.56 -44.91 -40.56
C UNK A 61 -5.92 -43.47 -40.20
N UNK A 62 -7.00 -43.29 -39.44
CA UNK A 62 -7.45 -41.97 -38.96
C UNK A 62 -6.48 -41.36 -37.93
N UNK A 63 -6.05 -42.18 -36.96
CA UNK A 63 -5.06 -41.76 -35.96
C UNK A 63 -3.70 -41.40 -36.59
N UNK A 64 -3.23 -42.22 -37.54
CA UNK A 64 -1.96 -41.97 -38.25
C UNK A 64 -1.96 -40.65 -39.04
N UNK A 65 -3.03 -40.43 -39.80
CA UNK A 65 -3.23 -39.19 -40.57
C UNK A 65 -3.43 -37.95 -39.68
N UNK A 66 -4.15 -38.13 -38.56
CA UNK A 66 -4.27 -37.08 -37.54
C UNK A 66 -2.92 -36.65 -36.95
N UNK A 67 -1.99 -37.60 -36.83
CA UNK A 67 -0.61 -37.32 -36.39
C UNK A 67 0.15 -36.46 -37.41
N UNK A 68 -0.03 -36.77 -38.69
CA UNK A 68 0.54 -35.97 -39.79
C UNK A 68 -0.06 -34.56 -39.85
N UNK A 69 -1.39 -34.47 -39.66
CA UNK A 69 -2.08 -33.17 -39.63
C UNK A 69 -1.71 -32.32 -38.41
N UNK A 70 -1.66 -32.95 -37.24
CA UNK A 70 -1.24 -32.29 -35.99
C UNK A 70 0.20 -31.75 -36.07
N UNK A 71 1.12 -32.59 -36.57
CA UNK A 71 2.51 -32.18 -36.80
C UNK A 71 2.66 -31.04 -37.83
N UNK A 72 1.89 -31.13 -38.91
CA UNK A 72 1.89 -30.11 -39.97
C UNK A 72 1.25 -28.78 -39.53
N UNK A 73 0.19 -28.86 -38.72
CA UNK A 73 -0.45 -27.66 -38.15
C UNK A 73 0.44 -26.90 -37.16
N UNK A 74 1.28 -27.63 -36.42
CA UNK A 74 2.32 -27.03 -35.57
C UNK A 74 3.44 -26.37 -36.38
N UNK A 75 3.75 -26.94 -37.55
CA UNK A 75 4.66 -26.33 -38.53
C UNK A 75 4.05 -25.09 -39.18
N UNK A 76 2.73 -25.13 -39.43
CA UNK A 76 1.98 -23.94 -39.88
C UNK A 76 2.00 -22.78 -38.87
N UNK A 77 2.16 -23.09 -37.58
CA UNK A 77 2.53 -22.10 -36.56
C UNK A 77 4.01 -21.68 -36.73
N UNK A 78 1.34 -29.87 -26.84
CA UNK A 78 0.59 -30.04 -25.60
C UNK A 78 -0.44 -31.18 -25.69
N UNK A 79 -1.40 -31.03 -26.60
CA UNK A 79 -2.46 -32.03 -26.78
C UNK A 79 -1.94 -33.34 -27.38
N UNK A 80 -0.96 -33.24 -28.28
CA UNK A 80 -0.26 -34.40 -28.83
C UNK A 80 0.44 -35.25 -27.76
N UNK A 81 0.97 -34.57 -26.73
CA UNK A 81 1.57 -35.26 -25.57
C UNK A 81 0.51 -36.02 -24.77
N UNK A 82 -0.66 -35.42 -24.60
CA UNK A 82 -1.81 -36.08 -23.96
C UNK A 82 -2.34 -37.26 -24.78
N UNK A 83 -2.42 -37.07 -26.09
CA UNK A 83 -2.82 -38.15 -27.01
C UNK A 83 -1.82 -39.31 -26.99
N UNK A 84 -0.54 -38.98 -27.12
CA UNK A 84 0.55 -39.96 -27.04
C UNK A 84 0.63 -40.65 -25.67
N UNK A 85 0.41 -39.89 -24.60
CA UNK A 85 0.39 -40.45 -23.23
C UNK A 85 -0.83 -41.35 -23.00
N UNK A 86 -2.00 -40.92 -23.47
CA UNK A 86 -3.23 -41.74 -23.42
C UNK A 86 -3.10 -43.01 -24.29
N UNK A 87 -2.44 -42.88 -25.44
CA UNK A 87 -2.16 -44.02 -26.32
C UNK A 87 -1.15 -45.00 -25.70
N UNK A 88 -0.05 -44.45 -25.20
CA UNK A 88 0.97 -45.25 -24.49
C UNK A 88 0.46 -45.87 -23.18
N UNK A 89 -0.49 -45.21 -22.53
CA UNK A 89 -1.19 -45.77 -21.36
C UNK A 89 -2.10 -46.94 -21.78
N UNK A 90 -2.77 -46.79 -22.93
CA UNK A 90 -3.59 -47.87 -23.51
C UNK A 90 -2.75 -49.06 -24.02
N UNK A 91 -1.48 -48.83 -24.31
CA UNK A 91 -0.54 -49.88 -24.75
C UNK A 91 -0.10 -50.87 -23.64
N UNK A 92 -0.59 -50.70 -22.41
CA UNK A 92 -0.37 -51.67 -21.32
C UNK A 92 -1.00 -53.06 -21.55
N UNK A 93 -1.83 -53.20 -22.58
CA UNK A 93 -2.30 -54.51 -23.06
C UNK A 93 -1.18 -55.49 -23.46
N UNK A 94 0.00 -54.95 -23.82
CA UNK A 94 1.21 -55.74 -24.11
C UNK A 94 1.42 -56.96 -23.19
N UNK A 95 1.27 -56.76 -21.89
CA UNK A 95 1.38 -57.83 -20.89
C UNK A 95 0.49 -59.06 -21.18
N UNK A 96 -0.68 -58.83 -21.77
CA UNK A 96 -1.57 -59.91 -22.21
C UNK A 96 -0.96 -60.78 -23.32
N UNK A 97 -0.07 -60.20 -24.15
CA UNK A 97 0.71 -60.98 -25.11
C UNK A 97 1.74 -61.83 -24.38
N UNK A 98 2.55 -61.20 -23.54
CA UNK A 98 3.55 -61.88 -22.69
C UNK A 98 2.93 -63.00 -21.84
N UNK A 99 1.69 -62.81 -21.39
CA UNK A 99 0.92 -63.85 -20.70
C UNK A 99 0.70 -65.13 -21.53
N UNK A 100 0.67 -65.01 -22.85
CA UNK A 100 0.59 -66.20 -23.73
C UNK A 100 1.85 -67.07 -23.66
N UNK A 101 3.01 -66.42 -23.55
CA UNK A 101 4.30 -67.12 -23.42
C UNK A 101 4.51 -67.59 -21.98
N UNK A 102 -2.40 -63.76 -35.92
CA UNK A 102 -1.88 -63.83 -34.56
C UNK A 102 -0.49 -63.22 -34.44
N UNK A 103 0.46 -63.76 -35.20
CA UNK A 103 1.84 -63.29 -35.21
C UNK A 103 1.96 -61.88 -35.79
N UNK A 104 1.39 -61.71 -36.99
CA UNK A 104 1.33 -60.39 -37.66
C UNK A 104 0.72 -59.30 -36.78
N UNK A 105 -0.26 -59.66 -35.95
CA UNK A 105 -0.84 -58.76 -34.95
C UNK A 105 0.16 -58.44 -33.82
N UNK A 106 0.93 -59.44 -33.40
CA UNK A 106 1.95 -59.25 -32.36
C UNK A 106 3.11 -58.37 -32.84
N UNK A 107 3.56 -58.60 -34.08
CA UNK A 107 4.55 -57.73 -34.73
C UNK A 107 4.02 -56.31 -34.93
N UNK A 108 2.75 -56.20 -35.33
CA UNK A 108 2.07 -54.90 -35.48
C UNK A 108 1.93 -54.17 -34.14
N UNK A 109 1.62 -54.90 -33.08
CA UNK A 109 1.53 -54.35 -31.72
C UNK A 109 2.91 -53.94 -31.19
N UNK A 110 3.91 -54.79 -31.40
CA UNK A 110 5.30 -54.48 -31.04
C UNK A 110 5.83 -53.26 -31.81
N UNK A 111 5.52 -53.19 -33.10
CA UNK A 111 5.86 -52.03 -33.94
C UNK A 111 5.08 -50.77 -33.55
N UNK A 112 3.81 -50.94 -33.15
CA UNK A 112 2.97 -49.83 -32.67
C UNK A 112 3.52 -49.27 -31.36
N UNK A 113 3.67 -50.15 -30.37
CA UNK A 113 4.21 -49.77 -29.04
C UNK A 113 5.54 -49.01 -29.12
N UNK A 114 6.41 -49.42 -30.04
CA UNK A 114 7.65 -48.70 -30.33
C UNK A 114 7.39 -47.33 -30.98
N UNK A 115 6.42 -47.29 -31.90
CA UNK A 115 6.05 -46.03 -32.59
C UNK A 115 5.39 -45.00 -31.67
N UNK A 116 4.63 -45.46 -30.68
CA UNK A 116 4.04 -44.59 -29.66
C UNK A 116 5.12 -44.04 -28.74
N UNK A 117 5.97 -44.93 -28.22
CA UNK A 117 7.13 -44.56 -27.39
C UNK A 117 8.03 -43.51 -28.05
N UNK A 118 8.15 -43.59 -29.38
CA UNK A 118 8.82 -42.55 -30.18
C UNK A 118 8.03 -41.24 -30.20
N UNK A 119 6.71 -41.32 -30.35
CA UNK A 119 5.84 -40.13 -30.37
C UNK A 119 5.83 -39.37 -29.04
N UNK A 120 5.74 -40.13 -27.94
CA UNK A 120 5.81 -39.56 -26.59
C UNK A 120 7.19 -38.94 -26.29
N UNK A 121 8.25 -39.65 -26.68
CA UNK A 121 9.62 -39.16 -26.54
C UNK A 121 9.89 -37.92 -27.39
N UNK A 122 9.34 -37.91 -28.61
CA UNK A 122 9.41 -36.75 -29.51
C UNK A 122 8.57 -35.56 -29.01
N UNK A 123 7.41 -35.86 -28.41
CA UNK A 123 6.54 -34.82 -27.85
C UNK A 123 7.15 -34.06 -26.67
N UNK A 124 8.00 -34.74 -25.89
CA UNK A 124 8.62 -34.15 -24.69
C UNK A 124 9.71 -33.12 -25.04
N UNK A 125 10.76 -33.58 -25.71
CA UNK A 125 11.93 -32.74 -26.03
C UNK A 125 11.61 -31.74 -27.15
N PRO A 126 16.75 -8.67 -24.62
CA PRO A 126 16.60 -8.13 -23.28
C PRO A 126 16.71 -9.25 -22.24
N ASN A 127 15.80 -9.29 -21.26
CA ASN A 127 15.62 -10.46 -20.40
C ASN A 127 14.14 -10.87 -20.39
N PRO A 128 13.64 -11.43 -21.52
CA PRO A 128 12.23 -11.84 -21.61
C PRO A 128 11.95 -13.07 -20.76
N CYS A 129 10.73 -13.17 -20.23
CA CYS A 129 10.41 -14.24 -19.26
C CYS A 129 10.26 -15.60 -19.96
N PRO A 130 10.76 -16.69 -19.32
CA PRO A 130 10.68 -18.03 -19.93
C PRO A 130 9.28 -18.60 -20.25
N GLU A 131 8.21 -18.05 -19.66
CA GLU A 131 6.81 -18.41 -19.97
C GLU A 131 6.61 -18.88 -21.43
N SER A 132 6.98 -18.00 -22.38
CA SER A 132 6.91 -18.32 -23.80
C SER A 132 7.93 -19.39 -24.18
N SER A 133 9.20 -19.17 -23.79
CA SER A 133 10.29 -20.12 -24.09
C SER A 133 10.17 -21.46 -23.35
N ALA A 134 9.40 -21.52 -22.25
CA ALA A 134 9.32 -22.71 -21.41
C ALA A 134 8.52 -23.83 -22.08
N SER A 135 8.89 -25.06 -21.75
CA SER A 135 8.21 -26.26 -22.26
C SER A 135 6.88 -26.50 -21.53
N PHE A 136 6.07 -27.38 -22.11
CA PHE A 136 4.78 -27.77 -21.53
C PHE A 136 4.84 -28.19 -20.05
N LEU A 137 5.63 -29.23 -19.75
CA LEU A 137 5.85 -29.68 -18.36
C LEU A 137 6.17 -28.53 -17.40
N SER A 138 7.14 -27.70 -17.77
CA SER A 138 7.50 -26.50 -16.99
C SER A 138 6.34 -25.52 -16.77
N ARG A 139 5.36 -25.51 -17.68
CA ARG A 139 4.12 -24.75 -17.49
C ARG A 139 3.20 -25.37 -16.42
N ILE A 140 3.26 -26.70 -16.28
CA ILE A 140 2.43 -27.43 -15.32
C ILE A 140 2.93 -27.30 -13.87
N THR A 141 4.24 -27.50 -13.67
CA THR A 141 4.85 -27.41 -12.32
C THR A 141 5.50 -26.05 -11.95
N PHE A 142 5.35 -25.05 -12.82
CA PHE A 142 5.99 -23.73 -12.65
C PHE A 142 7.49 -23.82 -12.37
N TRP A 143 8.17 -24.61 -13.20
CA TRP A 143 9.59 -24.92 -12.99
C TRP A 143 10.54 -23.77 -13.34
N TRP A 144 10.18 -22.98 -14.35
CA TRP A 144 11.10 -21.97 -14.92
C TRP A 144 11.64 -20.89 -13.95
N ILE A 145 10.92 -20.67 -12.85
CA ILE A 145 11.36 -19.74 -11.77
C ILE A 145 12.32 -20.39 -10.75
N THR A 146 12.57 -21.71 -10.85
CA THR A 146 13.48 -22.39 -9.91
C THR A 146 14.82 -21.66 -9.76
N GLY A 147 15.42 -21.29 -10.89
CA GLY A 147 16.71 -20.59 -10.92
C GLY A 147 16.63 -19.21 -10.28
N MET A 148 15.69 -18.40 -10.77
CA MET A 148 15.35 -17.09 -10.18
C MET A 148 15.19 -17.16 -8.66
N MET A 149 14.51 -18.20 -8.19
CA MET A 149 14.23 -18.38 -6.77
C MET A 149 15.48 -18.80 -6.00
N VAL A 150 16.12 -19.89 -6.43
CA VAL A 150 17.32 -20.40 -5.74
C VAL A 150 18.48 -19.39 -5.77
N GLN A 151 18.55 -18.58 -6.83
CA GLN A 151 19.49 -17.45 -6.93
C GLN A 151 19.40 -16.50 -5.72
N GLY A 152 18.17 -16.24 -5.26
CA GLY A 152 17.91 -15.39 -4.09
C GLY A 152 18.50 -15.85 -2.76
N TYR A 153 18.77 -17.15 -2.63
CA TYR A 153 19.36 -17.71 -1.41
C TYR A 153 20.78 -17.19 -1.13
N ARG A 154 21.57 -17.00 -2.19
CA ARG A 154 22.96 -16.51 -2.08
C ARG A 154 23.22 -15.13 -2.70
N GLN A 155 22.44 -14.76 -3.73
CA GLN A 155 22.52 -13.43 -4.34
C GLN A 155 21.24 -12.64 -4.03
N PRO A 156 21.31 -11.67 -3.08
CA PRO A 156 20.16 -10.79 -2.79
C PRO A 156 19.61 -10.05 -4.02
N LEU A 157 18.30 -10.13 -4.25
CA LEU A 157 17.67 -9.61 -5.46
C LEU A 157 17.59 -8.08 -5.50
N GLU A 158 17.62 -7.56 -6.73
CA GLU A 158 17.45 -6.13 -7.00
C GLU A 158 16.43 -5.94 -8.10
N SER A 159 15.83 -4.75 -8.16
CA SER A 159 14.81 -4.43 -9.17
C SER A 159 15.38 -4.33 -10.60
N THR A 160 16.68 -4.09 -10.71
CA THR A 160 17.37 -4.07 -12.01
C THR A 160 17.46 -5.49 -12.59
N ASP A 161 17.97 -6.42 -11.80
CA ASP A 161 18.08 -7.83 -12.20
C ASP A 161 16.73 -8.53 -12.07
N LEU A 162 15.88 -8.33 -13.07
CA LEU A 162 14.50 -8.84 -13.04
C LEU A 162 13.91 -8.93 -14.45
N TRP A 163 12.89 -9.77 -14.62
CA TRP A 163 12.28 -10.00 -15.93
C TRP A 163 11.51 -8.79 -16.46
N SER A 164 11.37 -8.76 -17.79
CA SER A 164 10.39 -7.91 -18.46
C SER A 164 9.16 -8.76 -18.72
N LEU A 165 7.99 -8.13 -18.73
CA LEU A 165 6.73 -8.85 -18.87
C LEU A 165 6.52 -9.38 -20.28
N ASN A 166 5.63 -10.37 -20.41
CA ASN A 166 5.16 -10.83 -21.71
C ASN A 166 4.42 -9.69 -22.38
N LYS A 167 4.62 -9.55 -23.69
CA LYS A 167 4.09 -8.41 -24.46
C LYS A 167 2.56 -8.26 -24.39
N GLU A 168 1.86 -9.37 -24.14
CA GLU A 168 0.42 -9.35 -23.86
C GLU A 168 0.11 -8.62 -22.55
N ASP A 169 0.87 -8.94 -21.50
CA ASP A 169 0.72 -8.30 -20.18
C ASP A 169 1.49 -6.98 -20.12
N THR A 170 0.86 -5.91 -20.59
CA THR A 170 1.41 -4.56 -20.50
C THR A 170 0.32 -3.51 -20.72
N SER A 171 0.67 -2.25 -20.53
CA SER A 171 -0.26 -1.13 -20.71
C SER A 171 -0.70 -0.93 -22.18
N GLU A 172 0.28 -1.00 -23.09
CA GLU A 172 0.07 -0.71 -24.52
C GLU A 172 -0.90 -1.64 -25.25
N GLN A 173 -1.10 -2.85 -24.73
CA GLN A 173 -2.15 -3.75 -25.22
C GLN A 173 -3.42 -3.51 -24.43
N VAL A 174 -3.32 -3.64 -23.10
CA VAL A 174 -4.48 -3.71 -22.21
C VAL A 174 -5.29 -2.41 -22.16
N VAL A 175 -4.63 -1.25 -22.16
CA VAL A 175 -5.34 0.04 -22.03
C VAL A 175 -6.05 0.48 -23.32
N PRO A 176 -5.37 0.42 -24.49
CA PRO A 176 -6.08 0.72 -25.74
C PRO A 176 -7.24 -0.21 -26.09
N VAL A 177 -7.22 -1.45 -25.60
CA VAL A 177 -8.34 -2.39 -25.79
C VAL A 177 -9.62 -1.93 -25.07
N LEU A 178 -9.49 -1.42 -23.85
CA LEU A 178 -10.65 -1.03 -23.03
C LEU A 178 -11.29 0.28 -23.49
N VAL A 179 -10.45 1.28 -23.77
CA VAL A 179 -10.92 2.61 -24.23
C VAL A 179 -11.72 2.57 -25.53
N LYS A 180 -11.33 1.69 -26.46
CA LYS A 180 -12.10 1.46 -27.70
C LYS A 180 -13.50 0.94 -27.42
N ASN A 181 -13.59 -0.04 -26.52
CA ASN A 181 -14.87 -0.63 -26.12
C ASN A 181 -15.73 0.33 -25.31
N TRP A 182 -15.11 1.11 -24.42
CA TRP A 182 -15.84 2.17 -23.68
C TRP A 182 -16.30 3.30 -24.60
N LYS A 183 -15.45 3.70 -25.55
CA LYS A 183 -15.80 4.67 -26.59
C LYS A 183 -16.93 4.16 -27.50
N LYS A 184 -16.87 2.87 -27.84
CA LYS A 184 -17.91 2.22 -28.64
C LYS A 184 -19.24 2.17 -27.86
N GLU A 185 -19.21 1.55 -26.68
CA GLU A 185 -20.40 1.43 -25.83
C GLU A 185 -20.94 2.77 -25.33
N CYS A 186 -20.10 3.81 -25.28
CA CYS A 186 -20.57 5.18 -25.09
C CYS A 186 -21.27 5.69 -26.37
N ALA A 187 -20.68 5.40 -27.53
CA ALA A 187 -21.26 5.79 -28.82
C ALA A 187 -22.56 5.07 -29.18
N LYS A 188 -22.79 3.89 -28.61
CA LYS A 188 -24.04 3.15 -28.81
C LYS A 188 -25.23 3.86 -28.17
N SER A 189 -25.15 4.10 -26.87
CA SER A 189 -26.22 4.75 -26.11
C SER A 189 -26.23 6.26 -26.36
N PHE A 235 -20.87 -1.52 -17.35
CA PHE A 235 -19.85 -1.93 -18.33
C PHE A 235 -19.38 -3.39 -18.13
N LYS A 236 -20.35 -4.28 -17.90
CA LYS A 236 -20.06 -5.71 -17.75
C LYS A 236 -19.67 -6.34 -19.10
N VAL A 237 -20.14 -5.76 -20.19
CA VAL A 237 -19.74 -6.17 -21.56
C VAL A 237 -18.27 -5.83 -21.81
N LEU A 238 -17.77 -4.75 -21.18
CA LEU A 238 -16.35 -4.38 -21.27
C LEU A 238 -15.47 -5.35 -20.48
N TYR A 239 -15.87 -5.68 -19.26
CA TYR A 239 -15.17 -6.73 -18.49
C TYR A 239 -15.26 -8.10 -19.16
N LYS A 240 -16.34 -8.34 -19.93
CA LYS A 240 -16.40 -9.48 -20.84
C LYS A 240 -15.44 -9.38 -22.07
N THR A 241 -14.52 -8.41 -22.06
CA THR A 241 -13.27 -8.48 -22.83
C THR A 241 -12.25 -9.40 -22.13
N PHE A 242 -12.20 -9.33 -20.80
CA PHE A 242 -11.37 -10.26 -20.00
C PHE A 242 -11.98 -11.67 -19.91
N GLY A 243 -13.30 -11.76 -20.13
CA GLY A 243 -14.05 -13.02 -20.16
C GLY A 243 -13.53 -14.13 -21.06
N PRO A 244 -13.20 -13.84 -22.34
CA PRO A 244 -12.53 -14.78 -23.24
C PRO A 244 -11.34 -15.54 -22.64
N TYR A 245 -10.48 -14.85 -21.92
CA TYR A 245 -9.38 -15.50 -21.18
C TYR A 245 -9.85 -16.09 -19.84
N PHE A 246 -10.68 -15.33 -19.12
CA PHE A 246 -11.13 -15.72 -17.78
C PHE A 246 -12.03 -16.97 -17.72
N LEU A 247 -12.71 -17.30 -18.83
CA LEU A 247 -13.66 -18.42 -18.87
C LEU A 247 -13.05 -19.77 -18.54
N MET A 248 -11.82 -20.01 -19.00
CA MET A 248 -11.10 -21.28 -18.73
C MET A 248 -11.05 -21.66 -17.25
N SER A 249 -11.10 -20.65 -16.37
CA SER A 249 -11.29 -20.84 -14.93
C SER A 249 -12.41 -21.83 -14.58
N PHE A 250 -13.53 -21.76 -15.32
CA PHE A 250 -14.66 -22.68 -15.11
C PHE A 250 -14.29 -24.14 -15.41
N LEU A 251 -13.54 -24.35 -16.50
CA LEU A 251 -13.13 -25.68 -16.92
C LEU A 251 -12.18 -26.36 -15.92
N PHE A 252 -11.17 -25.61 -15.47
CA PHE A 252 -10.24 -26.13 -14.45
C PHE A 252 -10.94 -26.40 -13.13
N LYS A 253 -11.78 -25.46 -12.70
CA LYS A 253 -12.50 -25.58 -11.43
C LYS A 253 -13.49 -26.76 -11.47
N ALA A 254 -14.36 -26.77 -12.48
CA ALA A 254 -15.35 -27.84 -12.66
C ALA A 254 -14.75 -29.26 -12.58
N VAL A 255 -13.55 -29.43 -13.15
CA VAL A 255 -12.80 -30.69 -13.04
C VAL A 255 -12.31 -30.90 -11.60
N HIS A 256 -11.76 -29.85 -11.00
CA HIS A 256 -11.16 -29.92 -9.66
C HIS A 256 -12.12 -30.45 -8.57
N ASP A 257 -13.38 -30.03 -8.63
CA ASP A 257 -14.41 -30.47 -7.68
C ASP A 257 -14.63 -31.99 -7.70
N LEU A 258 -14.71 -32.55 -8.90
CA LEU A 258 -14.83 -34.01 -9.08
C LEU A 258 -13.58 -34.76 -8.58
N MET A 259 -12.40 -34.22 -8.90
CA MET A 259 -11.13 -34.76 -8.40
C MET A 259 -11.00 -34.68 -6.88
N MET A 260 -11.62 -33.66 -6.27
CA MET A 260 -11.61 -33.50 -4.81
C MET A 260 -12.39 -34.61 -4.10
N PHE A 261 -13.62 -34.86 -4.54
CA PHE A 261 -14.50 -35.87 -3.91
C PHE A 261 -14.16 -37.33 -4.27
N ALA A 262 -13.20 -37.54 -5.16
CA ALA A 262 -12.69 -38.90 -5.46
C ALA A 262 -11.95 -39.55 -4.29
N GLY A 263 -11.39 -38.74 -3.39
CA GLY A 263 -10.67 -39.25 -2.21
C GLY A 263 -11.50 -40.04 -1.22
N PRO A 264 -12.55 -39.40 -0.64
CA PRO A 264 -13.50 -40.08 0.25
C PRO A 264 -14.16 -41.38 -0.30
N GLU A 265 -14.39 -41.45 -1.61
CA GLU A 265 -14.96 -42.66 -2.23
C GLU A 265 -13.95 -43.81 -2.24
N ILE A 266 -12.77 -43.53 -2.82
CA ILE A 266 -11.64 -44.48 -2.82
C ILE A 266 -11.31 -44.96 -1.40
N LEU A 267 -11.42 -44.06 -0.43
CA LEU A 267 -11.27 -44.39 0.99
C LEU A 267 -12.33 -45.40 1.48
N LYS A 268 -13.57 -45.26 0.98
CA LYS A 268 -14.66 -46.18 1.33
C LYS A 268 -14.38 -47.62 0.87
N LEU A 269 -13.90 -47.76 -0.36
CA LEU A 269 -13.49 -49.06 -0.91
C LEU A 269 -12.29 -49.64 -0.14
N LEU A 270 -11.32 -48.78 0.16
CA LEU A 270 -10.09 -49.16 0.86
C LEU A 270 -10.30 -49.56 2.33
N ILE A 271 -11.19 -48.85 3.04
CA ILE A 271 -11.58 -49.24 4.40
C ILE A 271 -12.32 -50.58 4.38
N ASN A 272 -13.29 -50.69 3.48
CA ASN A 272 -14.06 -51.92 3.26
C ASN A 272 -13.15 -53.12 2.92
N PHE A 273 -12.16 -52.87 2.08
CA PHE A 273 -11.16 -53.89 1.67
C PHE A 273 -10.44 -54.56 2.83
N VAL A 274 -9.99 -53.76 3.80
CA VAL A 274 -9.20 -54.26 4.95
C VAL A 274 -10.02 -55.17 5.87
N ASN A 275 -11.33 -54.93 5.97
CA ASN A 275 -12.23 -55.82 6.72
C ASN A 275 -12.39 -57.20 6.08
N ASP A 276 -12.49 -57.24 4.75
CA ASP A 276 -12.69 -58.50 4.01
C ASP A 276 -11.38 -59.26 3.84
N LYS A 277 -11.33 -60.48 4.40
CA LYS A 277 -10.14 -61.33 4.30
C LYS A 277 -10.03 -61.98 2.92
N LYS A 278 -11.14 -62.55 2.42
CA LYS A 278 -11.16 -63.23 1.12
C LYS A 278 -11.06 -62.23 -0.04
N ALA A 279 -9.83 -61.85 -0.36
CA ALA A 279 -9.54 -60.94 -1.47
C ALA A 279 -8.04 -60.95 -1.80
N PRO A 280 -7.66 -60.59 -3.05
CA PRO A 280 -6.24 -60.50 -3.42
C PRO A 280 -5.62 -59.16 -3.02
N GLU A 281 -4.30 -59.15 -2.88
CA GLU A 281 -3.56 -57.95 -2.45
C GLU A 281 -3.56 -56.83 -3.50
N TRP A 282 -3.36 -57.21 -4.78
CA TRP A 282 -3.27 -56.22 -5.87
C TRP A 282 -4.50 -55.32 -5.99
N GLN A 283 -5.68 -55.88 -5.70
CA GLN A 283 -6.93 -55.11 -5.65
C GLN A 283 -6.83 -53.96 -4.63
N GLY A 284 -6.11 -54.19 -3.53
CA GLY A 284 -5.80 -53.13 -2.56
C GLY A 284 -4.83 -52.11 -3.11
N TYR A 285 -3.67 -52.58 -3.58
CA TYR A 285 -2.63 -51.70 -4.15
C TYR A 285 -3.15 -50.82 -5.29
N PHE A 286 -4.13 -51.35 -6.05
CA PHE A 286 -4.84 -50.58 -7.07
C PHE A 286 -5.49 -49.31 -6.48
N TYR A 287 -6.14 -49.45 -5.32
CA TYR A 287 -6.80 -48.32 -4.68
C TYR A 287 -5.80 -47.28 -4.18
N THR A 288 -4.73 -47.73 -3.52
CA THR A 288 -3.69 -46.82 -3.00
C THR A 288 -2.95 -46.09 -4.12
N ALA A 289 -2.80 -46.74 -5.28
CA ALA A 289 -2.26 -46.11 -6.47
C ALA A 289 -3.26 -45.11 -7.04
N LEU A 290 -4.47 -45.59 -7.31
CA LEU A 290 -5.55 -44.75 -7.88
C LEU A 290 -5.83 -43.48 -7.07
N LEU A 291 -5.67 -43.56 -5.74
CA LEU A 291 -5.77 -42.40 -4.86
C LEU A 291 -4.67 -41.35 -5.10
N PHE A 292 -3.46 -41.81 -5.42
CA PHE A 292 -2.33 -40.92 -5.69
C PHE A 292 -2.51 -40.14 -6.99
N ILE A 293 -2.80 -40.87 -8.06
CA ILE A 293 -3.06 -40.29 -9.40
C ILE A 293 -4.19 -39.26 -9.35
N SER A 294 -5.24 -39.56 -8.58
CA SER A 294 -6.34 -38.62 -8.32
C SER A 294 -5.86 -37.30 -7.69
N ALA A 295 -5.00 -37.42 -6.67
CA ALA A 295 -4.48 -36.25 -5.95
C ALA A 295 -3.50 -35.42 -6.77
N CYS A 296 -2.66 -36.08 -7.56
CA CYS A 296 -1.69 -35.39 -8.43
C CYS A 296 -2.38 -34.56 -9.53
N LEU A 297 -3.44 -35.11 -10.11
CA LEU A 297 -4.28 -34.36 -11.04
C LEU A 297 -5.09 -33.26 -10.32
N GLN A 298 -5.52 -33.55 -9.09
CA GLN A 298 -6.22 -32.56 -8.25
C GLN A 298 -5.35 -31.34 -7.93
N THR A 299 -4.10 -31.58 -7.53
CA THR A 299 -3.17 -30.47 -7.22
C THR A 299 -2.74 -29.65 -8.45
N LEU A 300 -2.51 -30.30 -9.59
CA LEU A 300 -2.08 -29.59 -10.81
C LEU A 300 -3.18 -28.73 -11.41
N VAL A 301 -4.35 -29.32 -11.59
CA VAL A 301 -5.53 -28.63 -12.16
C VAL A 301 -5.91 -27.37 -11.38
N LEU A 302 -5.75 -27.42 -10.04
CA LEU A 302 -6.02 -26.27 -9.17
C LEU A 302 -5.09 -25.09 -9.46
N HIS A 303 -3.77 -25.35 -9.48
CA HIS A 303 -2.78 -24.29 -9.62
C HIS A 303 -2.64 -23.72 -11.04
N GLN A 304 -3.29 -24.35 -12.02
CA GLN A 304 -3.57 -23.70 -13.30
C GLN A 304 -4.71 -22.68 -13.12
N TYR A 305 -5.73 -23.07 -12.34
CA TYR A 305 -6.91 -22.22 -12.11
C TYR A 305 -6.60 -20.91 -11.40
N PHE A 306 -5.86 -20.96 -10.29
CA PHE A 306 -5.39 -19.76 -9.59
C PHE A 306 -4.47 -18.88 -10.44
N HIS A 307 -3.67 -19.50 -11.31
CA HIS A 307 -2.71 -18.79 -12.14
C HIS A 307 -3.39 -17.90 -13.20
N ILE A 308 -4.35 -18.48 -13.93
CA ILE A 308 -5.15 -17.70 -14.91
C ILE A 308 -6.15 -16.76 -14.22
N CYS A 309 -6.54 -17.10 -12.98
CA CYS A 309 -7.42 -16.25 -12.18
C CYS A 309 -6.71 -14.99 -11.64
N PHE A 310 -5.47 -15.16 -11.14
CA PHE A 310 -4.63 -13.99 -10.74
C PHE A 310 -4.37 -13.05 -11.91
N VAL A 311 -3.81 -13.63 -12.98
CA VAL A 311 -3.35 -12.86 -14.15
C VAL A 311 -4.44 -11.91 -14.65
N SER A 312 -5.65 -12.44 -14.85
CA SER A 312 -6.81 -11.65 -15.30
C SER A 312 -7.05 -10.40 -14.43
N GLY A 313 -6.85 -10.53 -13.12
CA GLY A 313 -6.88 -9.40 -12.20
C GLY A 313 -5.76 -8.40 -12.44
N MET A 314 -4.56 -8.92 -12.67
CA MET A 314 -3.38 -8.10 -12.97
C MET A 314 -3.56 -7.21 -14.21
N ARG A 315 -4.32 -7.71 -15.19
CA ARG A 315 -4.74 -6.90 -16.35
C ARG A 315 -5.83 -5.88 -15.98
N ILE A 316 -6.78 -6.28 -15.13
CA ILE A 316 -7.86 -5.37 -14.68
C ILE A 316 -7.30 -4.11 -13.99
N LYS A 317 -6.26 -4.27 -13.16
CA LYS A 317 -5.57 -3.15 -12.54
C LYS A 317 -4.98 -2.23 -13.60
N THR A 318 -4.13 -2.79 -14.45
CA THR A 318 -3.43 -2.05 -15.52
C THR A 318 -4.39 -1.21 -16.38
N ALA A 319 -5.54 -1.79 -16.71
CA ALA A 319 -6.59 -1.10 -17.47
C ALA A 319 -7.25 0.04 -16.70
N VAL A 320 -7.61 -0.21 -15.43
CA VAL A 320 -8.25 0.81 -14.57
C VAL A 320 -7.33 1.99 -14.28
N ILE A 321 -6.04 1.72 -14.08
CA ILE A 321 -5.04 2.79 -13.85
C ILE A 321 -4.94 3.65 -15.11
N GLY A 322 -4.74 3.01 -16.27
CA GLY A 322 -4.57 3.68 -17.55
C GLY A 322 -5.79 4.42 -18.07
N ALA A 323 -6.97 3.81 -17.92
CA ALA A 323 -8.23 4.41 -18.37
C ALA A 323 -8.56 5.69 -17.59
N VAL A 324 -8.46 5.60 -16.25
CA VAL A 324 -8.63 6.76 -15.36
C VAL A 324 -7.62 7.87 -15.67
N TYR A 325 -6.37 7.48 -15.91
CA TYR A 325 -5.28 8.43 -16.17
C TYR A 325 -5.48 9.20 -17.49
N ARG A 326 -5.91 8.50 -18.53
CA ARG A 326 -6.21 9.13 -19.84
C ARG A 326 -7.43 10.04 -19.78
N LYS A 327 -8.46 9.62 -19.05
CA LYS A 327 -9.65 10.46 -18.82
C LYS A 327 -9.31 11.70 -17.99
N ALA A 328 -8.50 11.51 -16.94
CA ALA A 328 -8.09 12.61 -16.02
C ALA A 328 -7.52 13.85 -16.71
N LEU A 329 -6.86 13.68 -17.86
CA LEU A 329 -6.33 14.80 -18.65
C LEU A 329 -7.36 15.50 -19.55
N VAL A 330 -8.57 14.96 -19.68
CA VAL A 330 -9.64 15.56 -20.51
C VAL A 330 -10.91 15.96 -19.71
N ILE A 331 -10.98 15.64 -18.41
CA ILE A 331 -12.18 15.93 -17.59
C ILE A 331 -12.42 17.45 -17.44
N THR A 332 -13.68 17.86 -17.56
CA THR A 332 -14.07 19.26 -17.43
C THR A 332 -13.99 19.78 -15.99
N ASN A 333 -13.80 21.09 -15.84
CA ASN A 333 -13.57 21.74 -14.54
C ASN A 333 -14.67 21.50 -13.51
N ALA A 334 -15.92 21.48 -13.98
CA ALA A 334 -17.08 21.20 -13.12
C ALA A 334 -16.99 19.84 -12.43
N ALA A 335 -16.60 18.82 -13.19
CA ALA A 335 -16.38 17.47 -12.65
C ALA A 335 -15.08 17.43 -11.85
N ARG A 336 -14.01 17.96 -12.45
CA ARG A 336 -12.69 18.08 -11.80
C ARG A 336 -12.77 18.65 -10.37
N LYS A 337 -13.60 19.69 -10.19
CA LYS A 337 -13.81 20.29 -8.88
C LYS A 337 -14.63 19.40 -7.92
N SER A 338 -15.53 18.58 -8.48
CA SER A 338 -16.53 17.84 -7.68
C SER A 338 -15.94 16.85 -6.66
N SER A 339 -15.04 15.98 -7.11
CA SER A 339 -14.53 14.87 -6.29
C SER A 339 -13.25 15.18 -5.51
N THR A 340 -12.37 16.02 -6.08
CA THR A 340 -11.07 16.40 -5.49
C THR A 340 -10.00 15.30 -5.56
N VAL A 341 -8.73 15.72 -5.51
CA VAL A 341 -7.55 14.84 -5.60
C VAL A 341 -7.59 13.63 -4.65
N GLY A 342 -8.09 13.86 -3.44
CA GLY A 342 -8.25 12.80 -2.44
C GLY A 342 -9.05 11.62 -2.95
N GLU A 343 -10.23 11.89 -3.51
CA GLU A 343 -11.10 10.83 -4.03
C GLU A 343 -10.55 10.20 -5.31
N ILE A 344 -9.93 11.01 -6.16
CA ILE A 344 -9.34 10.52 -7.42
C ILE A 344 -8.10 9.62 -7.18
N VAL A 345 -7.23 10.02 -6.26
CA VAL A 345 -6.07 9.19 -5.87
C VAL A 345 -6.51 7.94 -5.10
N ASN A 346 -7.46 8.11 -4.18
CA ASN A 346 -8.08 6.99 -3.44
C ASN A 346 -8.79 5.99 -4.36
N LEU A 347 -9.41 6.51 -5.43
CA LEU A 347 -10.02 5.68 -6.47
C LEU A 347 -8.97 4.81 -7.18
N MET A 348 -7.82 5.39 -7.49
CA MET A 348 -6.71 4.65 -8.09
C MET A 348 -6.06 3.68 -7.11
N SER A 349 -5.95 4.08 -5.84
CA SER A 349 -5.31 3.25 -4.80
C SER A 349 -6.18 2.06 -4.34
N VAL A 350 -7.43 2.35 -3.97
CA VAL A 350 -8.31 1.34 -3.34
C VAL A 350 -9.06 0.47 -4.36
N ASP A 351 -9.67 1.08 -5.37
CA ASP A 351 -10.62 0.38 -6.25
C ASP A 351 -9.99 -0.66 -7.19
N ALA A 352 -8.87 -0.28 -7.82
CA ALA A 352 -8.09 -1.20 -8.66
C ALA A 352 -7.45 -2.34 -7.86
N GLN A 353 -7.18 -2.09 -6.58
CA GLN A 353 -6.65 -3.12 -5.67
C GLN A 353 -7.69 -4.21 -5.38
N ARG A 354 -8.91 -3.77 -5.03
CA ARG A 354 -10.00 -4.69 -4.66
C ARG A 354 -10.43 -5.65 -5.76
N PHE A 355 -10.25 -5.29 -7.03
CA PHE A 355 -10.57 -6.18 -8.15
C PHE A 355 -9.62 -7.38 -8.25
N MET A 356 -8.34 -7.16 -7.98
CA MET A 356 -7.36 -8.25 -7.89
C MET A 356 -7.64 -9.21 -6.73
N ASP A 357 -8.04 -8.65 -5.59
CA ASP A 357 -8.45 -9.46 -4.43
C ASP A 357 -9.73 -10.24 -4.75
N LEU A 358 -10.73 -9.52 -5.28
CA LEU A 358 -12.00 -10.11 -5.72
C LEU A 358 -11.84 -11.28 -6.69
N ALA A 359 -10.84 -11.19 -7.56
CA ALA A 359 -10.59 -12.21 -8.59
C ALA A 359 -10.37 -13.61 -8.01
N THR A 360 -9.47 -13.71 -7.03
CA THR A 360 -9.01 -15.00 -6.49
C THR A 360 -10.11 -15.96 -5.97
N TYR A 361 -11.22 -15.43 -5.48
CA TYR A 361 -12.31 -16.25 -4.90
C TYR A 361 -13.73 -15.99 -5.47
N ILE A 362 -13.84 -15.30 -6.60
CA ILE A 362 -15.15 -15.02 -7.21
C ILE A 362 -15.89 -16.30 -7.59
N ASN A 363 -15.18 -17.25 -8.21
CA ASN A 363 -15.75 -18.53 -8.66
C ASN A 363 -16.35 -19.39 -7.54
N MET A 364 -16.00 -19.09 -6.30
CA MET A 364 -16.67 -19.68 -5.14
C MET A 364 -18.18 -19.37 -5.11
N ILE A 365 -18.62 -18.25 -5.70
CA ILE A 365 -20.05 -17.92 -5.68
C ILE A 365 -20.91 -18.97 -6.39
N TRP A 366 -20.40 -19.53 -7.50
CA TRP A 366 -21.03 -20.69 -8.15
C TRP A 366 -20.52 -22.03 -7.61
N SER A 367 -19.22 -22.11 -7.31
CA SER A 367 -18.58 -23.38 -6.96
C SER A 367 -18.81 -23.87 -5.53
N ALA A 368 -19.11 -22.98 -4.58
CA ALA A 368 -19.28 -23.39 -3.19
C ALA A 368 -20.57 -24.18 -2.92
N PRO A 369 -21.73 -23.71 -3.47
CA PRO A 369 -22.96 -24.51 -3.34
C PRO A 369 -22.88 -25.88 -4.02
N LEU A 370 -22.37 -25.92 -5.25
CA LEU A 370 -22.14 -27.15 -6.01
C LEU A 370 -21.30 -28.17 -5.22
N GLN A 371 -20.28 -27.66 -4.53
CA GLN A 371 -19.41 -28.48 -3.70
C GLN A 371 -20.13 -29.02 -2.46
N VAL A 372 -20.89 -28.15 -1.77
CA VAL A 372 -21.66 -28.55 -0.58
C VAL A 372 -22.75 -29.57 -0.93
N ILE A 373 -23.48 -29.32 -2.02
CA ILE A 373 -24.53 -30.22 -2.49
C ILE A 373 -23.98 -31.62 -2.80
N LEU A 374 -22.88 -31.68 -3.57
CA LEU A 374 -22.19 -32.96 -3.86
C LEU A 374 -21.69 -33.67 -2.61
N ALA A 375 -21.16 -32.91 -1.66
CA ALA A 375 -20.70 -33.45 -0.38
C ALA A 375 -21.84 -34.04 0.43
N LEU A 376 -22.91 -33.25 0.61
CA LEU A 376 -24.13 -33.71 1.28
C LEU A 376 -24.74 -34.94 0.60
N TYR A 377 -24.80 -34.90 -0.74
CA TYR A 377 -25.33 -36.00 -1.56
C TYR A 377 -24.64 -37.35 -1.33
N LEU A 378 -23.32 -37.32 -1.13
CA LEU A 378 -22.57 -38.55 -0.86
C LEU A 378 -22.90 -39.09 0.54
N LEU A 379 -22.63 -38.28 1.56
CA LEU A 379 -22.90 -38.69 2.96
C LEU A 379 -24.39 -38.96 3.28
N TRP A 380 -25.29 -38.44 2.44
CA TRP A 380 -26.70 -38.86 2.43
C TRP A 380 -26.84 -40.35 2.08
N LEU A 381 -26.15 -40.79 1.01
CA LEU A 381 -26.17 -42.20 0.61
C LEU A 381 -25.54 -43.11 1.66
N ASN A 382 -24.56 -42.59 2.40
CA ASN A 382 -23.94 -43.30 3.50
C ASN A 382 -24.85 -43.36 4.74
N LEU A 383 -25.20 -42.20 5.30
CA LEU A 383 -25.90 -42.13 6.60
C LEU A 383 -27.44 -42.08 6.51
N GLY A 384 -27.97 -41.36 5.52
CA GLY A 384 -29.43 -41.30 5.31
C GLY A 384 -30.11 -40.08 5.95
N PRO A 385 -31.38 -40.23 6.41
CA PRO A 385 -32.16 -39.16 7.05
C PRO A 385 -31.48 -38.44 8.25
N SER A 386 -30.62 -39.15 8.96
CA SER A 386 -29.82 -38.59 10.06
C SER A 386 -28.92 -37.40 9.67
N VAL A 387 -28.60 -37.28 8.38
CA VAL A 387 -27.76 -36.19 7.86
C VAL A 387 -28.29 -34.78 8.15
N LEU A 388 -29.62 -34.61 8.11
CA LEU A 388 -30.25 -33.29 8.26
C LEU A 388 -29.78 -32.50 9.49
N ALA A 389 -29.61 -33.21 10.61
CA ALA A 389 -29.06 -32.63 11.85
C ALA A 389 -27.76 -31.84 11.63
N GLY A 390 -26.95 -32.28 10.66
CA GLY A 390 -25.82 -31.51 10.18
C GLY A 390 -26.23 -30.22 9.49
N VAL A 391 -27.09 -30.34 8.47
CA VAL A 391 -27.48 -29.16 7.66
C VAL A 391 -28.21 -28.11 8.52
N ALA A 392 -28.88 -28.56 9.58
CA ALA A 392 -29.40 -27.68 10.62
C ALA A 392 -28.27 -26.82 11.21
N VAL A 393 -27.19 -27.49 11.64
CA VAL A 393 -26.04 -26.78 12.22
C VAL A 393 -25.42 -25.86 11.17
N MET A 394 -25.16 -26.39 9.98
CA MET A 394 -24.59 -25.61 8.86
C MET A 394 -25.40 -24.36 8.53
N VAL A 395 -26.73 -24.51 8.48
CA VAL A 395 -27.64 -23.36 8.27
C VAL A 395 -27.62 -22.41 9.48
N LEU A 396 -27.59 -22.96 10.70
CA LEU A 396 -27.48 -22.14 11.91
C LEU A 396 -26.15 -21.38 12.06
N MET A 397 -25.07 -21.86 11.43
CA MET A 397 -23.78 -21.16 11.45
C MET A 397 -23.74 -19.86 10.64
N VAL A 398 -24.49 -19.82 9.54
CA VAL A 398 -24.49 -18.67 8.60
C VAL A 398 -24.73 -17.31 9.27
N PRO A 399 -25.80 -17.17 10.08
CA PRO A 399 -26.04 -15.88 10.76
C PRO A 399 -24.95 -15.44 11.74
N LEU A 400 -24.34 -16.39 12.44
CA LEU A 400 -23.26 -16.08 13.40
C LEU A 400 -22.06 -15.43 12.70
N ASN A 401 -21.63 -16.05 11.61
CA ASN A 401 -20.56 -15.53 10.77
C ASN A 401 -20.97 -14.26 10.01
N ALA A 402 -22.22 -14.22 9.55
CA ALA A 402 -22.77 -13.05 8.83
C ALA A 402 -22.85 -11.80 9.71
N VAL A 403 -23.34 -11.96 10.94
CA VAL A 403 -23.38 -10.85 11.92
C VAL A 403 -21.96 -10.38 12.27
N MET A 404 -21.04 -11.34 12.43
CA MET A 404 -19.62 -11.03 12.67
C MET A 404 -19.04 -10.23 11.49
N ALA A 405 -19.32 -10.68 10.27
CA ALA A 405 -18.86 -10.02 9.05
C ALA A 405 -19.31 -8.56 8.92
N MET A 406 -20.55 -8.28 9.37
CA MET A 406 -21.08 -6.91 9.39
C MET A 406 -20.43 -6.06 10.49
N LYS A 407 -20.25 -6.64 11.68
CA LYS A 407 -19.61 -5.93 12.80
C LYS A 407 -18.14 -5.61 12.53
N THR A 408 -17.39 -6.60 12.03
CA THR A 408 -15.96 -6.42 11.69
C THR A 408 -15.73 -5.44 10.53
N LYS A 409 -16.68 -5.35 9.60
CA LYS A 409 -16.65 -4.32 8.55
C LYS A 409 -16.87 -2.91 9.13
N THR A 410 -17.84 -2.78 10.05
CA THR A 410 -18.14 -1.50 10.69
C THR A 410 -17.09 -1.03 11.70
N TYR A 411 -16.47 -1.96 12.43
CA TYR A 411 -15.42 -1.59 13.41
C TYR A 411 -14.17 -0.95 12.78
N GLN A 412 -13.76 -1.41 11.61
CA GLN A 412 -12.60 -0.86 10.89
C GLN A 412 -12.68 0.65 10.62
N VAL A 413 -13.88 1.15 10.33
CA VAL A 413 -14.11 2.58 10.09
C VAL A 413 -13.96 3.37 11.39
N ALA A 414 -14.52 2.83 12.48
CA ALA A 414 -14.35 3.40 13.83
C ALA A 414 -12.90 3.36 14.32
N HIS A 415 -12.16 2.32 13.91
CA HIS A 415 -10.71 2.26 14.12
C HIS A 415 -9.95 3.31 13.29
N MET A 416 -10.30 3.41 12.00
CA MET A 416 -9.57 4.27 11.05
C MET A 416 -9.61 5.76 11.41
N LYS A 417 -10.79 6.26 11.77
CA LYS A 417 -10.95 7.67 12.15
C LYS A 417 -10.13 8.08 13.38
N SER A 418 -10.04 7.18 14.37
CA SER A 418 -9.23 7.40 15.57
C SER A 418 -7.72 7.38 15.24
N LYS A 419 -7.34 6.52 14.30
CA LYS A 419 -5.96 6.45 13.81
C LYS A 419 -5.59 7.72 13.03
N ASP A 420 -6.48 8.13 12.12
CA ASP A 420 -6.30 9.37 11.35
C ASP A 420 -6.12 10.58 12.25
N ASN A 421 -7.02 10.74 13.22
CA ASN A 421 -6.90 11.81 14.23
C ASN A 421 -5.53 11.79 14.94
N ARG A 422 -5.06 10.58 15.28
CA ARG A 422 -3.77 10.41 15.95
C ARG A 422 -2.58 10.76 15.04
N ILE A 423 -2.57 10.23 13.83
CA ILE A 423 -1.47 10.49 12.87
C ILE A 423 -1.45 11.94 12.35
N LYS A 424 -2.63 12.55 12.20
CA LYS A 424 -2.72 13.98 11.82
C LYS A 424 -2.18 14.92 12.91
N LEU A 425 -2.36 14.54 14.18
CA LEU A 425 -1.83 15.31 15.31
C LEU A 425 -0.30 15.26 15.42
N MET A 426 0.28 14.07 15.21
CA MET A 426 1.73 13.83 15.32
C MET A 426 2.59 14.78 14.49
N ASN A 427 2.15 15.11 13.28
CA ASN A 427 2.84 16.06 12.41
C ASN A 427 2.87 17.47 13.00
N GLU A 428 1.77 17.89 13.62
CA GLU A 428 1.69 19.20 14.27
C GLU A 428 2.68 19.32 15.43
N ILE A 429 2.87 18.23 16.19
CA ILE A 429 3.95 18.13 17.18
C ILE A 429 5.30 18.17 16.46
N LEU A 430 5.48 17.26 15.49
CA LEU A 430 6.77 17.08 14.80
C LEU A 430 7.32 18.28 14.04
N ASN A 431 6.44 19.17 13.57
CA ASN A 431 6.87 20.39 12.86
C ASN A 431 7.49 21.42 13.80
N GLY A 432 6.78 21.73 14.90
CA GLY A 432 7.20 22.77 15.85
C GLY A 432 7.69 22.25 17.18
N ILE A 433 8.57 21.25 17.14
CA ILE A 433 9.09 20.60 18.35
C ILE A 433 9.92 21.59 19.17
N LYS A 434 10.78 22.36 18.51
CA LYS A 434 11.64 23.35 19.19
C LYS A 434 10.83 24.25 20.13
N VAL A 435 9.66 24.71 19.68
CA VAL A 435 8.79 25.59 20.47
C VAL A 435 8.07 24.80 21.56
N LEU A 436 7.67 23.57 21.25
CA LEU A 436 7.05 22.66 22.22
C LEU A 436 8.00 22.34 23.37
N LYS A 437 9.24 21.99 23.03
CA LYS A 437 10.31 21.75 24.02
C LYS A 437 10.75 23.02 24.74
N LEU A 438 10.77 24.15 24.02
CA LEU A 438 11.22 25.44 24.55
C LEU A 438 10.54 25.89 25.85
N TYR A 439 9.26 25.57 26.03
CA TYR A 439 8.55 25.84 27.30
C TYR A 439 7.69 24.67 27.84
N ALA A 440 8.28 23.48 27.83
CA ALA A 440 7.83 22.34 28.65
C ALA A 440 6.36 21.94 28.53
N TRP A 441 5.93 21.62 27.31
CA TRP A 441 4.61 21.05 27.03
C TRP A 441 4.61 19.54 26.71
N GLU A 442 5.80 18.96 26.54
CA GLU A 442 5.96 17.53 26.20
C GLU A 442 5.10 16.61 27.07
N LEU A 443 5.17 16.83 28.38
CA LEU A 443 4.40 16.06 29.36
C LEU A 443 2.88 16.24 29.20
N ALA A 444 2.46 17.43 28.77
CA ALA A 444 1.05 17.70 28.47
C ALA A 444 0.62 17.04 27.16
N PHE A 445 1.43 17.16 26.12
CA PHE A 445 1.09 16.62 24.79
C PHE A 445 1.23 15.11 24.65
N LYS A 446 2.18 14.51 25.37
CA LYS A 446 2.29 13.04 25.46
C LYS A 446 0.98 12.41 25.97
N ASP A 447 0.37 13.07 26.95
CA ASP A 447 -0.94 12.65 27.48
C ASP A 447 -2.06 12.78 26.46
N LYS A 448 -2.01 13.82 25.62
CA LYS A 448 -3.03 14.04 24.58
C LYS A 448 -3.05 12.94 23.50
N VAL A 449 -1.87 12.42 23.15
CA VAL A 449 -1.76 11.28 22.23
C VAL A 449 -2.26 9.99 22.91
N LEU A 450 -1.89 9.81 24.18
CA LEU A 450 -2.36 8.66 24.97
C LEU A 450 -3.88 8.64 25.17
N ALA A 451 -4.53 9.80 25.13
CA ALA A 451 -5.98 9.92 25.19
C ALA A 451 -6.66 9.35 23.93
N ILE A 452 -6.11 9.71 22.76
CA ILE A 452 -6.61 9.18 21.48
C ILE A 452 -6.23 7.70 21.34
N ARG A 453 -5.03 7.36 21.82
CA ARG A 453 -4.51 6.00 21.78
C ARG A 453 -5.41 4.99 22.51
N GLN A 454 -5.84 5.35 23.72
CA GLN A 454 -6.72 4.48 24.51
C GLN A 454 -8.10 4.34 23.88
N GLU A 455 -8.60 5.40 23.25
CA GLU A 455 -9.83 5.36 22.46
C GLU A 455 -9.69 4.49 21.21
N GLU A 456 -8.51 4.53 20.58
CA GLU A 456 -8.20 3.62 19.46
C GLU A 456 -8.17 2.14 19.88
N LEU A 457 -7.59 1.86 21.05
CA LEU A 457 -7.41 0.47 21.51
C LEU A 457 -8.71 -0.28 21.89
N LYS A 458 -9.77 0.45 22.23
CA LYS A 458 -11.06 -0.16 22.57
C LYS A 458 -11.62 -0.94 21.39
N VAL A 459 -11.70 -0.28 20.22
CA VAL A 459 -12.17 -0.90 18.98
C VAL A 459 -11.40 -2.19 18.65
N LEU A 460 -10.09 -2.20 18.93
CA LEU A 460 -9.26 -3.41 18.78
C LEU A 460 -9.59 -4.51 19.78
N LYS A 461 -10.07 -4.15 20.98
CA LYS A 461 -10.53 -5.15 21.95
C LYS A 461 -11.78 -5.87 21.45
N LYS A 462 -12.77 -5.09 21.02
CA LYS A 462 -14.02 -5.62 20.41
C LYS A 462 -13.71 -6.67 19.33
N SER A 463 -12.73 -6.36 18.47
CA SER A 463 -12.28 -7.27 17.42
C SER A 463 -11.72 -8.60 17.93
N ALA A 464 -11.15 -8.61 19.14
CA ALA A 464 -10.68 -9.85 19.78
C ALA A 464 -11.83 -10.81 20.08
N TYR A 465 -12.94 -10.27 20.59
CA TYR A 465 -14.15 -11.06 20.85
C TYR A 465 -14.83 -11.56 19.57
N LEU A 466 -14.67 -10.83 18.46
CA LEU A 466 -15.13 -11.30 17.14
C LEU A 466 -14.21 -12.40 16.60
N ALA A 467 -12.93 -12.07 16.48
CA ALA A 467 -11.90 -12.99 15.94
C ALA A 467 -11.87 -14.36 16.63
N ALA A 468 -12.15 -14.39 17.93
CA ALA A 468 -12.32 -15.64 18.69
C ALA A 468 -13.50 -16.46 18.19
N VAL A 469 -14.64 -15.80 17.94
CA VAL A 469 -15.80 -16.45 17.33
C VAL A 469 -15.47 -16.91 15.90
N GLY A 470 -14.71 -16.07 15.18
CA GLY A 470 -14.20 -16.43 13.85
C GLY A 470 -13.35 -17.69 13.82
N THR A 471 -12.32 -17.73 14.65
CA THR A 471 -11.46 -18.93 14.77
C THR A 471 -12.19 -20.12 15.40
N PHE A 472 -13.16 -19.86 16.27
CA PHE A 472 -13.99 -20.93 16.86
C PHE A 472 -14.77 -21.69 15.78
N THR A 473 -15.59 -20.96 15.03
CA THR A 473 -16.39 -21.53 13.94
C THR A 473 -15.53 -22.26 12.91
N TRP A 474 -14.39 -21.67 12.54
CA TRP A 474 -13.50 -22.24 11.54
C TRP A 474 -12.89 -23.58 11.96
N VAL A 475 -12.41 -23.67 13.20
CA VAL A 475 -11.75 -24.89 13.69
C VAL A 475 -12.71 -26.07 13.86
N CYS A 476 -13.70 -25.94 14.76
CA CYS A 476 -14.50 -27.09 15.21
C CYS A 476 -15.78 -27.42 14.40
N THR A 477 -16.05 -26.69 13.31
CA THR A 477 -17.18 -27.01 12.39
C THR A 477 -17.31 -28.52 12.10
N PRO A 478 -16.22 -29.19 11.66
CA PRO A 478 -16.27 -30.65 11.48
C PRO A 478 -16.72 -31.43 12.72
N PHE A 479 -16.30 -31.00 13.91
CA PHE A 479 -16.76 -31.63 15.15
C PHE A 479 -18.25 -31.36 15.42
N LEU A 480 -18.65 -30.09 15.30
CA LEU A 480 -20.05 -29.69 15.51
C LEU A 480 -21.01 -30.38 14.53
N VAL A 481 -20.60 -30.51 13.28
CA VAL A 481 -21.40 -31.21 12.26
C VAL A 481 -21.46 -32.73 12.51
N ALA A 482 -20.32 -33.33 12.87
CA ALA A 482 -20.25 -34.79 13.10
C ALA A 482 -21.09 -35.24 14.29
N LEU A 483 -20.83 -34.61 15.44
CA LEU A 483 -21.51 -34.89 16.72
C LEU A 483 -23.02 -35.05 16.55
N SER A 484 -23.63 -34.09 15.83
CA SER A 484 -25.06 -34.14 15.54
C SER A 484 -25.42 -35.36 14.69
N THR A 485 -24.64 -35.62 13.65
CA THR A 485 -24.96 -36.72 12.72
C THR A 485 -24.81 -38.10 13.38
N PHE A 486 -23.73 -38.30 14.13
CA PHE A 486 -23.53 -39.59 14.82
C PHE A 486 -24.54 -39.83 15.93
N ALA A 487 -24.75 -38.82 16.77
CA ALA A 487 -25.70 -38.91 17.89
C ALA A 487 -27.10 -39.28 17.44
N VAL A 488 -27.58 -38.62 16.38
CA VAL A 488 -28.89 -38.91 15.80
C VAL A 488 -28.91 -40.32 15.20
N TYR A 489 -27.88 -40.64 14.42
CA TYR A 489 -27.74 -41.97 13.81
C TYR A 489 -27.74 -43.11 14.84
N VAL A 490 -27.14 -42.88 16.00
CA VAL A 490 -27.16 -43.85 17.10
C VAL A 490 -28.50 -43.82 17.85
N THR A 491 -29.05 -42.63 18.08
CA THR A 491 -30.28 -42.47 18.89
C THR A 491 -31.56 -42.94 18.18
N VAL A 492 -31.70 -42.63 16.89
CA VAL A 492 -32.93 -42.91 16.13
C VAL A 492 -33.36 -44.39 16.24
N ASP A 493 -32.57 -45.28 15.64
CA ASP A 493 -32.85 -46.72 15.65
C ASP A 493 -31.72 -47.45 16.36
N GLU A 494 -32.08 -48.52 17.08
CA GLU A 494 -31.10 -49.31 17.82
C GLU A 494 -30.25 -50.14 16.87
N ASN A 495 -30.86 -50.76 15.86
CA ASN A 495 -30.19 -51.73 14.97
C ASN A 495 -29.06 -51.15 14.11
N ASN A 496 -29.09 -49.84 13.86
CA ASN A 496 -28.07 -49.18 13.04
C ASN A 496 -26.71 -49.07 13.76
N ILE A 497 -25.65 -49.39 13.01
CA ILE A 497 -24.25 -49.39 13.53
C ILE A 497 -23.40 -48.44 12.72
N LEU A 498 -22.44 -47.78 13.39
CA LEU A 498 -21.45 -46.97 12.69
C LEU A 498 -20.12 -47.73 12.61
N ASP A 499 -19.70 -48.01 11.37
CA ASP A 499 -18.45 -48.69 11.09
C ASP A 499 -17.44 -47.67 10.60
N ALA A 500 -16.22 -48.13 10.35
CA ALA A 500 -15.13 -47.26 9.89
C ALA A 500 -15.47 -46.55 8.59
N GLN A 501 -16.07 -47.27 7.65
CA GLN A 501 -16.48 -46.69 6.36
C GLN A 501 -17.52 -45.59 6.51
N LYS A 502 -18.49 -45.78 7.42
CA LYS A 502 -19.48 -44.74 7.70
C LYS A 502 -18.87 -43.55 8.45
N ALA A 503 -18.13 -43.87 9.52
CA ALA A 503 -17.54 -42.85 10.39
C ALA A 503 -16.47 -41.98 9.71
N PHE A 504 -15.53 -42.61 9.03
CA PHE A 504 -14.38 -41.89 8.46
C PHE A 504 -14.60 -41.28 7.07
N VAL A 505 -15.48 -41.86 6.25
CA VAL A 505 -15.89 -41.22 4.99
C VAL A 505 -16.74 -39.98 5.27
N SER A 506 -17.59 -40.04 6.29
CA SER A 506 -18.32 -38.85 6.76
C SER A 506 -17.35 -37.79 7.33
N LEU A 507 -16.45 -38.23 8.21
CA LEU A 507 -15.44 -37.34 8.81
C LEU A 507 -14.54 -36.67 7.78
N ALA A 508 -14.08 -37.45 6.79
CA ALA A 508 -13.31 -36.92 5.66
C ALA A 508 -14.13 -35.89 4.85
N LEU A 509 -15.41 -36.19 4.63
CA LEU A 509 -16.31 -35.28 3.91
C LEU A 509 -16.58 -33.96 4.66
N PHE A 510 -16.68 -34.02 5.99
CA PHE A 510 -16.86 -32.79 6.80
C PHE A 510 -15.62 -31.88 6.75
N ASN A 511 -14.43 -32.47 6.63
CA ASN A 511 -13.19 -31.70 6.43
C ASN A 511 -13.14 -31.05 5.04
N ILE A 512 -13.62 -31.77 4.02
CA ILE A 512 -13.76 -31.19 2.67
C ILE A 512 -14.83 -30.10 2.68
N LEU A 513 -15.86 -30.29 3.50
CA LEU A 513 -16.99 -29.38 3.60
C LEU A 513 -16.71 -28.02 4.27
N ARG A 514 -15.63 -27.91 5.05
CA ARG A 514 -15.38 -26.70 5.85
C ARG A 514 -15.06 -25.43 5.04
N PHE A 515 -14.32 -25.58 3.95
CA PHE A 515 -13.83 -24.42 3.17
C PHE A 515 -14.91 -23.73 2.34
N PRO A 516 -15.82 -24.49 1.70
CA PRO A 516 -16.99 -23.86 1.07
C PRO A 516 -17.90 -23.05 2.02
N LEU A 517 -18.07 -23.52 3.26
CA LEU A 517 -19.01 -22.91 4.21
C LEU A 517 -18.53 -21.55 4.76
N ASN A 518 -17.29 -21.48 5.22
CA ASN A 518 -16.76 -20.27 5.87
C ASN A 518 -16.22 -19.20 4.93
N ILE A 519 -15.81 -19.59 3.72
CA ILE A 519 -15.35 -18.62 2.70
C ILE A 519 -16.51 -17.84 2.06
N LEU A 520 -17.56 -18.54 1.66
CA LEU A 520 -18.65 -17.97 0.86
C LEU A 520 -19.26 -16.66 1.43
N PRO A 521 -19.54 -16.61 2.75
CA PRO A 521 -19.95 -15.33 3.35
C PRO A 521 -18.88 -14.23 3.34
N MET A 522 -17.62 -14.62 3.50
CA MET A 522 -16.48 -13.69 3.42
C MET A 522 -16.27 -13.15 2.01
N VAL A 523 -16.57 -13.97 0.99
CA VAL A 523 -16.52 -13.54 -0.42
C VAL A 523 -17.66 -12.56 -0.73
N ILE A 524 -18.88 -12.96 -0.37
CA ILE A 524 -20.10 -12.16 -0.63
C ILE A 524 -19.96 -10.70 -0.17
N SER A 525 -19.32 -10.47 0.97
CA SER A 525 -19.00 -9.12 1.45
C SER A 525 -18.03 -8.40 0.48
N SER A 526 -16.96 -9.09 0.10
CA SER A 526 -15.96 -8.55 -0.85
C SER A 526 -16.58 -8.15 -2.19
N ILE A 527 -17.63 -8.85 -2.60
CA ILE A 527 -18.43 -8.48 -3.77
C ILE A 527 -19.21 -7.18 -3.52
N VAL A 528 -19.74 -6.99 -2.30
CA VAL A 528 -20.47 -5.75 -1.95
C VAL A 528 -19.55 -4.52 -1.97
N GLN A 529 -18.37 -4.65 -1.35
CA GLN A 529 -17.34 -3.60 -1.37
C GLN A 529 -16.88 -3.28 -2.80
N ALA A 530 -16.69 -4.34 -3.59
CA ALA A 530 -16.31 -4.21 -5.00
C ALA A 530 -17.41 -3.56 -5.87
N SER A 531 -18.67 -3.87 -5.55
CA SER A 531 -19.82 -3.27 -6.25
C SER A 531 -19.97 -1.77 -6.00
N VAL A 532 -19.54 -1.29 -4.83
CA VAL A 532 -19.50 0.15 -4.53
C VAL A 532 -18.45 0.84 -5.40
N SER A 533 -17.20 0.38 -5.27
CA SER A 533 -16.06 0.86 -6.09
C SER A 533 -16.39 0.99 -7.59
N LEU A 534 -17.12 -0.01 -8.10
CA LEU A 534 -17.60 -0.03 -9.48
C LEU A 534 -18.40 1.21 -9.89
N LYS A 535 -19.16 1.78 -8.95
CA LYS A 535 -19.93 3.01 -9.19
C LYS A 535 -19.01 4.21 -9.45
N ARG A 536 -18.06 4.42 -8.53
CA ARG A 536 -17.12 5.55 -8.59
C ARG A 536 -16.34 5.59 -9.91
N LEU A 537 -15.99 4.42 -10.44
CA LEU A 537 -15.40 4.31 -11.78
C LEU A 537 -16.39 4.70 -12.88
N ARG A 538 -17.64 4.28 -12.75
CA ARG A 538 -18.68 4.63 -13.73
C ARG A 538 -18.91 6.14 -13.78
N VAL A 539 -19.14 6.73 -12.61
CA VAL A 539 -19.36 8.18 -12.48
C VAL A 539 -18.14 8.98 -12.95
N PHE A 540 -16.92 8.49 -12.68
CA PHE A 540 -15.69 9.17 -13.10
C PHE A 540 -15.46 9.05 -14.60
N LEU A 541 -15.53 7.82 -15.13
CA LEU A 541 -15.32 7.55 -16.55
C LEU A 541 -16.42 8.10 -17.45
N SER A 542 -17.64 8.25 -16.90
CA SER A 542 -18.76 8.85 -17.64
C SER A 542 -18.82 10.39 -17.60
N HIS A 543 -17.81 11.06 -17.04
CA HIS A 543 -17.76 12.54 -17.01
C HIS A 543 -17.66 13.12 -18.42
N GLU A 544 -18.22 14.32 -18.59
CA GLU A 544 -18.27 14.98 -19.89
C GLU A 544 -16.95 15.65 -20.21
N ASP A 545 -16.36 15.28 -21.34
CA ASP A 545 -15.10 15.83 -21.80
C ASP A 545 -15.27 17.23 -22.39
N LEU A 546 -14.23 18.05 -22.30
CA LEU A 546 -14.21 19.34 -23.00
C LEU A 546 -13.90 19.14 -24.49
N ASP A 547 -14.18 20.17 -25.28
CA ASP A 547 -14.01 20.14 -26.74
C ASP A 547 -12.66 20.77 -27.14
N PRO A 548 -11.75 19.98 -27.78
CA PRO A 548 -10.50 20.57 -28.29
C PRO A 548 -10.66 21.57 -29.46
N ASP A 549 -11.79 21.49 -30.18
CA ASP A 549 -12.07 22.39 -31.32
C ASP A 549 -12.63 23.78 -30.93
N SER A 550 -12.54 24.17 -29.66
CA SER A 550 -12.86 25.54 -29.23
C SER A 550 -11.92 26.58 -29.84
N ILE A 551 -10.65 26.20 -30.04
CA ILE A 551 -9.66 27.03 -30.73
C ILE A 551 -9.07 26.24 -31.89
N GLN A 552 -8.82 26.94 -33.00
CA GLN A 552 -8.30 26.33 -34.24
C GLN A 552 -6.82 25.96 -34.10
N ARG A 553 -6.03 26.90 -33.59
CA ARG A 553 -4.59 26.70 -33.32
C ARG A 553 -3.82 26.36 -34.60
N ARG A 554 -3.63 27.37 -35.44
CA ARG A 554 -3.01 27.19 -36.75
C ARG A 554 -1.49 27.07 -36.64
N SER A 564 -1.22 37.15 -34.69
CA SER A 564 -0.98 35.98 -33.85
C SER A 564 -2.27 35.34 -33.35
N ILE A 565 -3.08 36.13 -32.65
CA ILE A 565 -4.38 35.69 -32.12
C ILE A 565 -5.51 36.53 -32.72
N THR A 566 -6.65 35.89 -32.96
CA THR A 566 -7.88 36.59 -33.39
C THR A 566 -9.05 36.11 -32.55
N VAL A 567 -9.78 37.07 -31.97
CA VAL A 567 -10.95 36.80 -31.12
C VAL A 567 -12.09 37.71 -31.59
N LYS A 568 -13.27 37.12 -31.79
CA LYS A 568 -14.45 37.84 -32.26
C LYS A 568 -15.75 37.19 -31.80
N ASN A 569 -16.57 37.94 -31.07
CA ASN A 569 -17.92 37.52 -30.66
C ASN A 569 -17.89 36.24 -29.81
N ALA A 570 -16.92 36.16 -28.90
CA ALA A 570 -16.65 34.96 -28.11
C ALA A 570 -17.32 35.00 -26.74
N THR A 571 -17.89 33.86 -26.31
CA THR A 571 -18.54 33.75 -25.00
C THR A 571 -18.42 32.33 -24.41
N PHE A 572 -18.07 32.28 -23.12
CA PHE A 572 -17.74 31.02 -22.42
C PHE A 572 -17.86 31.17 -20.90
N THR A 573 -17.84 30.04 -20.20
CA THR A 573 -17.91 30.04 -18.72
C THR A 573 -17.39 28.72 -18.11
N TRP A 574 -17.12 28.76 -16.81
CA TRP A 574 -16.55 27.62 -16.09
C TRP A 574 -17.49 26.41 -16.04
N ALA A 575 -18.70 26.66 -15.54
CA ALA A 575 -19.73 25.61 -15.40
C ALA A 575 -20.50 25.40 -16.71
N ARG A 576 -21.49 24.51 -16.68
CA ARG A 576 -22.33 24.22 -17.85
C ARG A 576 -23.40 25.29 -18.10
N ASN A 577 -24.09 25.70 -17.03
CA ASN A 577 -25.24 26.62 -17.13
C ASN A 577 -25.22 27.76 -16.09
N ASP A 578 -24.04 28.17 -15.64
CA ASP A 578 -23.89 29.32 -14.74
C ASP A 578 -23.87 30.64 -15.53
N PRO A 579 -24.02 31.80 -14.85
CA PRO A 579 -23.89 33.09 -15.55
C PRO A 579 -22.47 33.34 -16.07
N PRO A 580 -22.30 33.55 -17.40
CA PRO A 580 -20.95 33.72 -17.95
C PRO A 580 -20.19 34.97 -17.49
N THR A 581 -18.86 34.85 -17.42
CA THR A 581 -17.99 35.98 -17.05
C THR A 581 -17.69 36.83 -18.29
N LEU A 582 -16.94 36.27 -19.25
CA LEU A 582 -16.57 36.97 -20.48
C LEU A 582 -17.50 36.57 -21.61
N HIS A 583 -18.02 37.59 -22.34
CA HIS A 583 -18.98 37.36 -23.41
C HIS A 583 -18.96 38.50 -24.44
N GLY A 584 -19.11 38.15 -25.72
CA GLY A 584 -19.16 39.11 -26.82
C GLY A 584 -17.91 39.96 -27.01
N ILE A 585 -16.75 39.44 -26.58
CA ILE A 585 -15.50 40.21 -26.62
C ILE A 585 -14.81 40.04 -27.98
N THR A 586 -14.37 41.15 -28.56
CA THR A 586 -13.79 41.19 -29.91
C THR A 586 -12.52 42.05 -29.94
N PHE A 587 -11.37 41.41 -30.09
CA PHE A 587 -10.07 42.10 -30.17
C PHE A 587 -9.08 41.35 -31.07
N SER A 588 -8.04 42.07 -31.50
CA SER A 588 -7.00 41.52 -32.37
C SER A 588 -5.61 42.03 -32.00
N VAL A 589 -4.61 41.17 -32.20
CA VAL A 589 -3.22 41.45 -31.84
C VAL A 589 -2.33 41.26 -33.08
N PRO A 590 -1.58 42.32 -33.49
CA PRO A 590 -0.58 42.17 -34.56
C PRO A 590 0.54 41.19 -34.23
N GLU A 591 1.13 40.60 -35.28
CA GLU A 591 2.14 39.56 -35.13
C GLU A 591 3.48 40.12 -34.63
N GLY A 592 4.05 39.48 -33.61
CA GLY A 592 5.30 39.92 -33.00
C GLY A 592 5.12 41.22 -32.23
N SER A 593 4.53 41.10 -31.04
CA SER A 593 4.12 42.26 -30.24
C SER A 593 4.24 42.02 -28.73
N LEU A 594 3.94 43.05 -27.95
CA LEU A 594 3.86 42.97 -26.49
C LEU A 594 2.56 43.62 -25.99
N VAL A 595 1.63 42.78 -25.50
CA VAL A 595 0.26 43.17 -25.13
C VAL A 595 0.11 43.19 -23.61
N ALA A 596 -0.78 44.06 -23.12
CA ALA A 596 -1.10 44.17 -21.69
C ALA A 596 -2.60 44.07 -21.40
N VAL A 597 -2.93 43.57 -20.20
CA VAL A 597 -4.30 43.48 -19.70
C VAL A 597 -4.35 44.08 -18.29
N VAL A 598 -5.38 44.88 -18.01
CA VAL A 598 -5.51 45.57 -16.71
C VAL A 598 -6.96 45.66 -16.24
N GLY A 599 -7.13 45.89 -14.93
CA GLY A 599 -8.43 45.99 -14.29
C GLY A 599 -8.40 45.71 -12.79
N GLN A 600 -9.49 46.02 -12.11
CA GLN A 600 -9.65 45.74 -10.68
C GLN A 600 -9.92 44.24 -10.42
N VAL A 601 -10.03 43.86 -9.14
CA VAL A 601 -10.30 42.46 -8.76
C VAL A 601 -11.66 41.96 -9.28
N GLY A 602 -11.65 40.77 -9.87
CA GLY A 602 -12.87 40.12 -10.37
C GLY A 602 -13.45 40.72 -11.64
N CYS A 603 -12.61 40.88 -12.67
CA CYS A 603 -13.03 41.37 -14.00
C CYS A 603 -13.08 40.31 -15.10
N GLY A 604 -12.45 39.15 -14.87
CA GLY A 604 -12.35 38.07 -15.86
C GLY A 604 -10.97 37.86 -16.46
N LYS A 605 -9.97 38.59 -15.96
CA LYS A 605 -8.58 38.44 -16.41
C LYS A 605 -8.03 37.02 -16.31
N SER A 606 -8.34 36.33 -15.22
CA SER A 606 -7.97 34.93 -15.03
C SER A 606 -8.66 34.03 -16.06
N SER A 607 -9.94 34.32 -16.32
CA SER A 607 -10.73 33.60 -17.32
C SER A 607 -10.29 33.87 -18.76
N LEU A 608 -9.74 35.05 -19.05
CA LEU A 608 -9.25 35.38 -20.39
C LEU A 608 -8.06 34.52 -20.81
N LEU A 609 -7.08 34.37 -19.92
CA LEU A 609 -5.93 33.48 -20.16
C LEU A 609 -6.29 32.00 -20.11
N SER A 610 -7.34 31.67 -19.36
CA SER A 610 -7.92 30.32 -19.38
C SER A 610 -8.66 30.02 -20.69
N ALA A 611 -9.29 31.05 -21.26
CA ALA A 611 -10.05 30.92 -22.52
C ALA A 611 -9.16 30.65 -23.72
N LEU A 612 -8.17 31.51 -23.94
CA LEU A 612 -7.19 31.32 -25.04
C LEU A 612 -6.33 30.06 -24.90
N LEU A 613 -6.21 29.54 -23.68
CA LEU A 613 -5.61 28.24 -23.42
C LEU A 613 -6.54 27.05 -23.75
N ALA A 614 -7.84 27.33 -23.92
CA ALA A 614 -8.88 26.34 -24.23
C ALA A 614 -9.18 25.42 -23.04
N GLU A 615 -9.52 26.02 -21.91
CA GLU A 615 -9.92 25.32 -20.70
C GLU A 615 -11.26 25.86 -20.19
N MET A 616 -12.20 26.05 -21.11
CA MET A 616 -13.50 26.65 -20.79
C MET A 616 -14.52 26.39 -21.91
N ASP A 617 -15.76 26.08 -21.54
CA ASP A 617 -16.80 25.71 -22.50
C ASP A 617 -17.39 26.93 -23.22
N LYS A 618 -17.08 27.04 -24.51
CA LYS A 618 -17.55 28.16 -25.35
C LYS A 618 -18.94 27.88 -25.92
N VAL A 619 -19.76 28.92 -26.02
CA VAL A 619 -21.11 28.83 -26.59
C VAL A 619 -21.07 29.19 -28.08
N GLU A 620 -20.52 30.36 -28.39
CA GLU A 620 -20.39 30.84 -29.77
C GLU A 620 -19.22 31.80 -29.94
N GLY A 621 -18.63 31.79 -31.14
CA GLY A 621 -17.53 32.70 -31.49
C GLY A 621 -16.44 32.07 -32.35
N HIS A 622 -15.63 32.93 -32.96
CA HIS A 622 -14.41 32.54 -33.69
C HIS A 622 -13.19 32.99 -32.90
N VAL A 623 -12.36 32.04 -32.46
CA VAL A 623 -11.15 32.31 -31.67
C VAL A 623 -9.99 31.48 -32.21
N THR A 624 -9.00 32.15 -32.82
CA THR A 624 -7.82 31.44 -33.39
C THR A 624 -6.49 31.98 -32.83
N VAL A 625 -5.48 31.10 -32.82
CA VAL A 625 -4.11 31.41 -32.37
C VAL A 625 -3.11 30.78 -33.34
N LYS A 626 -1.95 31.42 -33.50
CA LYS A 626 -0.89 30.93 -34.41
C LYS A 626 0.28 30.29 -33.64
N GLY A 627 0.74 29.13 -34.11
CA GLY A 627 1.94 28.48 -33.59
C GLY A 627 1.79 27.88 -32.20
N SER A 628 2.94 27.59 -31.57
CA SER A 628 2.99 27.02 -30.22
C SER A 628 2.65 28.06 -29.14
N VAL A 629 2.29 27.56 -27.96
CA VAL A 629 1.80 28.41 -26.87
C VAL A 629 2.48 28.02 -25.54
N ALA A 630 2.80 29.03 -24.73
CA ALA A 630 3.31 28.83 -23.36
C ALA A 630 2.35 29.42 -22.33
N TYR A 631 2.48 28.97 -21.08
CA TYR A 631 1.56 29.36 -20.00
C TYR A 631 2.22 29.20 -18.63
N VAL A 632 1.96 30.17 -17.73
CA VAL A 632 2.42 30.14 -16.34
C VAL A 632 1.23 30.46 -15.43
N PRO A 633 0.89 29.54 -14.49
CA PRO A 633 -0.23 29.78 -13.57
C PRO A 633 0.17 30.61 -12.34
N GLN A 634 -0.85 31.04 -11.57
CA GLN A 634 -0.64 31.78 -10.32
C GLN A 634 -0.04 30.89 -9.24
N GLN A 635 -0.56 29.66 -9.13
CA GLN A 635 0.01 28.63 -8.28
C GLN A 635 1.03 27.84 -9.11
N ALA A 636 2.31 28.17 -8.93
CA ALA A 636 3.40 27.56 -9.71
C ALA A 636 3.51 26.05 -9.45
N TRP A 637 3.24 25.27 -10.50
CA TRP A 637 3.26 23.82 -10.40
C TRP A 637 4.70 23.29 -10.45
N ILE A 638 5.20 22.90 -9.27
CA ILE A 638 6.53 22.29 -9.14
C ILE A 638 6.42 20.77 -9.14
N GLN A 639 7.37 20.11 -9.79
CA GLN A 639 7.39 18.65 -9.91
C GLN A 639 8.40 18.07 -8.91
N ASN A 640 8.58 16.75 -8.92
CA ASN A 640 9.55 16.05 -8.05
C ASN A 640 10.93 15.83 -8.72
N ILE A 641 11.03 16.12 -10.02
CA ILE A 641 12.24 15.80 -10.80
C ILE A 641 13.27 16.90 -10.54
N SER A 642 14.55 16.60 -10.72
CA SER A 642 15.63 17.59 -10.51
C SER A 642 15.44 18.91 -11.29
N LEU A 643 15.85 20.01 -10.67
CA LEU A 643 15.62 21.38 -11.18
C LEU A 643 16.00 21.55 -12.65
N ARG A 644 17.14 20.97 -13.03
CA ARG A 644 17.57 20.93 -14.43
C ARG A 644 16.53 20.25 -15.32
N GLU A 645 16.08 19.07 -14.91
CA GLU A 645 15.07 18.32 -15.66
C GLU A 645 13.69 19.00 -15.65
N ASN A 646 13.40 19.76 -14.60
CA ASN A 646 12.16 20.54 -14.50
C ASN A 646 12.20 21.78 -15.38
N ILE A 647 13.37 22.42 -15.46
CA ILE A 647 13.58 23.57 -16.37
C ILE A 647 13.61 23.12 -17.85
N LEU A 648 14.25 21.99 -18.13
CA LEU A 648 14.26 21.41 -19.49
C LEU A 648 12.89 20.88 -19.91
N PHE A 649 12.24 20.17 -18.98
CA PHE A 649 10.84 19.73 -19.13
C PHE A 649 10.62 18.88 -20.39
N GLY A 650 11.49 17.87 -20.57
CA GLY A 650 11.44 16.97 -21.72
C GLY A 650 12.50 17.23 -22.78
N ARG A 651 12.88 18.50 -22.97
CA ARG A 651 13.80 18.88 -24.04
C ARG A 651 15.26 18.53 -23.76
N GLN A 652 16.07 18.53 -24.81
CA GLN A 652 17.49 18.19 -24.73
C GLN A 652 18.30 19.30 -24.06
N LEU A 653 19.31 18.91 -23.30
CA LEU A 653 20.12 19.87 -22.51
C LEU A 653 21.16 20.61 -23.37
N GLN A 654 20.79 21.81 -23.80
CA GLN A 654 21.71 22.76 -24.43
C GLN A 654 22.21 23.69 -23.34
N GLU A 655 23.51 23.70 -23.09
CA GLU A 655 24.09 24.33 -21.88
C GLU A 655 24.12 25.86 -21.90
N ARG A 656 24.52 26.46 -23.02
CA ARG A 656 24.70 27.92 -23.11
C ARG A 656 23.39 28.70 -23.06
N TYR A 657 22.37 28.20 -23.76
CA TYR A 657 21.02 28.77 -23.70
C TYR A 657 20.42 28.58 -22.30
N TYR A 658 20.58 27.38 -21.75
CA TYR A 658 20.16 27.06 -20.38
C TYR A 658 20.81 27.99 -19.34
N LYS A 659 22.10 28.26 -19.52
CA LYS A 659 22.80 29.23 -18.67
C LYS A 659 22.21 30.62 -18.92
N ALA A 660 22.14 31.02 -20.20
CA ALA A 660 21.61 32.32 -20.61
C ALA A 660 20.23 32.63 -20.00
N VAL A 661 19.33 31.65 -19.99
CA VAL A 661 18.04 31.81 -19.28
C VAL A 661 18.19 31.78 -17.75
N VAL A 662 19.10 30.94 -17.24
CA VAL A 662 19.42 30.91 -15.80
C VAL A 662 19.97 32.27 -15.34
N GLU A 663 20.78 32.90 -16.18
CA GLU A 663 21.29 34.26 -15.93
C GLU A 663 20.15 35.28 -16.07
N ALA A 664 19.48 35.26 -17.23
CA ALA A 664 18.39 36.20 -17.54
C ALA A 664 17.25 36.21 -16.52
N CYS A 665 16.90 35.03 -15.99
CA CYS A 665 15.90 34.92 -14.93
C CYS A 665 16.41 35.42 -13.57
N ALA A 666 17.73 35.48 -13.39
CA ALA A 666 18.39 35.94 -12.17
C ALA A 666 18.12 35.00 -10.99
N LEU A 667 18.42 33.71 -11.21
CA LEU A 667 18.30 32.66 -10.18
C LEU A 667 19.66 32.21 -9.61
N LEU A 668 20.75 32.90 -9.99
CA LEU A 668 22.11 32.53 -9.54
C LEU A 668 22.33 32.67 -8.02
N PRO A 669 21.83 33.77 -7.41
CA PRO A 669 21.90 33.89 -5.94
C PRO A 669 21.08 32.83 -5.17
N ASP A 670 19.87 32.57 -5.65
CA ASP A 670 18.99 31.55 -5.05
C ASP A 670 19.45 30.11 -5.34
N LEU A 671 20.20 29.92 -6.43
CA LEU A 671 20.76 28.60 -6.79
C LEU A 671 21.98 28.27 -5.93
N GLU A 672 22.88 29.24 -5.78
CA GLU A 672 24.13 29.04 -5.03
C GLU A 672 23.90 28.81 -3.52
N ILE A 673 22.87 29.44 -2.95
CA ILE A 673 22.55 29.30 -1.52
C ILE A 673 21.93 27.94 -1.15
N LEU A 674 21.48 27.16 -2.15
CA LEU A 674 20.95 25.81 -1.90
C LEU A 674 22.03 24.87 -1.32
N PRO A 675 21.63 23.88 -0.50
CA PRO A 675 22.63 22.98 0.12
C PRO A 675 23.47 22.16 -0.87
N SER A 676 22.81 21.45 -1.78
CA SER A 676 23.49 20.53 -2.70
C SER A 676 23.56 21.04 -4.16
N GLY A 677 23.52 22.36 -4.34
CA GLY A 677 23.75 22.97 -5.65
C GLY A 677 22.57 22.94 -6.60
N ASP A 678 22.85 22.78 -7.89
CA ASP A 678 21.84 22.83 -8.95
C ASP A 678 21.08 21.51 -9.06
N ARG A 679 21.82 20.41 -9.19
CA ARG A 679 21.24 19.07 -9.27
C ARG A 679 20.69 18.67 -7.89
N THR A 680 19.46 19.11 -7.60
CA THR A 680 18.81 18.87 -6.32
C THR A 680 17.31 18.65 -6.50
N GLU A 681 16.69 18.04 -5.50
CA GLU A 681 15.24 17.86 -5.46
C GLU A 681 14.52 19.21 -5.28
N ILE A 682 13.40 19.37 -5.98
CA ILE A 682 12.64 20.60 -5.99
C ILE A 682 11.90 20.82 -4.66
N GLY A 683 11.33 19.75 -4.12
CA GLY A 683 10.57 19.82 -2.86
C GLY A 683 9.16 19.26 -2.86
N GLU A 684 8.80 18.46 -3.87
CA GLU A 684 7.61 17.60 -3.77
C GLU A 684 7.84 16.69 -2.56
N LYS A 685 9.05 16.11 -2.53
CA LYS A 685 9.57 15.38 -1.38
C LYS A 685 10.98 15.90 -1.10
N GLY A 686 11.07 16.87 -0.20
CA GLY A 686 12.36 17.49 0.18
C GLY A 686 12.20 18.84 0.85
N VAL A 687 13.26 19.65 0.79
CA VAL A 687 13.25 21.01 1.36
C VAL A 687 12.58 21.95 0.35
N ASN A 688 11.74 22.84 0.84
CA ASN A 688 10.90 23.71 0.00
C ASN A 688 11.58 25.02 -0.42
N LEU A 689 11.01 25.65 -1.45
CA LEU A 689 11.38 26.99 -1.89
C LEU A 689 10.28 27.99 -1.53
N SER A 690 10.57 29.28 -1.71
CA SER A 690 9.58 30.33 -1.48
C SER A 690 8.70 30.52 -2.72
N GLY A 691 7.61 31.26 -2.55
CA GLY A 691 6.63 31.50 -3.63
C GLY A 691 7.21 32.13 -4.87
N GLY A 692 7.96 33.21 -4.68
CA GLY A 692 8.65 33.91 -5.78
C GLY A 692 9.67 33.06 -6.52
N GLN A 693 10.38 32.20 -5.77
CA GLN A 693 11.32 31.26 -6.37
C GLN A 693 10.63 30.22 -7.27
N LYS A 694 9.48 29.72 -6.83
CA LYS A 694 8.67 28.79 -7.64
C LYS A 694 8.16 29.43 -8.94
N GLN A 695 7.77 30.71 -8.87
CA GLN A 695 7.38 31.48 -10.06
C GLN A 695 8.55 31.67 -11.02
N ARG A 696 9.73 31.95 -10.46
CA ARG A 696 10.97 32.06 -11.26
C ARG A 696 11.39 30.70 -11.83
N VAL A 697 11.21 29.63 -11.04
CA VAL A 697 11.43 28.25 -11.49
C VAL A 697 10.50 27.89 -12.64
N SER A 698 9.23 28.26 -12.51
CA SER A 698 8.24 28.04 -13.58
C SER A 698 8.54 28.88 -14.83
N LEU A 699 8.88 30.15 -14.61
CA LEU A 699 9.20 31.08 -15.70
C LEU A 699 10.43 30.64 -16.51
N ALA A 700 11.39 29.99 -15.85
CA ALA A 700 12.56 29.42 -16.53
C ALA A 700 12.14 28.34 -17.54
N ARG A 701 11.28 27.43 -17.08
CA ARG A 701 10.67 26.39 -17.92
C ARG A 701 9.83 27.01 -19.04
N ALA A 702 9.05 28.03 -18.68
CA ALA A 702 8.21 28.76 -19.65
C ALA A 702 9.05 29.41 -20.76
N VAL A 703 10.12 30.09 -20.37
CA VAL A 703 11.03 30.75 -21.31
C VAL A 703 11.82 29.72 -22.14
N TYR A 704 12.39 28.72 -21.47
CA TYR A 704 13.27 27.74 -22.13
C TYR A 704 12.64 26.97 -23.30
N CYS A 705 11.33 26.69 -23.21
CA CYS A 705 10.64 25.89 -24.23
C CYS A 705 10.66 26.54 -25.63
N ASP A 706 10.64 27.88 -25.67
CA ASP A 706 10.73 28.67 -26.90
C ASP A 706 9.55 28.43 -27.86
N SER A 707 8.37 28.85 -27.39
CA SER A 707 7.14 28.81 -28.18
C SER A 707 6.92 30.12 -28.93
N ASP A 708 5.88 30.17 -29.77
CA ASP A 708 5.51 31.38 -30.50
C ASP A 708 4.79 32.36 -29.58
N VAL A 709 3.70 31.89 -28.95
CA VAL A 709 2.86 32.73 -28.08
C VAL A 709 3.23 32.49 -26.59
N TYR A 710 3.29 33.60 -25.84
CA TYR A 710 3.65 33.58 -24.42
C TYR A 710 2.56 34.24 -23.55
N LEU A 711 1.89 33.42 -22.75
CA LEU A 711 0.86 33.86 -21.81
C LEU A 711 1.44 33.84 -20.39
N LEU A 712 1.31 34.96 -19.67
CA LEU A 712 1.81 35.07 -18.29
C LEU A 712 0.79 35.73 -17.37
N ASP A 713 0.54 35.09 -16.22
CA ASP A 713 -0.51 35.50 -15.29
C ASP A 713 0.05 35.79 -13.89
N ASP A 714 0.44 37.05 -13.69
CA ASP A 714 0.99 37.54 -12.42
C ASP A 714 2.16 36.66 -11.89
N PRO A 715 3.30 36.64 -12.62
CA PRO A 715 4.48 35.97 -12.09
C PRO A 715 5.16 36.76 -10.96
N LEU A 716 4.98 38.08 -10.94
CA LEU A 716 5.72 38.97 -10.04
C LEU A 716 5.17 38.94 -8.62
N SER A 717 5.65 37.96 -7.85
CA SER A 717 5.48 37.93 -6.39
C SER A 717 6.87 37.73 -5.76
N ALA A 718 7.84 38.49 -6.28
CA ALA A 718 9.26 38.30 -5.97
C ALA A 718 9.72 39.22 -4.84
N VAL A 719 10.97 39.04 -4.41
CA VAL A 719 11.58 39.83 -3.33
C VAL A 719 11.74 41.32 -3.65
N ASP A 720 12.17 41.63 -4.88
CA ASP A 720 12.47 43.02 -5.28
C ASP A 720 11.91 43.35 -6.66
N ALA A 721 11.32 44.54 -6.79
CA ALA A 721 10.94 45.08 -8.10
C ALA A 721 12.12 45.18 -9.07
N HIS A 722 13.33 45.26 -8.54
CA HIS A 722 14.56 45.16 -9.34
C HIS A 722 14.77 43.74 -9.92
N VAL A 723 14.32 42.70 -9.22
CA VAL A 723 14.24 41.34 -9.80
C VAL A 723 13.21 41.35 -10.94
N GLY A 724 12.11 42.05 -10.71
CA GLY A 724 11.15 42.39 -11.76
C GLY A 724 11.80 43.01 -12.96
N LYS A 725 12.63 44.03 -12.73
CA LYS A 725 13.42 44.68 -13.80
C LYS A 725 14.41 43.72 -14.48
N HIS A 726 15.12 42.90 -13.69
CA HIS A 726 16.00 41.86 -14.25
C HIS A 726 15.21 40.93 -15.17
N ILE A 727 14.06 40.47 -14.69
CA ILE A 727 13.17 39.62 -15.49
C ILE A 727 12.53 40.41 -16.65
N PHE A 728 12.14 41.66 -16.41
CA PHE A 728 11.48 42.48 -17.43
C PHE A 728 12.41 42.93 -18.55
N GLU A 729 13.62 43.38 -18.19
CA GLU A 729 14.60 43.85 -19.18
C GLU A 729 15.18 42.73 -20.05
N ASN A 730 15.38 41.55 -19.46
CA ASN A 730 16.06 40.44 -20.14
C ASN A 730 15.17 39.49 -20.97
N VAL A 731 13.87 39.40 -20.65
CA VAL A 731 12.93 38.57 -21.45
C VAL A 731 11.57 39.20 -21.81
N ILE A 732 10.92 39.90 -20.88
CA ILE A 732 9.57 40.45 -21.13
C ILE A 732 9.60 41.69 -22.04
N GLY A 733 10.49 42.62 -21.75
CA GLY A 733 10.54 43.92 -22.44
C GLY A 733 11.05 43.88 -23.87
N PRO A 734 11.24 45.06 -24.49
CA PRO A 734 11.71 45.15 -25.87
C PRO A 734 13.20 44.82 -26.08
N LYS A 735 14.03 45.14 -25.09
CA LYS A 735 15.48 44.87 -25.16
C LYS A 735 15.88 43.42 -24.88
N GLY A 736 14.98 42.62 -24.31
CA GLY A 736 15.28 41.25 -23.89
C GLY A 736 15.40 40.22 -24.99
N LEU A 737 15.26 38.94 -24.61
CA LEU A 737 15.33 37.81 -25.54
C LEU A 737 14.24 37.87 -26.62
N LEU A 738 12.99 37.79 -26.19
CA LEU A 738 11.86 37.73 -27.13
C LEU A 738 11.53 39.10 -27.70
N LYS A 739 12.30 39.48 -28.73
CA LYS A 739 12.07 40.71 -29.48
C LYS A 739 11.01 40.47 -30.57
N ASN A 740 11.16 39.36 -31.29
CA ASN A 740 10.28 39.01 -32.42
C ASN A 740 9.07 38.13 -32.03
N LYS A 741 9.18 37.39 -30.93
CA LYS A 741 8.11 36.48 -30.49
C LYS A 741 6.90 37.21 -29.90
N THR A 742 5.72 36.60 -30.04
CA THR A 742 4.48 37.12 -29.48
C THR A 742 4.45 36.87 -27.97
N ARG A 743 4.01 37.89 -27.23
CA ARG A 743 3.97 37.86 -25.78
C ARG A 743 2.79 38.69 -25.27
N LEU A 744 2.09 38.17 -24.26
CA LEU A 744 1.02 38.94 -23.59
C LEU A 744 0.97 38.57 -22.10
N LEU A 745 0.90 39.60 -21.26
CA LEU A 745 1.03 39.45 -19.80
C LEU A 745 -0.03 40.27 -19.09
N VAL A 746 -0.90 39.61 -18.33
CA VAL A 746 -1.79 40.27 -17.38
C VAL A 746 -1.08 40.39 -16.02
N THR A 747 -1.34 41.48 -15.32
CA THR A 747 -0.73 41.73 -14.01
C THR A 747 -1.44 42.81 -13.20
N HIS A 748 -1.21 42.78 -11.89
CA HIS A 748 -1.76 43.76 -10.95
C HIS A 748 -0.85 44.99 -10.80
N ALA A 749 0.46 44.80 -10.97
CA ALA A 749 1.44 45.89 -10.82
C ALA A 749 1.31 46.97 -11.89
N ILE A 750 1.77 48.18 -11.54
CA ILE A 750 1.67 49.37 -12.40
C ILE A 750 3.06 49.98 -12.57
N SER A 751 4.04 49.14 -12.90
CA SER A 751 5.44 49.55 -13.01
C SER A 751 5.76 50.07 -14.41
N TYR A 752 5.51 49.24 -15.42
CA TYR A 752 5.84 49.55 -16.81
C TYR A 752 4.67 49.30 -17.76
N LEU A 753 3.62 50.09 -17.57
CA LEU A 753 2.51 50.16 -18.52
C LEU A 753 2.89 50.78 -19.87
N PRO A 754 3.65 51.91 -19.86
CA PRO A 754 3.99 52.55 -21.15
C PRO A 754 4.99 51.81 -22.05
N GLN A 755 5.75 50.87 -21.49
CA GLN A 755 6.77 50.13 -22.25
C GLN A 755 6.18 49.19 -23.31
N MET A 756 5.03 48.60 -23.03
CA MET A 756 4.41 47.60 -23.92
C MET A 756 3.77 48.24 -25.15
N ASP A 757 3.50 47.43 -26.16
CA ASP A 757 3.03 47.93 -27.46
C ASP A 757 1.55 48.30 -27.45
N VAL A 758 0.72 47.42 -26.89
CA VAL A 758 -0.72 47.66 -26.75
C VAL A 758 -1.24 47.19 -25.40
N ILE A 759 -2.39 47.74 -24.99
CA ILE A 759 -3.01 47.42 -23.70
C ILE A 759 -4.52 47.39 -23.85
N ILE A 760 -5.17 46.45 -23.15
CA ILE A 760 -6.64 46.35 -23.14
C ILE A 760 -7.18 46.34 -21.70
N VAL A 761 -8.34 46.96 -21.52
CA VAL A 761 -8.99 47.10 -20.21
C VAL A 761 -10.23 46.23 -20.19
N MET A 762 -10.47 45.55 -19.07
CA MET A 762 -11.68 44.74 -18.87
C MET A 762 -12.36 45.15 -17.56
N SER A 763 -13.67 45.34 -17.64
CA SER A 763 -14.48 45.75 -16.48
C SER A 763 -15.85 45.08 -16.53
N GLY A 764 -16.11 44.19 -15.58
CA GLY A 764 -17.35 43.43 -15.53
C GLY A 764 -17.51 42.44 -16.67
N GLY A 765 -16.39 41.90 -17.15
CA GLY A 765 -16.38 40.99 -18.29
C GLY A 765 -16.75 41.63 -19.62
N LYS A 766 -16.29 42.85 -19.83
CA LYS A 766 -16.48 43.58 -21.09
C LYS A 766 -15.28 44.48 -21.39
N ILE A 767 -14.83 44.47 -22.64
CA ILE A 767 -13.68 45.29 -23.05
C ILE A 767 -14.12 46.71 -23.46
N SER A 768 -13.43 47.72 -22.92
CA SER A 768 -13.80 49.12 -23.12
C SER A 768 -13.08 49.75 -24.31
N GLU A 769 -11.75 49.65 -24.31
CA GLU A 769 -10.92 50.29 -25.35
C GLU A 769 -9.55 49.61 -25.50
N MET A 770 -9.01 49.67 -26.72
CA MET A 770 -7.66 49.22 -27.04
C MET A 770 -6.84 50.40 -27.56
N GLY A 771 -5.53 50.35 -27.32
CA GLY A 771 -4.61 51.41 -27.78
C GLY A 771 -3.35 51.49 -26.95
N SER A 772 -2.41 52.34 -27.36
CA SER A 772 -1.15 52.55 -26.62
C SER A 772 -1.33 53.50 -25.43
N TYR A 773 -0.49 53.30 -24.40
CA TYR A 773 -0.57 54.04 -23.13
C TYR A 773 -0.81 55.54 -23.31
N GLN A 774 0.03 56.17 -24.13
CA GLN A 774 -0.09 57.59 -24.46
C GLN A 774 -1.40 57.91 -25.18
N GLU A 775 -1.76 57.07 -26.16
CA GLU A 775 -3.01 57.24 -26.94
C GLU A 775 -4.25 57.17 -26.05
N LEU A 776 -4.27 56.24 -25.09
CA LEU A 776 -5.38 56.09 -24.17
C LEU A 776 -5.38 57.12 -23.04
N LEU A 777 -4.21 57.40 -22.46
CA LEU A 777 -4.11 58.33 -21.31
C LEU A 777 -4.65 59.74 -21.61
N ALA A 778 -4.57 60.17 -22.88
CA ALA A 778 -5.17 61.43 -23.34
C ALA A 778 -6.57 61.27 -23.97
N ARG A 779 -7.26 60.15 -23.70
CA ARG A 779 -8.58 59.87 -24.27
C ARG A 779 -9.75 60.10 -23.29
N ASP A 780 -9.44 60.22 -21.99
CA ASP A 780 -10.43 60.21 -20.90
C ASP A 780 -11.17 58.87 -20.83
N GLY A 781 -10.56 57.91 -20.12
CA GLY A 781 -11.08 56.55 -19.99
C GLY A 781 -10.96 55.99 -18.59
N ALA A 782 -11.64 54.88 -18.37
CA ALA A 782 -11.72 54.23 -17.05
C ALA A 782 -10.37 53.89 -16.43
N PHE A 783 -9.44 53.40 -17.25
CA PHE A 783 -8.12 52.98 -16.76
C PHE A 783 -7.34 54.13 -16.10
N ALA A 784 -7.59 55.37 -16.55
CA ALA A 784 -7.04 56.56 -15.90
C ALA A 784 -7.56 56.72 -14.46
N GLU A 785 -8.84 56.37 -14.25
CA GLU A 785 -9.41 56.32 -12.91
C GLU A 785 -8.89 55.11 -12.12
N PHE A 786 -8.78 53.96 -12.79
CA PHE A 786 -8.26 52.71 -12.18
C PHE A 786 -6.87 52.86 -11.52
N LEU A 787 -5.99 53.64 -12.13
CA LEU A 787 -4.63 53.89 -11.60
C LEU A 787 -4.60 54.35 -10.12
N ARG A 788 -5.60 55.14 -9.73
CA ARG A 788 -5.68 55.68 -8.37
C ARG A 788 -6.15 54.62 -7.38
N GLN A 877 18.88 -11.97 7.20
CA GLN A 877 18.13 -12.83 8.10
C GLN A 877 17.80 -12.13 9.42
N VAL A 878 16.60 -12.39 9.94
CA VAL A 878 16.19 -11.87 11.26
C VAL A 878 16.79 -12.71 12.40
N LYS A 879 17.07 -12.06 13.52
CA LYS A 879 17.69 -12.70 14.69
C LYS A 879 16.63 -13.09 15.71
N LEU A 880 16.88 -14.16 16.47
CA LEU A 880 15.94 -14.66 17.49
C LEU A 880 15.61 -13.61 18.56
N SER A 881 16.62 -12.81 18.93
CA SER A 881 16.44 -11.69 19.88
C SER A 881 15.30 -10.73 19.52
N VAL A 882 15.01 -10.58 18.21
CA VAL A 882 13.85 -9.80 17.75
C VAL A 882 12.54 -10.49 18.15
N TYR A 883 12.48 -11.81 17.96
CA TYR A 883 11.33 -12.61 18.41
C TYR A 883 11.20 -12.60 19.93
N TRP A 884 12.34 -12.68 20.63
CA TRP A 884 12.37 -12.56 22.10
C TRP A 884 11.93 -11.16 22.57
N ASP A 885 12.27 -10.13 21.79
CA ASP A 885 11.82 -8.75 22.07
C ASP A 885 10.29 -8.66 22.12
N TYR A 886 9.63 -9.28 21.14
CA TYR A 886 8.16 -9.34 21.11
C TYR A 886 7.62 -10.29 22.18
N MET A 887 8.19 -11.50 22.23
CA MET A 887 7.79 -12.52 23.22
C MET A 887 7.82 -11.98 24.65
N LYS A 888 8.85 -11.18 24.95
CA LYS A 888 8.91 -10.45 26.22
C LYS A 888 7.81 -9.40 26.31
N ALA A 889 7.66 -8.60 25.25
CA ALA A 889 6.73 -7.46 25.23
C ALA A 889 5.28 -7.80 25.60
N ILE A 890 4.82 -9.00 25.22
CA ILE A 890 3.49 -9.48 25.61
C ILE A 890 3.49 -9.81 27.11
N GLY A 891 4.55 -10.48 27.56
CA GLY A 891 4.65 -10.97 28.94
C GLY A 891 4.67 -12.49 28.90
N LEU A 892 5.60 -13.08 29.66
CA LEU A 892 5.84 -14.53 29.59
C LEU A 892 4.70 -15.40 30.14
N PHE A 893 3.86 -14.84 31.00
CA PHE A 893 2.71 -15.56 31.57
C PHE A 893 1.63 -15.87 30.52
N ILE A 894 1.26 -14.88 29.73
CA ILE A 894 0.21 -15.02 28.70
C ILE A 894 0.68 -15.94 27.57
N SER A 895 1.94 -15.77 27.16
CA SER A 895 2.58 -16.62 26.15
C SER A 895 2.61 -18.10 26.57
N PHE A 896 3.02 -18.35 27.81
CA PHE A 896 2.97 -19.69 28.39
C PHE A 896 1.53 -20.21 28.53
N LEU A 897 0.61 -19.32 28.93
CA LEU A 897 -0.82 -19.67 29.05
C LEU A 897 -1.43 -20.09 27.71
N SER A 898 -1.12 -19.35 26.64
CA SER A 898 -1.66 -19.66 25.31
C SER A 898 -1.13 -20.98 24.75
N ILE A 899 0.20 -21.12 24.73
CA ILE A 899 0.88 -22.33 24.23
C ILE A 899 0.39 -23.60 24.96
N PHE A 900 0.08 -23.47 26.24
CA PHE A 900 -0.58 -24.53 27.01
C PHE A 900 -1.97 -24.86 26.45
N LEU A 901 -2.75 -23.83 26.15
CA LEU A 901 -4.08 -24.00 25.54
C LEU A 901 -4.03 -24.60 24.13
N PHE A 902 -2.99 -24.24 23.36
CA PHE A 902 -2.78 -24.85 22.02
C PHE A 902 -2.58 -26.36 22.09
N LEU A 903 -1.68 -26.79 22.97
CA LEU A 903 -1.43 -28.21 23.20
C LEU A 903 -2.64 -28.90 23.83
N CYS A 904 -3.21 -28.28 24.86
CA CYS A 904 -4.42 -28.80 25.53
C CYS A 904 -5.61 -28.94 24.58
N ASN A 905 -5.70 -28.05 23.59
CA ASN A 905 -6.74 -28.13 22.56
C ASN A 905 -6.56 -29.36 21.67
N HIS A 906 -5.39 -29.46 21.05
CA HIS A 906 -5.09 -30.57 20.12
C HIS A 906 -5.13 -31.94 20.81
N VAL A 907 -4.59 -32.02 22.03
CA VAL A 907 -4.64 -33.25 22.83
C VAL A 907 -6.06 -33.81 22.86
N ALA A 908 -7.05 -32.96 23.12
CA ALA A 908 -8.46 -33.35 23.10
C ALA A 908 -8.91 -33.79 21.70
N SER A 909 -8.53 -33.02 20.69
CA SER A 909 -8.91 -33.31 19.29
C SER A 909 -8.43 -34.68 18.83
N LEU A 910 -7.14 -34.94 19.04
CA LEU A 910 -6.54 -36.22 18.66
C LEU A 910 -7.10 -37.40 19.48
N VAL A 911 -7.32 -37.18 20.78
CA VAL A 911 -7.89 -38.20 21.67
C VAL A 911 -9.36 -38.52 21.29
N SER A 912 -10.13 -37.50 20.93
CA SER A 912 -11.52 -37.69 20.51
C SER A 912 -11.64 -38.54 19.23
N ASN A 913 -10.72 -38.37 18.30
CA ASN A 913 -10.69 -39.16 17.07
C ASN A 913 -10.25 -40.61 17.34
N TYR A 914 -9.23 -40.79 18.17
CA TYR A 914 -8.75 -42.13 18.56
C TYR A 914 -9.79 -42.89 19.39
N TRP A 915 -10.50 -42.15 20.25
CA TRP A 915 -11.64 -42.71 21.01
C TRP A 915 -12.73 -43.22 20.06
N LEU A 916 -13.02 -42.44 19.01
CA LEU A 916 -13.97 -42.84 17.97
C LEU A 916 -13.44 -44.01 17.13
N SER A 917 -12.13 -44.03 16.86
CA SER A 917 -11.48 -45.15 16.16
C SER A 917 -11.64 -46.49 16.88
N LEU A 918 -11.66 -46.48 18.22
CA LEU A 918 -11.98 -47.69 19.01
C LEU A 918 -13.46 -48.08 18.89
N TRP A 919 -14.32 -47.08 18.86
CA TRP A 919 -15.78 -47.25 18.77
C TRP A 919 -16.22 -47.95 17.47
N THR A 920 -15.51 -47.71 16.37
CA THR A 920 -15.86 -48.28 15.06
C THR A 920 -15.92 -49.81 15.04
N ASP A 921 -15.00 -50.46 15.76
CA ASP A 921 -14.93 -51.93 15.84
C ASP A 921 -15.22 -52.43 17.25
N ASP A 922 -16.46 -52.85 17.49
CA ASP A 922 -16.90 -53.40 18.76
C ASP A 922 -17.77 -54.64 18.51
N PRO A 923 -17.88 -55.55 19.51
CA PRO A 923 -18.57 -56.82 19.29
C PRO A 923 -20.09 -56.69 19.11
N ILE A 924 -20.57 -56.97 17.89
CA ILE A 924 -22.01 -57.04 17.60
C ILE A 924 -22.61 -58.31 18.20
N VAL A 925 -23.83 -58.22 18.71
CA VAL A 925 -24.55 -59.36 19.30
C VAL A 925 -25.93 -59.40 18.59
N ASN A 926 -26.99 -59.97 19.17
CA ASN A 926 -28.34 -59.82 18.61
C ASN A 926 -28.75 -58.35 18.73
N GLY A 927 -28.42 -57.77 19.88
CA GLY A 927 -28.38 -56.33 20.06
C GLY A 927 -27.24 -55.69 19.28
N THR A 928 -27.38 -54.38 19.08
CA THR A 928 -26.52 -53.64 18.17
C THR A 928 -25.10 -53.36 18.67
N GLN A 929 -24.95 -52.69 19.82
CA GLN A 929 -23.63 -52.22 20.29
C GLN A 929 -23.24 -52.55 21.76
N GLU A 930 -24.07 -52.12 22.72
CA GLU A 930 -23.85 -52.25 24.19
C GLU A 930 -22.92 -51.17 24.83
N HIS A 931 -22.51 -50.15 24.06
CA HIS A 931 -21.65 -49.09 24.61
C HIS A 931 -22.01 -47.67 24.12
N THR A 932 -23.20 -47.50 23.53
CA THR A 932 -23.55 -46.27 22.81
C THR A 932 -23.57 -45.03 23.70
N GLN A 933 -24.38 -45.09 24.76
CA GLN A 933 -24.53 -43.96 25.70
C GLN A 933 -23.20 -43.58 26.35
N VAL A 934 -22.41 -44.60 26.71
CA VAL A 934 -21.14 -44.39 27.39
C VAL A 934 -20.08 -43.82 26.44
N ARG A 935 -19.99 -44.38 25.23
CA ARG A 935 -19.00 -43.93 24.24
C ARG A 935 -19.36 -42.58 23.62
N LEU A 936 -20.65 -42.34 23.37
CA LEU A 936 -21.10 -41.04 22.85
C LEU A 936 -20.86 -39.91 23.86
N SER A 937 -21.00 -40.21 25.16
CA SER A 937 -20.76 -39.25 26.23
C SER A 937 -19.32 -38.71 26.22
N VAL A 938 -18.36 -39.61 26.08
CA VAL A 938 -16.93 -39.25 26.10
C VAL A 938 -16.55 -38.44 24.87
N TYR A 939 -17.09 -38.80 23.70
CA TYR A 939 -16.84 -38.09 22.45
C TYR A 939 -17.25 -36.61 22.53
N GLY A 940 -18.46 -36.39 23.06
CA GLY A 940 -18.96 -35.03 23.30
C GLY A 940 -18.18 -34.27 24.35
N ALA A 941 -17.84 -34.95 25.46
CA ALA A 941 -17.10 -34.33 26.57
C ALA A 941 -15.76 -33.73 26.12
N LEU A 942 -14.96 -34.56 25.44
CA LEU A 942 -13.65 -34.14 24.91
C LEU A 942 -13.79 -32.97 23.93
N GLY A 943 -14.83 -33.02 23.10
CA GLY A 943 -15.08 -31.99 22.11
C GLY A 943 -15.55 -30.68 22.70
N ILE A 944 -16.47 -30.73 23.66
CA ILE A 944 -16.96 -29.51 24.33
C ILE A 944 -15.81 -28.75 24.99
N SER A 945 -14.78 -29.47 25.45
CA SER A 945 -13.53 -28.84 25.90
C SER A 945 -12.74 -28.23 24.74
N GLN A 946 -12.69 -28.95 23.61
CA GLN A 946 -11.97 -28.52 22.40
C GLN A 946 -12.40 -27.13 21.93
N GLY A 947 -13.71 -26.92 21.87
CA GLY A 947 -14.27 -25.61 21.52
C GLY A 947 -14.00 -24.52 22.54
N ILE A 948 -14.02 -24.88 23.83
CA ILE A 948 -13.70 -23.94 24.92
C ILE A 948 -12.23 -23.51 24.85
N THR A 949 -11.34 -24.46 24.59
CA THR A 949 -9.90 -24.16 24.48
C THR A 949 -9.58 -23.26 23.28
N VAL A 950 -10.13 -23.60 22.10
CA VAL A 950 -9.91 -22.81 20.86
C VAL A 950 -10.28 -21.34 21.06
N PHE A 951 -11.45 -21.11 21.66
CA PHE A 951 -11.89 -19.77 22.05
C PHE A 951 -10.90 -19.11 23.02
N GLY A 952 -10.35 -19.92 23.93
CA GLY A 952 -9.40 -19.44 24.95
C GLY A 952 -8.11 -18.85 24.42
N TYR A 953 -7.36 -19.61 23.61
CA TYR A 953 -6.07 -19.14 23.09
C TYR A 953 -6.23 -17.98 22.10
N SER A 954 -7.33 -17.98 21.35
CA SER A 954 -7.63 -16.90 20.42
C SER A 954 -7.85 -15.57 21.16
N MET A 955 -8.52 -15.63 22.31
CA MET A 955 -8.63 -14.48 23.21
C MET A 955 -7.30 -14.16 23.90
N ALA A 956 -6.59 -15.19 24.35
CA ALA A 956 -5.29 -15.03 25.02
C ALA A 956 -4.25 -14.32 24.15
N VAL A 957 -4.15 -14.72 22.89
CA VAL A 957 -3.25 -14.08 21.91
C VAL A 957 -3.71 -12.65 21.57
N SER A 958 -4.99 -12.51 21.23
CA SER A 958 -5.58 -11.23 20.83
C SER A 958 -5.52 -10.16 21.94
N ILE A 959 -5.81 -10.57 23.17
CA ILE A 959 -5.64 -9.69 24.34
C ILE A 959 -4.15 -9.40 24.56
N GLY A 960 -3.31 -10.44 24.41
CA GLY A 960 -1.85 -10.30 24.49
C GLY A 960 -1.30 -9.21 23.58
N GLY A 961 -1.65 -9.30 22.30
CA GLY A 961 -1.29 -8.28 21.30
C GLY A 961 -1.58 -6.83 21.69
N ILE A 962 -2.66 -6.62 22.46
CA ILE A 962 -2.99 -5.29 22.99
C ILE A 962 -2.00 -4.85 24.09
N PHE A 963 -1.53 -5.78 24.94
CA PHE A 963 -0.51 -5.45 25.96
C PHE A 963 0.81 -5.03 25.34
N ALA A 964 1.24 -5.78 24.33
CA ALA A 964 2.44 -5.45 23.55
C ALA A 964 2.29 -4.11 22.82
N SER A 965 1.15 -3.92 22.15
CA SER A 965 0.82 -2.66 21.48
C SER A 965 0.98 -1.45 22.40
N ARG A 966 0.32 -1.51 23.56
CA ARG A 966 0.30 -0.43 24.55
C ARG A 966 1.69 -0.09 25.09
N ARG A 967 2.42 -1.11 25.53
CA ARG A 967 3.78 -0.96 26.05
C ARG A 967 4.75 -0.46 24.98
N LEU A 968 4.69 -1.09 23.80
CA LEU A 968 5.60 -0.79 22.70
C LEU A 968 5.34 0.60 22.08
N HIS A 969 4.07 1.02 22.00
CA HIS A 969 3.74 2.38 21.52
C HIS A 969 4.22 3.48 22.45
N LEU A 970 3.87 3.36 23.74
CA LEU A 970 4.25 4.34 24.77
C LEU A 970 5.76 4.57 24.85
N ASP A 971 6.52 3.48 24.79
CA ASP A 971 7.99 3.52 24.83
C ASP A 971 8.62 4.31 23.68
N LEU A 972 8.03 4.21 22.48
CA LEU A 972 8.49 4.98 21.31
C LEU A 972 8.29 6.48 21.52
N LEU A 973 7.06 6.87 21.86
CA LEU A 973 6.71 8.26 22.11
C LEU A 973 7.52 8.85 23.27
N HIS A 974 7.63 8.07 24.35
CA HIS A 974 8.44 8.43 25.52
C HIS A 974 9.91 8.69 25.19
N ASN A 975 10.52 7.88 24.32
CA ASN A 975 11.90 8.09 23.91
C ASN A 975 12.07 9.32 23.02
N VAL A 976 11.32 9.34 21.92
CA VAL A 976 11.45 10.38 20.89
C VAL A 976 11.30 11.80 21.48
N LEU A 977 10.37 11.97 22.41
CA LEU A 977 10.22 13.25 23.14
C LEU A 977 11.47 13.66 23.94
N ARG A 978 12.13 12.68 24.57
CA ARG A 978 13.32 12.97 25.40
C ARG A 978 14.58 13.33 24.61
N SER A 979 14.67 12.91 23.35
CA SER A 979 15.86 13.11 22.52
C SER A 979 16.08 14.58 22.15
N PRO A 980 17.34 14.99 21.88
CA PRO A 980 17.61 16.40 21.61
C PRO A 980 17.22 16.83 20.19
N ILE A 981 17.20 18.15 19.96
CA ILE A 981 16.81 18.71 18.66
C ILE A 981 17.74 18.31 17.51
N SER A 982 19.00 17.98 17.85
CA SER A 982 19.95 17.37 16.91
C SER A 982 19.36 16.15 16.20
N PHE A 983 18.76 15.25 16.98
CA PHE A 983 18.11 14.04 16.43
C PHE A 983 16.96 14.36 15.47
N PHE A 984 16.16 15.38 15.79
CA PHE A 984 15.08 15.83 14.91
C PHE A 984 15.58 16.54 13.65
N GLU A 985 16.59 17.40 13.80
CA GLU A 985 17.19 18.11 12.66
C GLU A 985 17.98 17.19 11.71
N ARG A 986 18.72 16.24 12.28
CA ARG A 986 19.54 15.30 11.48
C ARG A 986 18.70 14.28 10.72
N THR A 987 17.84 13.56 11.44
CA THR A 987 17.05 12.46 10.88
C THR A 987 15.95 12.98 9.94
N PRO A 988 15.65 12.23 8.84
CA PRO A 988 14.52 12.60 7.97
C PRO A 988 13.16 12.55 8.67
N SER A 989 12.24 13.42 8.25
CA SER A 989 10.91 13.51 8.85
C SER A 989 10.04 12.33 8.45
N GLY A 990 9.92 12.11 7.13
CA GLY A 990 9.12 11.02 6.55
C GLY A 990 9.38 9.64 7.12
N ASN A 991 10.64 9.37 7.48
CA ASN A 991 11.02 8.11 8.13
C ASN A 991 10.37 7.94 9.51
N LEU A 992 10.17 9.06 10.23
CA LEU A 992 9.59 9.02 11.58
C LEU A 992 8.07 8.82 11.52
N VAL A 993 7.38 9.72 10.81
CA VAL A 993 5.92 9.64 10.62
C VAL A 993 5.45 8.28 10.02
N ASN A 994 6.33 7.65 9.24
CA ASN A 994 6.13 6.26 8.80
C ASN A 994 5.86 5.32 9.97
N ARG A 995 6.68 5.41 11.02
CA ARG A 995 6.67 4.44 12.13
C ARG A 995 5.35 4.39 12.91
N PHE A 996 4.82 5.55 13.26
CA PHE A 996 3.55 5.66 14.00
C PHE A 996 2.34 5.14 13.22
N SER A 997 2.29 5.42 11.92
CA SER A 997 1.22 4.94 11.05
C SER A 997 1.40 3.46 10.67
N LYS A 998 2.47 3.15 9.94
CA LYS A 998 2.64 1.83 9.31
C LYS A 998 2.95 0.68 10.28
N GLU A 999 3.92 0.88 11.16
CA GLU A 999 4.45 -0.22 11.98
C GLU A 999 3.48 -0.66 13.08
N LEU A 1000 2.80 0.30 13.71
CA LEU A 1000 1.74 -0.02 14.66
C LEU A 1000 0.48 -0.59 13.99
N ASP A 1001 0.24 -0.24 12.73
CA ASP A 1001 -0.78 -0.95 11.92
C ASP A 1001 -0.37 -2.40 11.68
N THR A 1002 0.93 -2.63 11.47
CA THR A 1002 1.46 -4.00 11.31
C THR A 1002 1.42 -4.80 12.62
N VAL A 1003 1.80 -4.17 13.74
CA VAL A 1003 1.86 -4.86 15.03
C VAL A 1003 0.47 -5.24 15.60
N ASP A 1004 -0.52 -4.37 15.41
CA ASP A 1004 -1.88 -4.60 15.96
C ASP A 1004 -2.67 -5.62 15.17
N SER A 1005 -2.86 -5.34 13.87
CA SER A 1005 -3.73 -6.15 13.00
C SER A 1005 -3.07 -7.42 12.46
N MET A 1006 -1.82 -7.30 11.99
CA MET A 1006 -1.16 -8.36 11.23
C MET A 1006 -0.60 -9.48 12.10
N ILE A 1007 0.18 -9.13 13.12
CA ILE A 1007 0.99 -10.10 13.87
C ILE A 1007 0.18 -11.12 14.70
N PRO A 1008 -0.89 -10.68 15.41
CA PRO A 1008 -1.73 -11.65 16.13
C PRO A 1008 -2.40 -12.71 15.25
N GLN A 1009 -2.93 -12.30 14.09
CA GLN A 1009 -3.65 -13.22 13.19
C GLN A 1009 -2.72 -14.22 12.52
N VAL A 1010 -1.54 -13.77 12.11
CA VAL A 1010 -0.53 -14.65 11.48
C VAL A 1010 -0.04 -15.73 12.45
N ILE A 1011 0.19 -15.37 13.71
CA ILE A 1011 0.67 -16.34 14.71
C ILE A 1011 -0.39 -17.38 15.11
N LYS A 1012 -1.67 -17.00 15.06
CA LYS A 1012 -2.78 -17.96 15.23
C LYS A 1012 -2.81 -18.99 14.09
N MET A 1013 -2.79 -18.49 12.85
CA MET A 1013 -2.81 -19.35 11.66
C MET A 1013 -1.53 -20.20 11.54
N PHE A 1014 -0.40 -19.64 11.99
CA PHE A 1014 0.86 -20.37 12.04
C PHE A 1014 0.78 -21.55 13.00
N MET A 1015 0.26 -21.29 14.20
CA MET A 1015 0.08 -22.32 15.23
C MET A 1015 -0.85 -23.45 14.78
N GLY A 1016 -2.00 -23.09 14.22
CA GLY A 1016 -3.00 -24.05 13.75
C GLY A 1016 -2.46 -25.03 12.73
N SER A 1017 -1.72 -24.51 11.74
CA SER A 1017 -1.08 -25.34 10.72
C SER A 1017 0.07 -26.18 11.27
N LEU A 1018 0.83 -25.63 12.21
CA LEU A 1018 2.00 -26.31 12.78
C LEU A 1018 1.63 -27.58 13.54
N PHE A 1019 0.69 -27.44 14.47
CA PHE A 1019 0.16 -28.60 15.22
C PHE A 1019 -0.71 -29.56 14.39
N ASN A 1020 -1.24 -29.10 13.25
CA ASN A 1020 -1.93 -30.01 12.30
C ASN A 1020 -0.97 -31.00 11.64
N VAL A 1021 0.15 -30.49 11.15
CA VAL A 1021 1.17 -31.32 10.47
C VAL A 1021 1.77 -32.33 11.45
N ILE A 1022 2.14 -31.84 12.64
CA ILE A 1022 2.72 -32.69 13.70
C ILE A 1022 1.68 -33.63 14.28
N GLY A 1023 0.46 -33.14 14.45
CA GLY A 1023 -0.66 -33.91 14.99
C GLY A 1023 -1.05 -35.12 14.16
N ALA A 1024 -1.14 -34.92 12.86
CA ALA A 1024 -1.44 -36.01 11.91
C ALA A 1024 -0.33 -37.05 11.89
N CYS A 1025 0.90 -36.58 11.67
CA CYS A 1025 2.11 -37.41 11.68
C CYS A 1025 2.14 -38.43 12.83
N ILE A 1026 1.85 -37.96 14.04
CA ILE A 1026 1.80 -38.82 15.23
C ILE A 1026 0.80 -39.97 15.05
N ILE A 1027 -0.37 -39.67 14.50
CA ILE A 1027 -1.41 -40.68 14.29
C ILE A 1027 -0.95 -41.73 13.28
N ILE A 1028 -0.57 -41.26 12.09
CA ILE A 1028 -0.11 -42.16 11.00
C ILE A 1028 1.15 -42.95 11.36
N LEU A 1029 2.05 -42.36 12.16
CA LEU A 1029 3.23 -43.06 12.64
C LEU A 1029 2.90 -44.06 13.74
N LEU A 1030 2.07 -43.68 14.71
CA LEU A 1030 1.64 -44.61 15.78
C LEU A 1030 0.69 -45.72 15.28
N ALA A 1031 0.05 -45.51 14.12
CA ALA A 1031 -0.74 -46.55 13.47
C ALA A 1031 0.15 -47.68 12.94
N THR A 1032 1.17 -47.30 12.15
CA THR A 1032 2.13 -48.25 11.56
C THR A 1032 3.57 -47.72 11.68
N PRO A 1033 4.23 -47.95 12.84
CA PRO A 1033 5.62 -47.53 13.09
C PRO A 1033 6.63 -47.84 11.99
N MET A 1034 6.45 -48.96 11.29
CA MET A 1034 7.31 -49.32 10.15
C MET A 1034 7.28 -48.29 9.02
N ALA A 1035 6.18 -47.54 8.91
CA ALA A 1035 6.08 -46.42 7.95
C ALA A 1035 7.00 -45.23 8.24
N ALA A 1036 7.54 -45.11 9.47
CA ALA A 1036 8.43 -43.99 9.85
C ALA A 1036 9.64 -43.72 8.95
N VAL A 1037 10.04 -44.69 8.14
CA VAL A 1037 11.09 -44.52 7.12
C VAL A 1037 10.66 -43.53 6.01
N ILE A 1038 9.35 -43.32 5.85
CA ILE A 1038 8.80 -42.29 4.95
C ILE A 1038 9.36 -40.89 5.25
N ILE A 1039 9.48 -40.55 6.53
CA ILE A 1039 9.60 -39.14 6.95
C ILE A 1039 10.91 -38.47 6.47
N PRO A 1040 12.10 -38.97 6.87
CA PRO A 1040 13.33 -38.22 6.54
C PRO A 1040 13.55 -37.85 5.06
N PRO A 1041 13.22 -38.76 4.11
CA PRO A 1041 13.18 -38.36 2.69
C PRO A 1041 12.24 -37.18 2.36
N LEU A 1042 11.05 -37.16 2.95
CA LEU A 1042 10.09 -36.06 2.73
C LEU A 1042 10.53 -34.79 3.47
N GLY A 1043 10.96 -34.95 4.72
CA GLY A 1043 11.52 -33.88 5.52
C GLY A 1043 12.77 -33.26 4.93
N LEU A 1044 13.53 -34.04 4.15
CA LEU A 1044 14.67 -33.51 3.41
C LEU A 1044 14.26 -32.47 2.37
N ILE A 1045 13.24 -32.79 1.56
CA ILE A 1045 12.77 -31.87 0.49
C ILE A 1045 12.02 -30.65 1.06
N TYR A 1046 11.26 -30.85 2.14
CA TYR A 1046 10.60 -29.76 2.87
C TYR A 1046 11.60 -28.70 3.37
N PHE A 1047 12.70 -29.18 3.94
CA PHE A 1047 13.78 -28.32 4.46
C PHE A 1047 14.40 -27.40 3.41
N PHE A 1048 14.56 -27.90 2.18
CA PHE A 1048 15.19 -27.14 1.10
C PHE A 1048 14.27 -26.07 0.51
N VAL A 1049 13.05 -26.46 0.14
CA VAL A 1049 12.07 -25.50 -0.43
C VAL A 1049 11.75 -24.38 0.56
N GLN A 1050 11.68 -24.73 1.84
CA GLN A 1050 11.49 -23.77 2.94
C GLN A 1050 12.48 -22.60 2.86
N ARG A 1051 13.77 -22.93 2.82
CA ARG A 1051 14.84 -21.92 2.84
C ARG A 1051 14.99 -21.18 1.52
N PHE A 1052 14.78 -21.86 0.40
CA PHE A 1052 14.82 -21.21 -0.93
C PHE A 1052 13.62 -20.28 -1.15
N TYR A 1053 12.46 -20.66 -0.63
CA TYR A 1053 11.25 -19.81 -0.75
C TYR A 1053 11.31 -18.54 0.10
N VAL A 1054 11.74 -18.68 1.35
CA VAL A 1054 11.78 -17.56 2.31
C VAL A 1054 12.75 -16.46 1.85
N ALA A 1055 13.93 -16.85 1.38
CA ALA A 1055 14.95 -15.91 0.89
C ALA A 1055 14.51 -15.12 -0.36
N SER A 1056 13.70 -15.75 -1.21
CA SER A 1056 13.17 -15.13 -2.43
C SER A 1056 11.91 -14.31 -2.18
N SER A 1057 10.98 -14.86 -1.42
CA SER A 1057 9.69 -14.22 -1.13
C SER A 1057 9.87 -12.87 -0.44
N ARG A 1058 10.65 -12.85 0.64
CA ARG A 1058 10.96 -11.61 1.37
C ARG A 1058 11.50 -10.47 0.48
N GLN A 1059 12.26 -10.82 -0.55
CA GLN A 1059 12.77 -9.84 -1.52
C GLN A 1059 11.62 -9.25 -2.33
N LEU A 1060 10.86 -10.13 -2.99
CA LEU A 1060 9.79 -9.73 -3.92
C LEU A 1060 8.67 -8.94 -3.23
N LYS A 1061 8.25 -9.42 -2.05
CA LYS A 1061 7.24 -8.72 -1.23
C LYS A 1061 7.64 -7.27 -0.90
N ARG A 1062 8.90 -7.08 -0.55
CA ARG A 1062 9.42 -5.74 -0.24
C ARG A 1062 9.59 -4.91 -1.53
N LEU A 1063 10.26 -5.49 -2.52
CA LEU A 1063 10.45 -4.88 -3.85
C LEU A 1063 9.15 -4.40 -4.49
N GLU A 1064 8.06 -5.16 -4.27
CA GLU A 1064 6.73 -4.76 -4.74
C GLU A 1064 6.21 -3.54 -3.97
N SER A 1065 6.30 -3.59 -2.65
CA SER A 1065 5.68 -2.57 -1.77
C SER A 1065 6.29 -1.16 -1.91
N VAL A 1066 7.60 -1.09 -2.17
CA VAL A 1066 8.29 0.20 -2.37
C VAL A 1066 7.99 0.78 -3.77
N SER A 1067 7.79 -0.10 -4.77
CA SER A 1067 7.57 0.33 -6.16
C SER A 1067 6.16 0.88 -6.47
N ARG A 1068 5.15 0.49 -5.68
CA ARG A 1068 3.77 0.94 -5.91
C ARG A 1068 3.50 2.42 -5.59
N SER A 1069 4.09 2.91 -4.51
CA SER A 1069 3.87 4.27 -4.01
C SER A 1069 4.22 5.40 -4.99
N PRO A 1070 5.31 5.25 -5.78
CA PRO A 1070 5.60 6.17 -6.89
C PRO A 1070 4.47 6.47 -7.88
N VAL A 1071 3.60 5.48 -8.16
CA VAL A 1071 2.49 5.65 -9.12
C VAL A 1071 1.47 6.67 -8.60
N TYR A 1072 1.13 6.57 -7.31
CA TYR A 1072 0.16 7.47 -6.68
C TYR A 1072 0.71 8.89 -6.54
N SER A 1073 1.94 9.00 -6.07
CA SER A 1073 2.66 10.28 -6.00
C SER A 1073 2.83 10.93 -7.38
N HIS A 1074 3.15 10.11 -8.38
CA HIS A 1074 3.21 10.58 -9.78
C HIS A 1074 1.86 11.07 -10.28
N PHE A 1075 0.83 10.24 -10.08
CA PHE A 1075 -0.55 10.59 -10.47
C PHE A 1075 -1.05 11.87 -9.78
N ASN A 1076 -0.72 12.02 -8.49
CA ASN A 1076 -1.06 13.22 -7.72
C ASN A 1076 -0.60 14.51 -8.41
N GLU A 1077 0.69 14.53 -8.80
CA GLU A 1077 1.29 15.67 -9.50
C GLU A 1077 0.57 16.04 -10.79
N THR A 1078 0.23 15.03 -11.58
CA THR A 1078 -0.46 15.21 -12.86
C THR A 1078 -1.80 15.94 -12.71
N LEU A 1079 -2.52 15.67 -11.62
CA LEU A 1079 -3.80 16.31 -11.33
C LEU A 1079 -3.70 17.81 -11.01
N LEU A 1080 -2.55 18.25 -10.48
CA LEU A 1080 -2.32 19.66 -10.17
C LEU A 1080 -2.03 20.51 -11.40
N GLY A 1081 -1.19 19.99 -12.31
CA GLY A 1081 -0.76 20.72 -13.51
C GLY A 1081 -1.34 20.23 -14.84
N VAL A 1082 -2.63 19.90 -14.83
CA VAL A 1082 -3.33 19.40 -16.04
C VAL A 1082 -3.33 20.51 -17.11
N SER A 1083 -3.62 21.73 -16.68
CA SER A 1083 -3.56 22.93 -17.54
C SER A 1083 -2.15 23.20 -18.07
N VAL A 1084 -1.13 22.97 -17.24
CA VAL A 1084 0.27 23.13 -17.65
C VAL A 1084 0.66 22.07 -18.69
N ILE A 1085 0.24 20.82 -18.45
CA ILE A 1085 0.48 19.73 -19.42
C ILE A 1085 -0.28 19.96 -20.72
N ARG A 1086 -1.53 20.43 -20.63
CA ARG A 1086 -2.32 20.80 -21.82
C ARG A 1086 -1.79 22.05 -22.54
N ALA A 1087 -1.14 22.96 -21.81
CA ALA A 1087 -0.52 24.16 -22.40
C ALA A 1087 0.65 23.81 -23.31
N PHE A 1088 1.66 23.17 -22.74
CA PHE A 1088 2.87 22.79 -23.49
C PHE A 1088 2.69 21.57 -24.40
N GLU A 1089 1.60 20.81 -24.22
CA GLU A 1089 1.25 19.67 -25.07
C GLU A 1089 2.28 18.54 -24.94
N GLU A 1090 2.30 17.92 -23.76
CA GLU A 1090 3.22 16.81 -23.43
C GLU A 1090 2.47 15.58 -22.89
N GLN A 1091 1.24 15.36 -23.37
CA GLN A 1091 0.38 14.28 -22.87
C GLN A 1091 0.97 12.91 -23.16
N GLU A 1092 1.48 12.75 -24.39
CA GLU A 1092 2.18 11.52 -24.81
C GLU A 1092 3.33 11.14 -23.87
N ARG A 1093 4.08 12.14 -23.39
CA ARG A 1093 5.17 11.89 -22.44
C ARG A 1093 4.67 11.43 -21.08
N PHE A 1094 3.60 12.06 -20.58
CA PHE A 1094 2.99 11.69 -19.29
C PHE A 1094 2.21 10.37 -19.32
N ILE A 1095 1.63 10.01 -20.47
CA ILE A 1095 1.05 8.66 -20.64
C ILE A 1095 2.16 7.61 -20.57
N ARG A 1096 3.25 7.83 -21.32
CA ARG A 1096 4.44 6.99 -21.26
C ARG A 1096 5.08 6.92 -19.87
N GLN A 1097 5.06 8.05 -19.15
CA GLN A 1097 5.59 8.14 -17.79
C GLN A 1097 4.79 7.28 -16.79
N SER A 1098 3.47 7.30 -16.92
CA SER A 1098 2.58 6.49 -16.07
C SER A 1098 2.71 5.00 -16.39
N ASP A 1099 2.58 4.67 -17.68
CA ASP A 1099 2.67 3.29 -18.19
C ASP A 1099 3.93 2.54 -17.72
N LEU A 1100 5.09 3.20 -17.82
CA LEU A 1100 6.35 2.63 -17.35
C LEU A 1100 6.39 2.48 -15.82
N LYS A 1101 5.84 3.46 -15.10
CA LYS A 1101 5.73 3.41 -13.63
C LYS A 1101 4.79 2.29 -13.15
N VAL A 1102 3.74 2.00 -13.91
CA VAL A 1102 2.87 0.84 -13.62
C VAL A 1102 3.66 -0.46 -13.80
N ASP A 1103 4.17 -0.68 -15.01
CA ASP A 1103 4.85 -1.93 -15.39
C ASP A 1103 5.97 -2.38 -14.43
N GLU A 1104 6.71 -1.42 -13.88
CA GLU A 1104 7.75 -1.70 -12.88
C GLU A 1104 7.18 -2.35 -11.61
N ASN A 1105 5.98 -1.94 -11.21
CA ASN A 1105 5.26 -2.59 -10.10
C ASN A 1105 4.84 -4.03 -10.42
N GLN A 1106 4.46 -4.26 -11.68
CA GLN A 1106 4.09 -5.59 -12.16
C GLN A 1106 5.31 -6.50 -12.25
N LYS A 1107 6.43 -5.97 -12.75
CA LYS A 1107 7.72 -6.68 -12.80
C LYS A 1107 8.11 -7.30 -11.45
N ALA A 1108 7.85 -6.55 -10.38
CA ALA A 1108 8.10 -7.03 -9.02
C ALA A 1108 7.01 -7.98 -8.53
N TYR A 1109 5.76 -7.60 -8.75
CA TYR A 1109 4.59 -8.36 -8.27
C TYR A 1109 4.46 -9.76 -8.89
N TYR A 1110 4.66 -9.84 -10.20
CA TYR A 1110 4.39 -11.07 -10.98
C TYR A 1110 5.20 -12.30 -10.54
N PRO A 1111 6.54 -12.16 -10.34
CA PRO A 1111 7.35 -13.24 -9.74
C PRO A 1111 6.77 -13.84 -8.45
N SER A 1112 6.25 -13.00 -7.56
CA SER A 1112 5.73 -13.46 -6.26
C SER A 1112 4.46 -14.32 -6.39
N ILE A 1113 3.53 -13.94 -7.27
CA ILE A 1113 2.30 -14.71 -7.47
C ILE A 1113 2.50 -16.05 -8.19
N VAL A 1114 3.60 -16.18 -8.94
CA VAL A 1114 4.03 -17.47 -9.47
C VAL A 1114 4.81 -18.25 -8.41
N ALA A 1115 5.69 -17.57 -7.68
CA ALA A 1115 6.46 -18.16 -6.58
C ALA A 1115 5.61 -18.85 -5.49
N ASN A 1116 4.36 -18.43 -5.34
CA ASN A 1116 3.38 -19.16 -4.51
C ASN A 1116 2.93 -20.47 -5.16
N ARG A 1117 2.68 -20.44 -6.46
CA ARG A 1117 2.27 -21.63 -7.22
C ARG A 1117 3.41 -22.64 -7.25
N TRP A 1118 4.64 -22.12 -7.35
CA TRP A 1118 5.86 -22.91 -7.21
C TRP A 1118 5.79 -23.78 -5.96
N LEU A 1119 5.59 -23.12 -4.83
CA LEU A 1119 5.67 -23.75 -3.50
C LEU A 1119 4.55 -24.75 -3.22
N ALA A 1120 3.35 -24.42 -3.66
CA ALA A 1120 2.17 -25.26 -3.47
C ALA A 1120 2.19 -26.54 -4.30
N VAL A 1121 2.78 -26.50 -5.50
CA VAL A 1121 2.95 -27.70 -6.32
C VAL A 1121 3.97 -28.67 -5.68
N ARG A 1122 5.02 -28.14 -5.06
CA ARG A 1122 6.04 -28.99 -4.41
C ARG A 1122 5.55 -29.63 -3.12
N LEU A 1123 4.90 -28.85 -2.25
CA LEU A 1123 4.49 -29.34 -0.93
C LEU A 1123 3.25 -30.23 -0.94
N GLU A 1124 2.28 -29.94 -1.81
CA GLU A 1124 1.13 -30.83 -2.02
C GLU A 1124 1.54 -32.16 -2.68
N CYS A 1125 2.63 -32.15 -3.45
CA CYS A 1125 3.24 -33.39 -3.96
C CYS A 1125 3.86 -34.21 -2.83
N VAL A 1126 4.53 -33.54 -1.88
CA VAL A 1126 5.03 -34.17 -0.65
C VAL A 1126 3.85 -34.68 0.19
N GLY A 1127 2.74 -33.94 0.16
CA GLY A 1127 1.49 -34.36 0.78
C GLY A 1127 0.84 -35.59 0.15
N ASN A 1128 0.87 -35.67 -1.18
CA ASN A 1128 0.38 -36.85 -1.90
C ASN A 1128 1.28 -38.07 -1.67
N CYS A 1129 2.58 -37.83 -1.53
CA CYS A 1129 3.56 -38.87 -1.19
C CYS A 1129 3.29 -39.51 0.18
N ILE A 1130 3.00 -38.68 1.18
CA ILE A 1130 2.67 -39.19 2.52
C ILE A 1130 1.29 -39.86 2.55
N VAL A 1131 0.34 -39.39 1.73
CA VAL A 1131 -0.95 -40.08 1.53
C VAL A 1131 -0.74 -41.46 0.90
N LEU A 1132 0.08 -41.49 -0.16
CA LEU A 1132 0.41 -42.72 -0.89
C LEU A 1132 0.97 -43.82 0.00
N PHE A 1133 2.06 -43.51 0.70
CA PHE A 1133 2.74 -44.50 1.57
C PHE A 1133 1.94 -44.84 2.83
N ALA A 1134 1.25 -43.85 3.43
CA ALA A 1134 0.48 -44.11 4.67
C ALA A 1134 -0.69 -45.07 4.46
N SER A 1135 -1.35 -44.99 3.31
CA SER A 1135 -2.38 -45.95 2.92
C SER A 1135 -1.77 -47.32 2.56
N LEU A 1136 -0.71 -47.30 1.76
CA LEU A 1136 -0.01 -48.52 1.32
C LEU A 1136 0.60 -49.35 2.47
N PHE A 1137 1.20 -48.66 3.45
CA PHE A 1137 1.74 -49.33 4.65
C PHE A 1137 0.67 -49.93 5.56
N ALA A 1138 -0.57 -49.46 5.46
CA ALA A 1138 -1.71 -50.12 6.11
C ALA A 1138 -2.10 -51.39 5.36
N VAL A 1139 -2.11 -51.31 4.02
CA VAL A 1139 -2.45 -52.46 3.16
C VAL A 1139 -1.45 -53.62 3.33
N ILE A 1140 -0.15 -53.31 3.39
CA ILE A 1140 0.87 -54.35 3.58
C ILE A 1140 0.78 -55.04 4.95
N SER A 1141 0.33 -54.30 5.97
CA SER A 1141 0.11 -54.85 7.33
C SER A 1141 -1.39 -54.89 7.68
N ARG A 1142 -2.23 -55.20 6.69
CA ARG A 1142 -3.70 -55.25 6.86
C ARG A 1142 -4.25 -56.40 7.73
N HIS A 1143 -3.45 -57.44 7.95
CA HIS A 1143 -3.89 -58.61 8.72
C HIS A 1143 -3.98 -58.35 10.22
N SER A 1144 -2.89 -57.85 10.79
CA SER A 1144 -2.77 -57.67 12.24
C SER A 1144 -3.61 -56.49 12.75
N LEU A 1145 -3.34 -55.29 12.23
CA LEU A 1145 -4.14 -54.10 12.55
C LEU A 1145 -5.38 -54.08 11.66
N SER A 1146 -6.47 -53.48 12.17
CA SER A 1146 -7.77 -53.59 11.49
C SER A 1146 -8.73 -52.42 11.74
N ALA A 1147 -9.68 -52.28 10.82
CA ALA A 1147 -10.84 -51.37 10.92
C ALA A 1147 -10.51 -49.87 10.91
N GLY A 1148 -10.65 -49.20 12.06
CA GLY A 1148 -10.51 -47.75 12.13
C GLY A 1148 -9.10 -47.24 11.95
N LEU A 1149 -8.12 -47.97 12.50
CA LEU A 1149 -6.71 -47.57 12.46
C LEU A 1149 -6.24 -47.16 11.07
N VAL A 1150 -6.63 -47.93 10.04
CA VAL A 1150 -6.35 -47.57 8.64
C VAL A 1150 -7.16 -46.35 8.18
N GLY A 1151 -8.42 -46.25 8.62
CA GLY A 1151 -9.29 -45.13 8.27
C GLY A 1151 -8.85 -43.82 8.89
N LEU A 1152 -8.56 -43.85 10.19
CA LEU A 1152 -8.01 -42.72 10.93
C LEU A 1152 -6.66 -42.25 10.37
N SER A 1153 -5.85 -43.18 9.88
CA SER A 1153 -4.57 -42.86 9.24
C SER A 1153 -4.80 -42.05 7.95
N VAL A 1154 -5.61 -42.58 7.05
CA VAL A 1154 -5.88 -41.95 5.74
C VAL A 1154 -6.70 -40.66 5.89
N SER A 1155 -7.65 -40.63 6.82
CA SER A 1155 -8.44 -39.42 7.11
C SER A 1155 -7.57 -38.23 7.50
N TYR A 1156 -6.59 -38.49 8.38
CA TYR A 1156 -5.60 -37.49 8.76
C TYR A 1156 -4.58 -37.22 7.66
N SER A 1157 -4.10 -38.26 6.97
CA SER A 1157 -3.10 -38.08 5.91
C SER A 1157 -3.64 -37.27 4.73
N LEU A 1158 -4.90 -37.51 4.36
CA LEU A 1158 -5.60 -36.74 3.33
C LEU A 1158 -5.63 -35.23 3.64
N GLN A 1159 -5.75 -34.90 4.93
CA GLN A 1159 -5.78 -33.50 5.40
C GLN A 1159 -4.45 -32.74 5.22
N VAL A 1160 -3.32 -33.43 5.43
CA VAL A 1160 -1.99 -32.79 5.57
C VAL A 1160 -1.56 -31.93 4.36
N THR A 1161 -1.95 -32.34 3.16
CA THR A 1161 -1.70 -31.61 1.91
C THR A 1161 -2.02 -30.10 1.97
N THR A 1162 -3.15 -29.75 2.58
CA THR A 1162 -3.59 -28.37 2.69
C THR A 1162 -2.75 -27.52 3.67
N TYR A 1163 -2.36 -28.10 4.81
CA TYR A 1163 -1.73 -27.33 5.89
C TYR A 1163 -0.23 -27.12 5.75
N LEU A 1164 0.49 -28.10 5.19
CA LEU A 1164 1.92 -27.96 4.88
C LEU A 1164 2.19 -26.71 4.05
N ASN A 1165 1.46 -26.60 2.94
CA ASN A 1165 1.54 -25.46 2.02
C ASN A 1165 1.31 -24.13 2.73
N TRP A 1166 0.32 -24.07 3.60
CA TRP A 1166 -0.02 -22.82 4.28
C TRP A 1166 0.95 -22.49 5.41
N LEU A 1167 1.41 -23.51 6.13
CA LEU A 1167 2.42 -23.36 7.19
C LEU A 1167 3.70 -22.67 6.72
N VAL A 1168 4.14 -22.97 5.50
CA VAL A 1168 5.37 -22.39 4.93
C VAL A 1168 5.18 -20.91 4.55
N ARG A 1169 3.99 -20.54 4.07
CA ARG A 1169 3.72 -19.15 3.70
C ARG A 1169 3.53 -18.25 4.94
N MET A 1170 2.94 -18.80 6.00
CA MET A 1170 2.83 -18.09 7.29
C MET A 1170 4.18 -17.83 7.98
N SER A 1171 5.19 -18.64 7.65
CA SER A 1171 6.58 -18.39 8.05
C SER A 1171 7.14 -17.15 7.33
N SER A 1172 6.98 -17.12 6.00
CA SER A 1172 7.36 -15.96 5.17
C SER A 1172 6.57 -14.68 5.50
N GLU A 1173 5.30 -14.85 5.88
CA GLU A 1173 4.47 -13.76 6.39
C GLU A 1173 5.02 -13.19 7.71
N MET A 1174 5.57 -14.05 8.56
CA MET A 1174 6.14 -13.65 9.86
C MET A 1174 7.41 -12.82 9.71
N GLU A 1175 8.36 -13.36 8.95
CA GLU A 1175 9.71 -12.76 8.83
C GLU A 1175 9.78 -11.41 8.09
N THR A 1176 8.66 -10.97 7.51
CA THR A 1176 8.49 -9.58 7.09
C THR A 1176 7.93 -8.74 8.24
N ASN A 1177 6.79 -9.17 8.79
CA ASN A 1177 6.04 -8.40 9.80
C ASN A 1177 6.76 -8.22 11.14
N ILE A 1178 7.47 -9.26 11.59
CA ILE A 1178 8.20 -9.21 12.86
C ILE A 1178 9.30 -8.14 12.90
N VAL A 1179 9.86 -7.79 11.73
CA VAL A 1179 10.93 -6.79 11.63
C VAL A 1179 10.45 -5.40 12.11
N ALA A 1180 9.16 -5.12 11.95
CA ALA A 1180 8.54 -3.90 12.51
C ALA A 1180 8.74 -3.73 14.03
N VAL A 1181 8.74 -4.86 14.76
CA VAL A 1181 8.94 -4.86 16.21
C VAL A 1181 10.35 -4.39 16.58
N GLU A 1182 11.35 -4.82 15.79
CA GLU A 1182 12.73 -4.36 15.97
C GLU A 1182 12.85 -2.87 15.63
N ARG A 1183 12.36 -2.49 14.45
CA ARG A 1183 12.38 -1.10 13.98
C ARG A 1183 11.82 -0.08 14.98
N LEU A 1184 10.71 -0.45 15.63
CA LEU A 1184 10.09 0.40 16.66
C LEU A 1184 10.94 0.63 17.95
N LYS A 1185 11.87 -0.30 18.24
CA LYS A 1185 12.79 -0.17 19.38
C LYS A 1185 14.03 0.71 19.10
N GLU A 1186 14.30 0.99 17.82
CA GLU A 1186 15.59 1.56 17.36
C GLU A 1186 16.09 2.77 18.17
N TYR A 1187 15.17 3.64 18.57
CA TYR A 1187 15.52 4.86 19.33
C TYR A 1187 15.50 4.68 20.86
N SER A 1188 15.62 3.44 21.35
CA SER A 1188 15.65 3.17 22.79
C SER A 1188 17.01 3.55 23.38
N GLU A 1189 18.09 3.17 22.69
CA GLU A 1189 19.46 3.40 23.17
C GLU A 1189 20.24 4.36 22.25
N THR A 1190 19.64 5.54 22.03
CA THR A 1190 20.29 6.65 21.33
C THR A 1190 20.96 7.59 22.34
N GLU A 1191 21.63 8.64 21.84
CA GLU A 1191 22.30 9.64 22.68
C GLU A 1191 21.38 10.28 23.73
N LYS A 1192 20.14 10.59 23.32
CA LYS A 1192 19.10 11.22 24.16
C LYS A 1192 19.56 12.48 24.93
N GLU A 1193 18.93 12.82 26.06
CA GLU A 1193 19.19 14.07 26.77
C GLU A 1193 19.22 13.88 28.29
N ALA A 1194 19.84 14.83 28.99
CA ALA A 1194 19.95 14.80 30.45
C ALA A 1194 18.59 14.86 31.16
N PRO A 1195 18.51 14.36 32.41
CA PRO A 1195 17.25 14.29 33.17
C PRO A 1195 16.42 15.59 33.25
N TRP A 1196 15.10 15.44 33.31
CA TRP A 1196 14.16 16.57 33.36
C TRP A 1196 14.13 17.18 34.75
N GLN A 1197 13.84 16.36 35.75
CA GLN A 1197 13.80 16.79 37.15
C GLN A 1197 14.63 15.85 38.03
N ILE A 1198 15.86 16.26 38.34
CA ILE A 1198 16.77 15.49 39.19
C ILE A 1198 16.31 15.57 40.65
N GLN A 1199 16.04 16.80 41.11
CA GLN A 1199 15.43 17.10 42.42
C GLN A 1199 16.12 16.56 43.68
N ASP A 1200 17.38 16.12 43.58
CA ASP A 1200 18.19 15.77 44.75
C ASP A 1200 18.74 17.08 45.29
N MET A 1201 19.38 17.84 44.39
CA MET A 1201 19.69 19.25 44.63
C MET A 1201 18.45 20.03 44.18
N ALA A 1202 17.49 20.16 45.10
CA ALA A 1202 16.20 20.79 44.82
C ALA A 1202 16.38 22.29 44.51
N PRO A 1203 16.04 22.73 43.28
CA PRO A 1203 16.18 24.16 42.97
C PRO A 1203 15.13 25.05 43.67
N PRO A 1204 15.57 26.03 44.48
CA PRO A 1204 14.64 26.98 45.07
C PRO A 1204 14.30 28.11 44.10
N LYS A 1205 13.13 28.74 44.29
CA LYS A 1205 12.68 29.82 43.40
C LYS A 1205 13.43 31.14 43.63
N ASP A 1206 14.69 31.17 43.18
CA ASP A 1206 15.58 32.33 43.33
C ASP A 1206 15.58 33.27 42.11
N TRP A 1207 14.97 32.83 41.02
CA TRP A 1207 14.91 33.61 39.77
C TRP A 1207 14.31 35.02 39.94
N PRO A 1208 13.28 35.17 40.80
CA PRO A 1208 12.80 36.52 41.15
C PRO A 1208 13.61 37.31 42.21
N GLN A 1209 14.77 36.80 42.66
CA GLN A 1209 15.59 37.55 43.64
C GLN A 1209 16.20 38.79 43.01
N VAL A 1210 16.94 38.58 41.93
CA VAL A 1210 17.62 39.65 41.18
C VAL A 1210 17.16 39.69 39.72
N GLY A 1211 17.26 38.55 39.04
CA GLY A 1211 17.11 38.47 37.59
C GLY A 1211 18.46 38.71 36.94
N ARG A 1212 19.48 38.01 37.44
CA ARG A 1212 20.88 38.20 37.06
C ARG A 1212 21.36 37.05 36.19
N VAL A 1213 22.18 37.37 35.20
CA VAL A 1213 22.78 36.39 34.29
C VAL A 1213 24.25 36.72 34.05
N GLU A 1214 25.11 35.70 34.05
CA GLU A 1214 26.55 35.87 33.78
C GLU A 1214 27.11 34.72 32.95
N PHE A 1215 28.16 35.02 32.19
CA PHE A 1215 28.90 34.05 31.37
C PHE A 1215 30.38 34.07 31.79
N ARG A 1216 31.08 32.94 31.61
CA ARG A 1216 32.49 32.81 31.98
C ARG A 1216 33.30 32.14 30.86
N ASP A 1217 33.82 32.96 29.93
CA ASP A 1217 34.50 32.46 28.71
C ASP A 1217 33.61 31.44 27.97
N TYR A 1218 32.34 31.79 27.83
CA TYR A 1218 31.33 30.89 27.28
C TYR A 1218 31.47 30.76 25.77
N GLY A 1219 31.19 29.57 25.25
CA GLY A 1219 31.27 29.33 23.81
C GLY A 1219 30.67 28.02 23.38
N LEU A 1220 29.76 28.07 22.40
CA LEU A 1220 28.96 26.93 21.94
C LEU A 1220 29.49 26.30 20.64
N ARG A 1221 29.03 25.09 20.36
CA ARG A 1221 29.39 24.35 19.14
C ARG A 1221 28.14 23.87 18.40
N TYR A 1222 28.23 23.86 17.07
CA TYR A 1222 27.13 23.44 16.20
C TYR A 1222 27.04 21.92 16.14
N ARG A 1223 28.18 21.29 15.82
CA ARG A 1223 28.30 19.83 15.74
C ARG A 1223 29.29 19.37 16.81
N GLU A 1224 29.22 18.07 17.14
CA GLU A 1224 30.10 17.43 18.15
C GLU A 1224 31.59 17.78 18.04
N ASP A 1225 32.12 17.82 16.82
CA ASP A 1225 33.54 18.12 16.60
C ASP A 1225 33.85 18.60 15.16
N LEU A 1226 33.05 19.56 14.67
CA LEU A 1226 33.26 20.15 13.35
C LEU A 1226 33.86 21.55 13.46
N ASP A 1227 33.16 22.45 14.14
CA ASP A 1227 33.56 23.86 14.23
C ASP A 1227 32.85 24.57 15.38
N LEU A 1228 33.57 25.47 16.06
CA LEU A 1228 33.01 26.29 17.15
C LEU A 1228 32.37 27.55 16.57
N VAL A 1229 31.16 27.88 17.05
CA VAL A 1229 30.39 29.02 16.53
C VAL A 1229 30.54 30.31 17.36
N LEU A 1230 30.66 30.18 18.67
CA LEU A 1230 30.83 31.33 19.59
C LEU A 1230 31.98 31.09 20.55
N LYS A 1231 32.66 32.16 20.95
CA LYS A 1231 33.89 32.06 21.76
C LYS A 1231 34.19 33.34 22.57
N HIS A 1232 35.00 33.21 23.61
CA HIS A 1232 35.56 34.35 24.37
C HIS A 1232 34.52 35.29 25.01
N ILE A 1233 33.40 34.73 25.47
CA ILE A 1233 32.29 35.53 25.98
C ILE A 1233 32.40 35.75 27.49
N ASN A 1234 32.34 37.02 27.90
CA ASN A 1234 32.33 37.40 29.32
C ASN A 1234 31.46 38.64 29.52
N VAL A 1235 30.15 38.40 29.66
CA VAL A 1235 29.15 39.44 29.82
C VAL A 1235 28.43 39.22 31.17
N THR A 1236 28.15 40.31 31.88
CA THR A 1236 27.45 40.25 33.17
C THR A 1236 26.22 41.18 33.18
N ILE A 1237 25.02 40.59 33.23
CA ILE A 1237 23.77 41.34 33.15
C ILE A 1237 23.20 41.54 34.57
N ASP A 1238 23.05 42.80 34.96
CA ASP A 1238 22.51 43.15 36.30
C ASP A 1238 20.99 43.04 36.31
N GLY A 1239 20.42 43.05 37.52
CA GLY A 1239 18.98 42.94 37.72
C GLY A 1239 18.25 44.24 37.38
N GLY A 1240 17.07 44.10 36.78
CA GLY A 1240 16.26 45.26 36.39
C GLY A 1240 16.87 45.99 35.21
N GLU A 1241 17.12 45.25 34.14
CA GLU A 1241 17.76 45.78 32.93
C GLU A 1241 17.14 45.20 31.66
N LYS A 1242 16.91 46.08 30.68
CA LYS A 1242 16.55 45.67 29.33
C LYS A 1242 17.81 45.77 28.47
N VAL A 1243 18.03 44.77 27.61
CA VAL A 1243 19.25 44.65 26.81
C VAL A 1243 18.92 44.31 25.35
N GLY A 1244 19.67 44.91 24.42
CA GLY A 1244 19.46 44.74 22.99
C GLY A 1244 20.64 44.07 22.29
N ILE A 1245 20.44 42.81 21.89
CA ILE A 1245 21.47 42.03 21.20
C ILE A 1245 21.37 42.30 19.71
N VAL A 1246 22.47 42.77 19.10
CA VAL A 1246 22.51 43.15 17.68
C VAL A 1246 23.68 42.46 16.99
N GLY A 1247 23.49 42.09 15.72
CA GLY A 1247 24.53 41.46 14.92
C GLY A 1247 24.17 41.31 13.45
N ARG A 1248 25.20 41.09 12.62
CA ARG A 1248 25.03 40.90 11.18
C ARG A 1248 24.63 39.45 10.86
N THR A 1249 24.42 39.17 9.57
CA THR A 1249 24.06 37.83 9.09
C THR A 1249 25.10 36.78 9.49
N GLY A 1250 24.70 35.82 10.31
CA GLY A 1250 25.59 34.78 10.82
C GLY A 1250 26.46 35.24 11.97
N ALA A 1251 25.83 35.95 12.93
CA ALA A 1251 26.52 36.42 14.15
C ALA A 1251 26.48 35.40 15.28
N GLY A 1252 25.44 34.57 15.32
CA GLY A 1252 25.23 33.58 16.39
C GLY A 1252 24.25 34.03 17.47
N LYS A 1253 23.38 34.98 17.14
CA LYS A 1253 22.38 35.50 18.09
C LYS A 1253 21.33 34.45 18.49
N SER A 1254 21.07 33.48 17.61
CA SER A 1254 20.22 32.34 17.93
C SER A 1254 20.88 31.43 18.98
N SER A 1255 22.15 31.12 18.77
CA SER A 1255 22.92 30.29 19.72
C SER A 1255 22.97 30.89 21.12
N LEU A 1256 22.92 32.22 21.21
CA LEU A 1256 22.80 32.92 22.50
C LEU A 1256 21.44 32.67 23.17
N THR A 1257 20.37 32.50 22.38
CA THR A 1257 19.07 32.11 22.94
C THR A 1257 19.10 30.63 23.32
N LEU A 1258 19.48 29.78 22.36
CA LEU A 1258 19.62 28.32 22.62
C LEU A 1258 20.42 28.05 23.91
N GLY A 1259 21.59 28.69 24.00
CA GLY A 1259 22.46 28.64 25.18
C GLY A 1259 21.82 29.02 26.50
N LEU A 1260 20.78 29.88 26.46
CA LEU A 1260 19.99 30.19 27.65
C LEU A 1260 19.11 29.00 28.06
N PHE A 1261 18.60 28.24 27.07
CA PHE A 1261 17.81 27.03 27.31
C PHE A 1261 18.61 25.72 27.22
N ARG A 1262 19.94 25.82 27.17
CA ARG A 1262 20.89 24.69 27.27
C ARG A 1262 20.57 23.46 26.40
N ILE A 1263 20.16 23.70 25.15
CA ILE A 1263 19.92 22.63 24.18
C ILE A 1263 21.26 22.06 23.67
N LYS A 1264 22.29 22.91 23.61
CA LYS A 1264 23.65 22.52 23.21
C LYS A 1264 24.63 22.41 24.41
N GLU A 1265 24.08 22.40 25.63
CA GLU A 1265 24.79 22.26 26.91
C GLU A 1265 26.08 23.12 27.09
N SER A 1266 27.13 22.56 27.72
CA SER A 1266 28.25 23.34 28.26
C SER A 1266 29.11 24.00 27.20
N ALA A 1267 29.50 23.21 26.19
CA ALA A 1267 30.40 23.65 25.12
C ALA A 1267 31.73 24.16 25.69
N GLU A 1268 32.07 25.45 25.54
CA GLU A 1268 33.23 26.01 26.24
C GLU A 1268 32.75 27.04 27.25
N GLY A 1269 33.17 26.90 28.50
CA GLY A 1269 32.85 27.85 29.56
C GLY A 1269 31.60 27.50 30.36
N GLU A 1270 31.35 28.29 31.40
CA GLU A 1270 30.19 28.12 32.29
C GLU A 1270 29.33 29.37 32.31
N ILE A 1271 28.07 29.20 32.69
CA ILE A 1271 27.12 30.33 32.83
C ILE A 1271 26.44 30.29 34.19
N ILE A 1272 26.33 31.47 34.82
CA ILE A 1272 25.76 31.60 36.17
C ILE A 1272 24.43 32.35 36.10
N ILE A 1273 23.43 31.82 36.82
CA ILE A 1273 22.13 32.45 36.97
C ILE A 1273 21.74 32.36 38.46
N ASP A 1274 21.32 33.49 39.03
CA ASP A 1274 21.07 33.66 40.48
C ASP A 1274 22.04 32.87 41.40
N ASP A 1275 23.34 33.13 41.19
CA ASP A 1275 24.47 32.44 41.87
C ASP A 1275 24.34 30.90 41.96
N ILE A 1276 23.86 30.29 40.87
CA ILE A 1276 23.78 28.82 40.75
C ILE A 1276 24.23 28.43 39.34
N ASN A 1277 25.08 27.40 39.27
CA ASN A 1277 25.43 26.78 37.97
C ASN A 1277 24.25 25.96 37.46
N ILE A 1278 23.89 26.18 36.19
CA ILE A 1278 22.69 25.57 35.59
C ILE A 1278 22.85 24.05 35.40
N ALA A 1279 24.08 23.58 35.16
CA ALA A 1279 24.38 22.16 34.98
C ALA A 1279 23.78 21.24 36.06
N LYS A 1280 23.78 21.70 37.31
CA LYS A 1280 23.23 20.93 38.43
C LYS A 1280 21.70 20.89 38.43
N ILE A 1281 21.06 22.04 38.16
CA ILE A 1281 19.58 22.13 38.15
C ILE A 1281 19.00 21.37 36.95
N GLY A 1282 17.86 20.72 37.18
CA GLY A 1282 17.15 19.99 36.13
C GLY A 1282 16.54 20.93 35.11
N LEU A 1283 16.74 20.61 33.83
CA LEU A 1283 16.33 21.49 32.71
C LEU A 1283 14.84 21.81 32.69
N HIS A 1284 14.02 20.83 33.05
CA HIS A 1284 12.55 20.95 32.99
C HIS A 1284 11.97 22.07 33.87
N ASP A 1285 12.66 22.39 34.96
CA ASP A 1285 12.30 23.55 35.80
C ASP A 1285 12.66 24.85 35.07
N LEU A 1286 13.92 24.95 34.66
CA LEU A 1286 14.42 26.10 33.87
C LEU A 1286 13.61 26.37 32.61
N ARG A 1287 13.04 25.33 31.99
CA ARG A 1287 12.09 25.49 30.90
C ARG A 1287 10.84 26.27 31.33
N PHE A 1288 10.31 25.95 32.52
CA PHE A 1288 9.16 26.66 33.07
C PHE A 1288 9.51 28.08 33.55
N LYS A 1289 10.63 28.22 34.26
CA LYS A 1289 10.93 29.43 35.03
C LYS A 1289 11.47 30.65 34.24
N ILE A 1290 11.69 30.51 32.93
CA ILE A 1290 11.93 31.66 32.03
C ILE A 1290 11.08 31.54 30.75
N THR A 1291 10.87 32.68 30.07
CA THR A 1291 9.91 32.77 28.97
C THR A 1291 10.46 33.55 27.77
N ILE A 1292 10.20 33.05 26.55
CA ILE A 1292 10.56 33.77 25.32
C ILE A 1292 9.48 33.63 24.24
N ILE A 1293 9.46 34.58 23.30
CA ILE A 1293 8.54 34.55 22.15
C ILE A 1293 9.25 33.89 20.96
N PRO A 1294 8.55 32.99 20.22
CA PRO A 1294 9.18 32.28 19.10
C PRO A 1294 9.36 33.14 17.85
N GLN A 1295 9.93 32.52 16.81
CA GLN A 1295 10.20 33.20 15.53
C GLN A 1295 8.92 33.23 14.68
N ASP A 1296 8.40 32.04 14.38
CA ASP A 1296 7.16 31.87 13.65
C ASP A 1296 6.16 31.22 14.62
N PRO A 1297 5.01 31.88 14.87
CA PRO A 1297 3.99 31.25 15.73
C PRO A 1297 3.49 29.92 15.17
N VAL A 1298 3.39 28.92 16.05
CA VAL A 1298 3.01 27.55 15.67
C VAL A 1298 2.01 26.98 16.68
N LEU A 1299 0.82 27.57 16.70
CA LEU A 1299 -0.29 27.10 17.53
C LEU A 1299 -0.80 25.74 17.04
N PHE A 1300 -0.97 24.80 17.96
CA PHE A 1300 -1.42 23.45 17.64
C PHE A 1300 -2.94 23.39 17.72
N SER A 1301 -3.54 22.46 17.00
CA SER A 1301 -5.01 22.36 16.87
C SER A 1301 -5.68 22.01 18.19
N GLY A 1302 -6.88 22.56 18.39
CA GLY A 1302 -7.64 22.39 19.64
C GLY A 1302 -8.30 23.69 20.07
N SER A 1303 -8.75 23.74 21.32
CA SER A 1303 -9.39 24.93 21.88
C SER A 1303 -8.35 26.01 22.18
N LEU A 1304 -8.69 27.26 21.88
CA LEU A 1304 -7.77 28.40 22.04
C LEU A 1304 -7.12 28.48 23.42
N ARG A 1305 -7.88 28.12 24.47
CA ARG A 1305 -7.35 28.12 25.83
C ARG A 1305 -6.31 27.02 26.08
N MET A 1306 -6.39 25.90 25.34
CA MET A 1306 -5.37 24.85 25.44
C MET A 1306 -3.99 25.29 24.93
N ASN A 1307 -3.97 26.21 23.95
CA ASN A 1307 -2.72 26.87 23.53
C ASN A 1307 -2.19 27.75 24.66
N LEU A 1308 -3.10 28.48 25.30
CA LEU A 1308 -2.75 29.39 26.40
C LEU A 1308 -2.33 28.68 27.69
N ASP A 1309 -3.00 27.58 28.02
CA ASP A 1309 -2.77 26.87 29.30
C ASP A 1309 -3.21 25.39 29.22
N PRO A 1310 -2.38 24.52 28.60
CA PRO A 1310 -2.72 23.10 28.49
C PRO A 1310 -2.68 22.32 29.82
N PHE A 1311 -1.82 22.76 30.75
CA PHE A 1311 -1.75 22.16 32.10
C PHE A 1311 -2.97 22.45 33.00
N SER A 1312 -3.75 23.48 32.68
CA SER A 1312 -4.86 23.96 33.52
C SER A 1312 -4.37 24.44 34.89
N GLN A 1313 -3.27 25.20 34.87
CA GLN A 1313 -2.63 25.73 36.08
C GLN A 1313 -3.46 26.79 36.80
N TYR A 1314 -4.25 27.55 36.04
CA TYR A 1314 -5.06 28.65 36.59
C TYR A 1314 -6.44 28.75 35.93
N SER A 1315 -7.33 29.49 36.57
CA SER A 1315 -8.72 29.61 36.14
C SER A 1315 -8.89 30.50 34.91
N ASP A 1316 -10.08 30.43 34.32
CA ASP A 1316 -10.42 31.21 33.12
C ASP A 1316 -10.34 32.72 33.35
N GLU A 1317 -10.77 33.17 34.54
CA GLU A 1317 -10.70 34.59 34.94
C GLU A 1317 -9.39 35.26 34.59
N GLU A 1318 -8.27 34.59 34.87
CA GLU A 1318 -6.94 35.11 34.58
C GLU A 1318 -6.67 35.28 33.08
N VAL A 1319 -7.24 34.40 32.26
CA VAL A 1319 -7.07 34.47 30.80
C VAL A 1319 -7.71 35.75 30.25
N TRP A 1320 -8.86 36.13 30.80
CA TRP A 1320 -9.56 37.36 30.41
C TRP A 1320 -8.76 38.63 30.71
N THR A 1321 -7.96 38.62 31.78
CA THR A 1321 -7.07 39.76 32.09
C THR A 1321 -5.87 39.79 31.15
N SER A 1322 -5.32 38.61 30.85
CA SER A 1322 -4.21 38.50 29.90
C SER A 1322 -4.61 38.90 28.48
N LEU A 1323 -5.79 38.46 28.04
CA LEU A 1323 -6.33 38.87 26.73
C LEU A 1323 -6.72 40.35 26.67
N GLU A 1324 -7.10 40.92 27.82
CA GLU A 1324 -7.27 42.38 27.96
C GLU A 1324 -5.93 43.11 27.85
N LEU A 1325 -4.91 42.61 28.57
CA LEU A 1325 -3.56 43.15 28.46
C LEU A 1325 -2.89 42.87 27.11
N ALA A 1326 -3.30 41.79 26.44
CA ALA A 1326 -2.81 41.44 25.10
C ALA A 1326 -3.75 41.85 23.96
N HIS A 1327 -4.71 42.75 24.24
CA HIS A 1327 -5.53 43.41 23.21
C HIS A 1327 -6.30 42.45 22.27
N LEU A 1328 -6.93 41.42 22.85
CA LEU A 1328 -7.79 40.50 22.06
C LEU A 1328 -9.17 40.16 22.69
N LYS A 1329 -9.51 40.79 23.82
CA LYS A 1329 -10.79 40.52 24.50
C LYS A 1329 -11.98 40.74 23.56
N GLY A 1330 -11.93 41.85 22.81
CA GLY A 1330 -12.87 42.13 21.74
C GLY A 1330 -12.92 41.08 20.65
N PHE A 1331 -11.76 40.52 20.30
CA PHE A 1331 -11.69 39.45 19.29
C PHE A 1331 -12.27 38.13 19.79
N VAL A 1332 -11.92 37.74 21.02
CA VAL A 1332 -12.47 36.50 21.62
C VAL A 1332 -13.96 36.63 21.97
N SER A 1333 -14.42 37.83 22.35
CA SER A 1333 -15.85 38.08 22.54
C SER A 1333 -16.62 38.02 21.21
N ALA A 1334 -15.97 38.46 20.13
CA ALA A 1334 -16.55 38.39 18.77
C ALA A 1334 -16.67 36.95 18.27
N LEU A 1335 -15.66 36.11 18.54
CA LEU A 1335 -15.72 34.68 18.21
C LEU A 1335 -16.76 33.97 19.08
N PRO A 1336 -17.60 33.09 18.47
CA PRO A 1336 -18.83 32.60 19.10
C PRO A 1336 -18.66 31.80 20.40
N ASP A 1337 -17.69 30.89 20.42
CA ASP A 1337 -17.47 29.99 21.56
C ASP A 1337 -16.48 30.52 22.61
N LYS A 1338 -15.87 31.67 22.36
CA LYS A 1338 -14.90 32.31 23.28
C LYS A 1338 -13.70 31.37 23.59
N LEU A 1339 -13.43 31.09 24.87
CA LEU A 1339 -12.24 30.32 25.29
C LEU A 1339 -12.24 28.88 24.75
N ASN A 1340 -13.42 28.36 24.41
CA ASN A 1340 -13.56 27.07 23.74
C ASN A 1340 -13.73 27.21 22.21
N HIS A 1341 -13.21 28.28 21.61
CA HIS A 1341 -13.24 28.42 20.15
C HIS A 1341 -12.21 27.51 19.50
N GLU A 1342 -12.61 26.82 18.43
CA GLU A 1342 -11.77 25.82 17.78
C GLU A 1342 -10.70 26.46 16.88
N CYS A 1343 -9.44 26.25 17.26
CA CYS A 1343 -8.29 26.52 16.39
C CYS A 1343 -7.90 25.21 15.71
N ALA A 1344 -7.55 25.28 14.42
CA ALA A 1344 -7.29 24.08 13.63
C ALA A 1344 -6.32 24.33 12.47
N GLU A 1345 -5.77 23.23 11.95
CA GLU A 1345 -4.84 23.23 10.80
C GLU A 1345 -3.55 24.02 11.07
N GLY A 1346 -3.04 23.93 12.30
CA GLY A 1346 -1.82 24.63 12.71
C GLY A 1346 -1.95 26.14 12.79
N GLY A 1347 -3.09 26.61 13.30
CA GLY A 1347 -3.37 28.05 13.41
C GLY A 1347 -3.61 28.72 12.07
N GLU A 1348 -4.53 28.16 11.29
CA GLU A 1348 -4.86 28.66 9.95
C GLU A 1348 -6.04 29.65 9.97
N ASN A 1349 -6.83 29.66 11.05
CA ASN A 1349 -8.06 30.45 11.13
C ASN A 1349 -7.80 31.95 11.16
N LEU A 1350 -6.97 32.39 12.11
CA LEU A 1350 -6.71 33.82 12.33
C LEU A 1350 -5.40 34.30 11.69
N SER A 1351 -5.29 35.60 11.50
CA SER A 1351 -4.25 36.21 10.66
C SER A 1351 -2.88 36.32 11.33
N VAL A 1352 -1.91 36.83 10.58
CA VAL A 1352 -0.50 36.96 11.02
C VAL A 1352 -0.38 37.76 12.32
N GLY A 1353 -1.02 38.93 12.34
CA GLY A 1353 -0.99 39.84 13.50
C GLY A 1353 -1.55 39.25 14.79
N GLN A 1354 -2.57 38.40 14.68
CA GLN A 1354 -3.16 37.74 15.85
C GLN A 1354 -2.22 36.69 16.43
N ARG A 1355 -1.63 35.87 15.55
CA ARG A 1355 -0.76 34.76 15.95
C ARG A 1355 0.44 35.17 16.81
N GLN A 1356 1.08 36.30 16.49
CA GLN A 1356 2.12 36.86 17.35
C GLN A 1356 1.50 37.35 18.67
N LEU A 1357 0.44 38.14 18.54
CA LEU A 1357 -0.26 38.72 19.70
C LEU A 1357 -0.85 37.66 20.66
N VAL A 1358 -1.10 36.44 20.17
CA VAL A 1358 -1.44 35.31 21.03
C VAL A 1358 -0.21 34.84 21.83
N CYS A 1359 0.96 34.79 21.18
CA CYS A 1359 2.21 34.42 21.88
C CYS A 1359 2.59 35.40 23.00
N LEU A 1360 2.26 36.68 22.82
CA LEU A 1360 2.40 37.70 23.86
C LEU A 1360 1.59 37.34 25.12
N ALA A 1361 0.36 36.90 24.91
CA ALA A 1361 -0.53 36.46 26.00
C ALA A 1361 0.04 35.25 26.75
N ARG A 1362 0.55 34.29 25.99
CA ARG A 1362 1.19 33.08 26.54
C ARG A 1362 2.41 33.42 27.40
N ALA A 1363 3.13 34.49 27.04
CA ALA A 1363 4.25 34.98 27.85
C ALA A 1363 3.75 35.67 29.13
N LEU A 1364 2.88 36.67 28.96
CA LEU A 1364 2.38 37.46 30.11
C LEU A 1364 1.33 36.76 30.98
N LEU A 1365 0.92 35.54 30.61
CA LEU A 1365 0.21 34.66 31.56
C LEU A 1365 1.14 34.19 32.69
N ARG A 1366 2.36 33.80 32.32
CA ARG A 1366 3.35 33.30 33.27
C ARG A 1366 3.92 34.41 34.17
N LYS A 1367 4.42 35.48 33.54
CA LYS A 1367 5.04 36.63 34.24
C LYS A 1367 6.24 36.25 35.11
N THR A 1368 7.42 36.21 34.49
CA THR A 1368 8.69 35.94 35.17
C THR A 1368 9.63 37.13 34.99
N LYS A 1369 10.75 37.11 35.72
CA LYS A 1369 11.73 38.21 35.68
C LYS A 1369 12.80 38.14 34.56
N ILE A 1370 12.69 37.16 33.67
CA ILE A 1370 13.61 36.99 32.53
C ILE A 1370 12.80 36.81 31.24
N LEU A 1371 13.29 37.43 30.15
CA LEU A 1371 12.60 37.42 28.85
C LEU A 1371 13.57 37.42 27.67
N VAL A 1372 13.11 36.89 26.53
CA VAL A 1372 13.78 37.09 25.22
C VAL A 1372 12.74 37.26 24.11
N LEU A 1373 13.03 38.12 23.15
CA LEU A 1373 12.19 38.38 21.98
C LEU A 1373 13.03 38.33 20.72
N ASP A 1374 12.42 37.96 19.59
CA ASP A 1374 13.15 37.85 18.32
C ASP A 1374 12.24 37.95 17.09
N GLU A 1375 12.70 38.74 16.10
CA GLU A 1375 12.00 38.97 14.84
C GLU A 1375 10.60 39.55 15.02
N ALA A 1376 10.56 40.75 15.61
CA ALA A 1376 9.32 41.52 15.78
C ALA A 1376 9.24 42.74 14.84
N THR A 1377 10.28 42.98 14.05
CA THR A 1377 10.37 44.15 13.16
C THR A 1377 10.95 43.80 11.77
N ALA A 1378 10.75 42.56 11.32
CA ALA A 1378 11.27 42.08 10.04
C ALA A 1378 10.16 42.02 8.98
N ALA A 1379 9.11 41.25 9.28
CA ALA A 1379 7.95 41.10 8.39
C ALA A 1379 6.66 41.17 9.21
N VAL A 1380 6.50 42.29 9.91
CA VAL A 1380 5.35 42.55 10.78
C VAL A 1380 4.72 43.89 10.42
N ASP A 1381 3.41 44.01 10.61
CA ASP A 1381 2.67 45.24 10.29
C ASP A 1381 2.87 46.40 11.27
N LEU A 1382 3.48 46.13 12.43
CA LEU A 1382 3.74 47.11 13.52
C LEU A 1382 2.53 47.48 14.39
N GLU A 1383 1.33 47.04 14.00
CA GLU A 1383 0.13 47.16 14.85
C GLU A 1383 0.35 46.37 16.15
N THR A 1384 0.97 45.20 16.04
CA THR A 1384 1.42 44.44 17.20
C THR A 1384 2.60 45.10 17.90
N ASP A 1385 3.57 45.61 17.12
CA ASP A 1385 4.75 46.29 17.67
C ASP A 1385 4.37 47.45 18.59
N ASP A 1386 3.43 48.28 18.13
CA ASP A 1386 2.89 49.37 18.95
C ASP A 1386 2.28 48.85 20.27
N LEU A 1387 1.52 47.77 20.17
CA LEU A 1387 0.87 47.16 21.35
C LEU A 1387 1.85 46.39 22.25
N ILE A 1388 2.80 45.65 21.67
CA ILE A 1388 3.81 44.93 22.47
C ILE A 1388 4.82 45.89 23.14
N GLN A 1389 5.24 46.93 22.41
CA GLN A 1389 6.16 47.94 22.99
C GLN A 1389 5.54 48.72 24.14
N SER A 1390 4.21 48.90 24.11
CA SER A 1390 3.48 49.53 25.22
C SER A 1390 3.45 48.62 26.46
N THR A 1391 3.29 47.31 26.26
CA THR A 1391 3.32 46.34 27.37
C THR A 1391 4.73 46.21 27.92
N ILE A 1392 5.70 45.95 27.04
CA ILE A 1392 7.12 45.73 27.41
C ILE A 1392 7.54 46.60 28.60
N ARG A 1393 7.29 47.91 28.49
CA ARG A 1393 7.59 48.84 29.56
C ARG A 1393 6.71 48.59 30.79
N THR A 1394 5.40 48.71 30.60
CA THR A 1394 4.45 48.74 31.74
C THR A 1394 4.25 47.38 32.43
N GLN A 1395 4.37 46.30 31.67
CA GLN A 1395 4.30 44.94 32.21
C GLN A 1395 5.63 44.49 32.81
N PHE A 1396 6.75 44.80 32.13
CA PHE A 1396 8.08 44.43 32.60
C PHE A 1396 8.87 45.67 33.06
N ASP A 1397 8.31 46.37 34.05
CA ASP A 1397 8.99 47.49 34.71
C ASP A 1397 10.20 47.01 35.51
N ASP A 1398 9.95 46.14 36.48
CA ASP A 1398 10.98 45.62 37.39
C ASP A 1398 11.80 44.48 36.79
N CYS A 1399 11.20 43.74 35.86
CA CYS A 1399 11.80 42.51 35.32
C CYS A 1399 12.98 42.75 34.38
N THR A 1400 13.87 41.76 34.32
CA THR A 1400 15.03 41.79 33.42
C THR A 1400 14.62 41.26 32.04
N VAL A 1401 15.16 41.85 30.98
CA VAL A 1401 14.79 41.50 29.59
C VAL A 1401 16.01 41.51 28.68
N LEU A 1402 16.03 40.56 27.74
CA LEU A 1402 16.91 40.57 26.58
C LEU A 1402 16.04 40.69 25.34
N THR A 1403 16.60 41.23 24.26
CA THR A 1403 15.88 41.37 22.99
C THR A 1403 16.83 41.18 21.81
N ILE A 1404 16.52 40.21 20.95
CA ILE A 1404 17.30 39.92 19.75
C ILE A 1404 16.55 40.58 18.58
N ALA A 1405 17.11 41.63 17.99
CA ALA A 1405 16.40 42.39 16.95
C ALA A 1405 17.30 43.25 16.07
N HIS A 1406 16.72 43.71 14.97
CA HIS A 1406 17.37 44.60 14.00
C HIS A 1406 17.02 46.09 14.22
N ARG A 1407 15.82 46.34 14.77
CA ARG A 1407 15.27 47.69 14.87
C ARG A 1407 15.92 48.53 15.97
N LEU A 1408 16.64 49.58 15.58
CA LEU A 1408 17.43 50.41 16.50
C LEU A 1408 16.62 51.35 17.40
N ASN A 1409 15.53 51.93 16.87
CA ASN A 1409 14.76 52.95 17.60
C ASN A 1409 14.03 52.42 18.86
N THR A 1410 13.66 51.14 18.83
CA THR A 1410 13.17 50.44 20.02
C THR A 1410 14.34 50.13 20.97
N ILE A 1411 15.49 49.75 20.40
CA ILE A 1411 16.71 49.47 21.16
C ILE A 1411 17.33 50.70 21.86
N MET A 1412 17.05 51.90 21.34
CA MET A 1412 17.65 53.16 21.86
C MET A 1412 17.71 53.30 23.39
N ASP A 1413 16.57 53.20 24.05
CA ASP A 1413 16.44 53.51 25.49
C ASP A 1413 16.76 52.37 26.47
N TYR A 1414 17.30 51.26 25.98
CA TYR A 1414 17.75 50.15 26.86
C TYR A 1414 18.97 50.53 27.69
N THR A 1415 19.20 49.76 28.76
CA THR A 1415 20.28 50.03 29.71
C THR A 1415 21.68 49.75 29.17
N ARG A 1416 21.80 48.73 28.33
CA ARG A 1416 23.06 48.37 27.68
C ARG A 1416 22.83 47.71 26.32
N VAL A 1417 23.80 47.88 25.42
CA VAL A 1417 23.81 47.23 24.11
C VAL A 1417 24.94 46.20 24.06
N ILE A 1418 24.67 45.06 23.43
CA ILE A 1418 25.62 43.95 23.31
C ILE A 1418 25.81 43.64 21.82
N VAL A 1419 26.94 44.10 21.26
CA VAL A 1419 27.26 43.91 19.85
C VAL A 1419 28.08 42.62 19.69
N LEU A 1420 27.63 41.75 18.79
CA LEU A 1420 28.31 40.49 18.48
C LEU A 1420 29.32 40.69 17.35
N ASP A 1421 30.51 40.14 17.54
CA ASP A 1421 31.58 40.15 16.54
C ASP A 1421 31.49 38.85 15.72
N LYS A 1422 32.56 38.48 15.02
CA LYS A 1422 32.59 37.24 14.23
C LYS A 1422 32.37 36.00 15.10
N GLY A 1423 33.14 35.90 16.20
CA GLY A 1423 32.97 34.84 17.20
C GLY A 1423 33.10 35.28 18.64
N GLU A 1424 32.86 36.57 18.91
CA GLU A 1424 32.93 37.14 20.27
C GLU A 1424 32.04 38.39 20.38
N ILE A 1425 32.13 39.15 21.47
CA ILE A 1425 31.21 40.26 21.77
C ILE A 1425 31.96 41.52 22.24
N GLN A 1426 31.34 42.69 22.05
CA GLN A 1426 31.78 43.94 22.68
C GLN A 1426 30.61 44.67 23.36
N GLU A 1427 30.87 45.22 24.56
CA GLU A 1427 29.83 45.82 25.41
C GLU A 1427 29.82 47.35 25.35
N TRP A 1428 28.63 47.93 25.44
CA TRP A 1428 28.44 49.39 25.50
C TRP A 1428 27.16 49.76 26.26
N GLY A 1429 27.34 50.31 27.47
CA GLY A 1429 26.22 50.68 28.34
C GLY A 1429 25.41 51.86 27.84
N SER A 1430 25.97 53.05 27.96
CA SER A 1430 25.28 54.30 27.65
C SER A 1430 25.11 54.53 26.13
N PRO A 1431 23.98 55.15 25.72
CA PRO A 1431 23.82 55.52 24.30
C PRO A 1431 24.86 56.52 23.80
N SER A 1432 25.31 57.41 24.69
CA SER A 1432 26.44 58.30 24.42
C SER A 1432 27.71 57.49 24.13
N ASP A 1433 28.02 56.55 25.02
CA ASP A 1433 29.16 55.64 24.83
C ASP A 1433 29.04 54.86 23.53
N LEU A 1434 27.85 54.32 23.27
CA LEU A 1434 27.58 53.55 22.04
C LEU A 1434 27.76 54.40 20.78
N LEU A 1435 27.05 55.52 20.71
CA LEU A 1435 27.01 56.36 19.51
C LEU A 1435 28.29 57.18 19.30
N GLN A 1436 28.80 57.82 20.35
CA GLN A 1436 29.95 58.72 20.23
C GLN A 1436 31.26 57.95 20.04
N GLN A 1437 31.53 56.96 20.89
CA GLN A 1437 32.71 56.10 20.74
C GLN A 1437 32.39 54.90 19.85
O2 LTX B . -9.32 -14.15 2.06
C1 LTX B . -8.44 -14.33 2.94
O1 LTX B . -8.25 -13.45 3.82
C2 LTX B . -7.62 -15.63 2.95
C3 LTX B . -8.43 -16.78 3.55
C4 LTX B . -7.72 -18.15 3.35
C5 LTX B . -7.81 -19.12 4.54
O3 LTX B . -7.71 -18.45 5.75
C6 LTX B . -6.67 -20.14 4.46
C7 LTX B . -6.68 -21.05 5.69
C8 LTX B . -5.61 -21.81 5.94
C9 LTX B . -5.56 -22.75 7.17
C10 LTX B . -5.38 -22.25 8.42
C11 LTX B . -5.34 -23.19 9.65
C12 LTX B . -6.13 -23.03 10.74
C13 LTX B . -7.15 -21.89 10.87
C14 LTX B . -6.64 -20.90 11.93
C15 LTX B . -7.22 -19.71 12.19
C16 LTX B . -8.47 -19.19 11.45
C17 LTX B . -8.16 -17.74 10.94
C18 LTX B . -9.39 -16.99 10.35
C19 LTX B . -10.29 -17.85 9.45
C20 LTX B . -9.49 -18.37 8.25
O32 LTX B . -3.83 -17.36 -3.63
C21 LTX B . -3.99 -18.24 -2.74
O31 LTX B . -3.46 -18.07 -1.61
CA3 LTX B . -4.81 -19.50 -3.05
N3 LTX B . -4.83 -20.40 -1.87
C22 LTX B . -5.91 -20.34 -0.88
O33 LTX B . -6.80 -19.56 -1.01
CA2 LTX B . -5.95 -21.26 0.34
CB2 LTX B . -5.79 -20.47 1.65
SG2 LTX B . -6.84 -21.18 2.97
N2 LTX B . -4.88 -22.25 0.24
CD1 LTX B . -5.13 -23.68 0.01
OE1 LTX B . -4.20 -24.41 -0.05
CG1 LTX B . -6.54 -24.29 -0.14
CB1 LTX B . -6.91 -24.61 -1.60
CA1 LTX B . -8.34 -25.19 -1.66
N1 LTX B . -8.31 -26.64 -1.76
C23 LTX B . -9.15 -24.55 -2.81
O11 LTX B . -9.75 -25.28 -3.65
O12 LTX B . -9.24 -23.29 -2.89
#